data_7DCN
# 
_entry.id   7DCN 
# 
_audit_conform.dict_name       mmcif_pdbx.dic 
_audit_conform.dict_version    5.398 
_audit_conform.dict_location   http://mmcif.pdb.org/dictionaries/ascii/mmcif_pdbx.dic 
# 
loop_
_database_2.database_id 
_database_2.database_code 
_database_2.pdbx_database_accession 
_database_2.pdbx_DOI 
PDB   7DCN         pdb_00007dcn 10.2210/pdb7dcn/pdb 
WWPDB D_1300019157 ?            ?                   
# 
loop_
_pdbx_audit_revision_history.ordinal 
_pdbx_audit_revision_history.data_content_type 
_pdbx_audit_revision_history.major_revision 
_pdbx_audit_revision_history.minor_revision 
_pdbx_audit_revision_history.revision_date 
1 'Structure model' 1 0 2021-11-03 
2 'Structure model' 1 1 2023-05-17 
3 'Structure model' 1 2 2023-11-29 
4 'Structure model' 1 3 2024-11-06 
# 
_pdbx_audit_revision_details.ordinal             1 
_pdbx_audit_revision_details.revision_ordinal    1 
_pdbx_audit_revision_details.data_content_type   'Structure model' 
_pdbx_audit_revision_details.provider            repository 
_pdbx_audit_revision_details.type                'Initial release' 
_pdbx_audit_revision_details.description         ? 
_pdbx_audit_revision_details.details             ? 
# 
loop_
_pdbx_audit_revision_group.ordinal 
_pdbx_audit_revision_group.revision_ordinal 
_pdbx_audit_revision_group.data_content_type 
_pdbx_audit_revision_group.group 
1 2 'Structure model' 'Database references'    
2 3 'Structure model' 'Data collection'        
3 3 'Structure model' 'Refinement description' 
4 4 'Structure model' 'Structure summary'      
# 
loop_
_pdbx_audit_revision_category.ordinal 
_pdbx_audit_revision_category.revision_ordinal 
_pdbx_audit_revision_category.data_content_type 
_pdbx_audit_revision_category.category 
1 2 'Structure model' citation                      
2 2 'Structure model' citation_author               
3 3 'Structure model' chem_comp_atom                
4 3 'Structure model' chem_comp_bond                
5 3 'Structure model' pdbx_initial_refinement_model 
6 4 'Structure model' pdbx_entry_details            
7 4 'Structure model' pdbx_modification_feature     
# 
loop_
_pdbx_audit_revision_item.ordinal 
_pdbx_audit_revision_item.revision_ordinal 
_pdbx_audit_revision_item.data_content_type 
_pdbx_audit_revision_item.item 
1  2 'Structure model' '_citation.country'                            
2  2 'Structure model' '_citation.journal_abbrev'                     
3  2 'Structure model' '_citation.journal_id_CSD'                     
4  2 'Structure model' '_citation.journal_id_ISSN'                    
5  2 'Structure model' '_citation.journal_volume'                     
6  2 'Structure model' '_citation.page_first'                         
7  2 'Structure model' '_citation.page_last'                          
8  2 'Structure model' '_citation.pdbx_database_id_DOI'               
9  2 'Structure model' '_citation.pdbx_database_id_PubMed'            
10 2 'Structure model' '_citation.title'                              
11 2 'Structure model' '_citation.year'                               
12 4 'Structure model' '_pdbx_entry_details.has_protein_modification' 
# 
_pdbx_database_status.status_code                     REL 
_pdbx_database_status.status_code_sf                  REL 
_pdbx_database_status.status_code_mr                  ? 
_pdbx_database_status.entry_id                        7DCN 
_pdbx_database_status.recvd_initial_deposition_date   2020-10-26 
_pdbx_database_status.SG_entry                        N 
_pdbx_database_status.deposit_site                    PDBJ 
_pdbx_database_status.process_site                    PDBJ 
_pdbx_database_status.status_code_cs                  ? 
_pdbx_database_status.status_code_nmr_data            ? 
_pdbx_database_status.methods_development_category    ? 
_pdbx_database_status.pdb_format_compatible           Y 
# 
loop_
_audit_author.name 
_audit_author.pdbx_ordinal 
_audit_author.identifier_ORCID 
'Xu, H.'   1 ?                   
'Wang, B.' 2 ?                   
'Su, X.D.' 3 0000-0001-6948-2317 
# 
_citation.abstract                  ? 
_citation.abstract_id_CAS           ? 
_citation.book_id_ISBN              ? 
_citation.book_publisher            ? 
_citation.book_publisher_city       ? 
_citation.book_title                ? 
_citation.coordinate_linkage        ? 
_citation.country                   US 
_citation.database_id_Medline       ? 
_citation.details                   ? 
_citation.id                        primary 
_citation.journal_abbrev            Nat.Chem.Biol. 
_citation.journal_id_ASTM           ? 
_citation.journal_id_CSD            ? 
_citation.journal_id_ISSN           1552-4469 
_citation.journal_full              ? 
_citation.journal_issue             ? 
_citation.journal_volume            19 
_citation.language                  ? 
_citation.page_first                548 
_citation.page_last                 555 
_citation.title                     'Co-evolution-based prediction of metal-binding sites in proteomes by machine learning.' 
_citation.year                      2023 
_citation.database_id_CSD           ? 
_citation.pdbx_database_id_DOI      10.1038/s41589-022-01223-z 
_citation.pdbx_database_id_PubMed   36593274 
_citation.unpublished_flag          ? 
# 
loop_
_citation_author.citation_id 
_citation_author.name 
_citation_author.ordinal 
_citation_author.identifier_ORCID 
primary 'Cheng, Y.'       1  ?                   
primary 'Wang, H.'        2  ?                   
primary 'Xu, H.'          3  0000-0001-9283-080X 
primary 'Liu, Y.'         4  0000-0002-1156-7673 
primary 'Ma, B.'          5  ?                   
primary 'Chen, X.'        6  ?                   
primary 'Zeng, X.'        7  ?                   
primary 'Wang, X.'        8  ?                   
primary 'Wang, B.'        9  ?                   
primary 'Shiau, C.'       10 ?                   
primary 'Ovchinnikov, S.' 11 0000-0003-2774-2744 
primary 'Su, X.D.'        12 0000-0001-6948-2317 
primary 'Wang, C.'        13 0000-0002-6925-1268 
# 
loop_
_entity.id 
_entity.type 
_entity.src_method 
_entity.pdbx_description 
_entity.formula_weight 
_entity.pdbx_number_of_molecules 
_entity.pdbx_ec 
_entity.pdbx_mutation 
_entity.pdbx_fragment 
_entity.details 
1 polymer     man 'Probable apo-citrate lyase phosphoribosyl-dephospho-CoA transferase' 20722.330 1   2.7.7.61 ? ? ? 
2 non-polymer syn 'ZINC ION'                                                            65.409    1   ?        ? ? ? 
3 non-polymer syn 'SULFATE ION'                                                         96.063    4   ?        ? ? ? 
4 water       nat water                                                                 18.015    142 ?        ? ? ? 
# 
_entity_name_com.entity_id   1 
_entity_name_com.name        
;Apo-citrate lyase phosphoribosyl-dephospho-CoA transferase,Apo-ACP nucleodityltransferase,Holo-ACP synthase,Holo-citrate lyase synthase
;
# 
_entity_poly.entity_id                      1 
_entity_poly.type                           'polypeptide(L)' 
_entity_poly.nstd_linkage                   no 
_entity_poly.nstd_monomer                   yes 
_entity_poly.pdbx_seq_one_letter_code       
;GSH(MSE)HLLPELASHHAVSIPELLVSRDERQARQHVWLKRHPVPLVSFTVVAPGPIKDSEVTRRIFNHGVTALRALAA
KQGWQIQEQAALVSASGPEG(MSE)LSIAAPARDLKLATIELEHSHPLGRLWDIDVLTPEGEILSRRDYSLPPRRCLLCE
QSAAVCARGKTHQLTDLLNR(MSE)EALLNDVDACNVN
;
_entity_poly.pdbx_seq_one_letter_code_can   
;GSHMHLLPELASHHAVSIPELLVSRDERQARQHVWLKRHPVPLVSFTVVAPGPIKDSEVTRRIFNHGVTALRALAAKQGW
QIQEQAALVSASGPEGMLSIAAPARDLKLATIELEHSHPLGRLWDIDVLTPEGEILSRRDYSLPPRRCLLCEQSAAVCAR
GKTHQLTDLLNRMEALLNDVDACNVN
;
_entity_poly.pdbx_strand_id                 A 
_entity_poly.pdbx_target_identifier         ? 
# 
loop_
_pdbx_entity_nonpoly.entity_id 
_pdbx_entity_nonpoly.name 
_pdbx_entity_nonpoly.comp_id 
2 'ZINC ION'    ZN  
3 'SULFATE ION' SO4 
4 water         HOH 
# 
loop_
_entity_poly_seq.entity_id 
_entity_poly_seq.num 
_entity_poly_seq.mon_id 
_entity_poly_seq.hetero 
1 1   GLY n 
1 2   SER n 
1 3   HIS n 
1 4   MSE n 
1 5   HIS n 
1 6   LEU n 
1 7   LEU n 
1 8   PRO n 
1 9   GLU n 
1 10  LEU n 
1 11  ALA n 
1 12  SER n 
1 13  HIS n 
1 14  HIS n 
1 15  ALA n 
1 16  VAL n 
1 17  SER n 
1 18  ILE n 
1 19  PRO n 
1 20  GLU n 
1 21  LEU n 
1 22  LEU n 
1 23  VAL n 
1 24  SER n 
1 25  ARG n 
1 26  ASP n 
1 27  GLU n 
1 28  ARG n 
1 29  GLN n 
1 30  ALA n 
1 31  ARG n 
1 32  GLN n 
1 33  HIS n 
1 34  VAL n 
1 35  TRP n 
1 36  LEU n 
1 37  LYS n 
1 38  ARG n 
1 39  HIS n 
1 40  PRO n 
1 41  VAL n 
1 42  PRO n 
1 43  LEU n 
1 44  VAL n 
1 45  SER n 
1 46  PHE n 
1 47  THR n 
1 48  VAL n 
1 49  VAL n 
1 50  ALA n 
1 51  PRO n 
1 52  GLY n 
1 53  PRO n 
1 54  ILE n 
1 55  LYS n 
1 56  ASP n 
1 57  SER n 
1 58  GLU n 
1 59  VAL n 
1 60  THR n 
1 61  ARG n 
1 62  ARG n 
1 63  ILE n 
1 64  PHE n 
1 65  ASN n 
1 66  HIS n 
1 67  GLY n 
1 68  VAL n 
1 69  THR n 
1 70  ALA n 
1 71  LEU n 
1 72  ARG n 
1 73  ALA n 
1 74  LEU n 
1 75  ALA n 
1 76  ALA n 
1 77  LYS n 
1 78  GLN n 
1 79  GLY n 
1 80  TRP n 
1 81  GLN n 
1 82  ILE n 
1 83  GLN n 
1 84  GLU n 
1 85  GLN n 
1 86  ALA n 
1 87  ALA n 
1 88  LEU n 
1 89  VAL n 
1 90  SER n 
1 91  ALA n 
1 92  SER n 
1 93  GLY n 
1 94  PRO n 
1 95  GLU n 
1 96  GLY n 
1 97  MSE n 
1 98  LEU n 
1 99  SER n 
1 100 ILE n 
1 101 ALA n 
1 102 ALA n 
1 103 PRO n 
1 104 ALA n 
1 105 ARG n 
1 106 ASP n 
1 107 LEU n 
1 108 LYS n 
1 109 LEU n 
1 110 ALA n 
1 111 THR n 
1 112 ILE n 
1 113 GLU n 
1 114 LEU n 
1 115 GLU n 
1 116 HIS n 
1 117 SER n 
1 118 HIS n 
1 119 PRO n 
1 120 LEU n 
1 121 GLY n 
1 122 ARG n 
1 123 LEU n 
1 124 TRP n 
1 125 ASP n 
1 126 ILE n 
1 127 ASP n 
1 128 VAL n 
1 129 LEU n 
1 130 THR n 
1 131 PRO n 
1 132 GLU n 
1 133 GLY n 
1 134 GLU n 
1 135 ILE n 
1 136 LEU n 
1 137 SER n 
1 138 ARG n 
1 139 ARG n 
1 140 ASP n 
1 141 TYR n 
1 142 SER n 
1 143 LEU n 
1 144 PRO n 
1 145 PRO n 
1 146 ARG n 
1 147 ARG n 
1 148 CYS n 
1 149 LEU n 
1 150 LEU n 
1 151 CYS n 
1 152 GLU n 
1 153 GLN n 
1 154 SER n 
1 155 ALA n 
1 156 ALA n 
1 157 VAL n 
1 158 CYS n 
1 159 ALA n 
1 160 ARG n 
1 161 GLY n 
1 162 LYS n 
1 163 THR n 
1 164 HIS n 
1 165 GLN n 
1 166 LEU n 
1 167 THR n 
1 168 ASP n 
1 169 LEU n 
1 170 LEU n 
1 171 ASN n 
1 172 ARG n 
1 173 MSE n 
1 174 GLU n 
1 175 ALA n 
1 176 LEU n 
1 177 LEU n 
1 178 ASN n 
1 179 ASP n 
1 180 VAL n 
1 181 ASP n 
1 182 ALA n 
1 183 CYS n 
1 184 ASN n 
1 185 VAL n 
1 186 ASN n 
# 
_entity_src_gen.entity_id                          1 
_entity_src_gen.pdbx_src_id                        1 
_entity_src_gen.pdbx_alt_source_flag               sample 
_entity_src_gen.pdbx_seq_type                      'Biological sequence' 
_entity_src_gen.pdbx_beg_seq_num                   1 
_entity_src_gen.pdbx_end_seq_num                   186 
_entity_src_gen.gene_src_common_name               ? 
_entity_src_gen.gene_src_genus                     ? 
_entity_src_gen.pdbx_gene_src_gene                 ? 
_entity_src_gen.gene_src_species                   ? 
_entity_src_gen.gene_src_strain                    ? 
_entity_src_gen.gene_src_tissue                    ? 
_entity_src_gen.gene_src_tissue_fraction           ? 
_entity_src_gen.gene_src_details                   ? 
_entity_src_gen.pdbx_gene_src_fragment             ? 
_entity_src_gen.pdbx_gene_src_scientific_name      'Escherichia coli' 
_entity_src_gen.pdbx_gene_src_ncbi_taxonomy_id     562 
_entity_src_gen.pdbx_gene_src_variant              ? 
_entity_src_gen.pdbx_gene_src_cell_line            ? 
_entity_src_gen.pdbx_gene_src_atcc                 ? 
_entity_src_gen.pdbx_gene_src_organ                ? 
_entity_src_gen.pdbx_gene_src_organelle            ? 
_entity_src_gen.pdbx_gene_src_cell                 ? 
_entity_src_gen.pdbx_gene_src_cellular_location    ? 
_entity_src_gen.host_org_common_name               ? 
_entity_src_gen.pdbx_host_org_scientific_name      'Escherichia coli' 
_entity_src_gen.pdbx_host_org_ncbi_taxonomy_id     562 
_entity_src_gen.host_org_genus                     ? 
_entity_src_gen.pdbx_host_org_gene                 ? 
_entity_src_gen.pdbx_host_org_organ                ? 
_entity_src_gen.host_org_species                   ? 
_entity_src_gen.pdbx_host_org_tissue               ? 
_entity_src_gen.pdbx_host_org_tissue_fraction      ? 
_entity_src_gen.pdbx_host_org_strain               ? 
_entity_src_gen.pdbx_host_org_variant              ? 
_entity_src_gen.pdbx_host_org_cell_line            ? 
_entity_src_gen.pdbx_host_org_atcc                 ? 
_entity_src_gen.pdbx_host_org_culture_collection   ? 
_entity_src_gen.pdbx_host_org_cell                 ? 
_entity_src_gen.pdbx_host_org_organelle            ? 
_entity_src_gen.pdbx_host_org_cellular_location    ? 
_entity_src_gen.pdbx_host_org_vector_type          ? 
_entity_src_gen.pdbx_host_org_vector               ? 
_entity_src_gen.host_org_details                   ? 
_entity_src_gen.expression_system_id               ? 
_entity_src_gen.plasmid_name                       ? 
_entity_src_gen.plasmid_details                    ? 
_entity_src_gen.pdbx_description                   ? 
# 
loop_
_chem_comp.id 
_chem_comp.type 
_chem_comp.mon_nstd_flag 
_chem_comp.name 
_chem_comp.pdbx_synonyms 
_chem_comp.formula 
_chem_comp.formula_weight 
ALA 'L-peptide linking' y ALANINE          ? 'C3 H7 N O2'     89.093  
ARG 'L-peptide linking' y ARGININE         ? 'C6 H15 N4 O2 1' 175.209 
ASN 'L-peptide linking' y ASPARAGINE       ? 'C4 H8 N2 O3'    132.118 
ASP 'L-peptide linking' y 'ASPARTIC ACID'  ? 'C4 H7 N O4'     133.103 
CYS 'L-peptide linking' y CYSTEINE         ? 'C3 H7 N O2 S'   121.158 
GLN 'L-peptide linking' y GLUTAMINE        ? 'C5 H10 N2 O3'   146.144 
GLU 'L-peptide linking' y 'GLUTAMIC ACID'  ? 'C5 H9 N O4'     147.129 
GLY 'peptide linking'   y GLYCINE          ? 'C2 H5 N O2'     75.067  
HIS 'L-peptide linking' y HISTIDINE        ? 'C6 H10 N3 O2 1' 156.162 
HOH non-polymer         . WATER            ? 'H2 O'           18.015  
ILE 'L-peptide linking' y ISOLEUCINE       ? 'C6 H13 N O2'    131.173 
LEU 'L-peptide linking' y LEUCINE          ? 'C6 H13 N O2'    131.173 
LYS 'L-peptide linking' y LYSINE           ? 'C6 H15 N2 O2 1' 147.195 
MSE 'L-peptide linking' n SELENOMETHIONINE ? 'C5 H11 N O2 Se' 196.106 
PHE 'L-peptide linking' y PHENYLALANINE    ? 'C9 H11 N O2'    165.189 
PRO 'L-peptide linking' y PROLINE          ? 'C5 H9 N O2'     115.130 
SER 'L-peptide linking' y SERINE           ? 'C3 H7 N O3'     105.093 
SO4 non-polymer         . 'SULFATE ION'    ? 'O4 S -2'        96.063  
THR 'L-peptide linking' y THREONINE        ? 'C4 H9 N O3'     119.119 
TRP 'L-peptide linking' y TRYPTOPHAN       ? 'C11 H12 N2 O2'  204.225 
TYR 'L-peptide linking' y TYROSINE         ? 'C9 H11 N O3'    181.189 
VAL 'L-peptide linking' y VALINE           ? 'C5 H11 N O2'    117.146 
ZN  non-polymer         . 'ZINC ION'       ? 'Zn 2'           65.409  
# 
loop_
_pdbx_poly_seq_scheme.asym_id 
_pdbx_poly_seq_scheme.entity_id 
_pdbx_poly_seq_scheme.seq_id 
_pdbx_poly_seq_scheme.mon_id 
_pdbx_poly_seq_scheme.ndb_seq_num 
_pdbx_poly_seq_scheme.pdb_seq_num 
_pdbx_poly_seq_scheme.auth_seq_num 
_pdbx_poly_seq_scheme.pdb_mon_id 
_pdbx_poly_seq_scheme.auth_mon_id 
_pdbx_poly_seq_scheme.pdb_strand_id 
_pdbx_poly_seq_scheme.pdb_ins_code 
_pdbx_poly_seq_scheme.hetero 
A 1 1   GLY 1   -2  -2  GLY GLY A . n 
A 1 2   SER 2   -1  -1  SER SER A . n 
A 1 3   HIS 3   0   0   HIS HIS A . n 
A 1 4   MSE 4   1   1   MSE MSE A . n 
A 1 5   HIS 5   2   2   HIS HIS A . n 
A 1 6   LEU 6   3   3   LEU LEU A . n 
A 1 7   LEU 7   4   4   LEU LEU A . n 
A 1 8   PRO 8   5   5   PRO PRO A . n 
A 1 9   GLU 9   6   6   GLU GLU A . n 
A 1 10  LEU 10  7   7   LEU LEU A . n 
A 1 11  ALA 11  8   8   ALA ALA A . n 
A 1 12  SER 12  9   9   SER SER A . n 
A 1 13  HIS 13  10  10  HIS HIS A . n 
A 1 14  HIS 14  11  11  HIS HIS A . n 
A 1 15  ALA 15  12  12  ALA ALA A . n 
A 1 16  VAL 16  13  13  VAL VAL A . n 
A 1 17  SER 17  14  14  SER SER A . n 
A 1 18  ILE 18  15  15  ILE ILE A . n 
A 1 19  PRO 19  16  16  PRO PRO A . n 
A 1 20  GLU 20  17  17  GLU GLU A . n 
A 1 21  LEU 21  18  18  LEU LEU A . n 
A 1 22  LEU 22  19  19  LEU LEU A . n 
A 1 23  VAL 23  20  20  VAL VAL A . n 
A 1 24  SER 24  21  21  SER SER A . n 
A 1 25  ARG 25  22  22  ARG ARG A . n 
A 1 26  ASP 26  23  23  ASP ASP A . n 
A 1 27  GLU 27  24  24  GLU GLU A . n 
A 1 28  ARG 28  25  25  ARG ARG A . n 
A 1 29  GLN 29  26  26  GLN GLN A . n 
A 1 30  ALA 30  27  27  ALA ALA A . n 
A 1 31  ARG 31  28  28  ARG ARG A . n 
A 1 32  GLN 32  29  29  GLN GLN A . n 
A 1 33  HIS 33  30  30  HIS HIS A . n 
A 1 34  VAL 34  31  31  VAL VAL A . n 
A 1 35  TRP 35  32  32  TRP TRP A . n 
A 1 36  LEU 36  33  33  LEU LEU A . n 
A 1 37  LYS 37  34  34  LYS LYS A . n 
A 1 38  ARG 38  35  35  ARG ARG A . n 
A 1 39  HIS 39  36  36  HIS HIS A . n 
A 1 40  PRO 40  37  37  PRO PRO A . n 
A 1 41  VAL 41  38  38  VAL VAL A . n 
A 1 42  PRO 42  39  39  PRO PRO A . n 
A 1 43  LEU 43  40  40  LEU LEU A . n 
A 1 44  VAL 44  41  41  VAL VAL A . n 
A 1 45  SER 45  42  42  SER SER A . n 
A 1 46  PHE 46  43  43  PHE PHE A . n 
A 1 47  THR 47  44  44  THR THR A . n 
A 1 48  VAL 48  45  45  VAL VAL A . n 
A 1 49  VAL 49  46  46  VAL VAL A . n 
A 1 50  ALA 50  47  47  ALA ALA A . n 
A 1 51  PRO 51  48  48  PRO PRO A . n 
A 1 52  GLY 52  49  49  GLY GLY A . n 
A 1 53  PRO 53  50  50  PRO PRO A . n 
A 1 54  ILE 54  51  51  ILE ILE A . n 
A 1 55  LYS 55  52  52  LYS LYS A . n 
A 1 56  ASP 56  53  53  ASP ASP A . n 
A 1 57  SER 57  54  54  SER SER A . n 
A 1 58  GLU 58  55  55  GLU GLU A . n 
A 1 59  VAL 59  56  56  VAL VAL A . n 
A 1 60  THR 60  57  57  THR THR A . n 
A 1 61  ARG 61  58  58  ARG ARG A . n 
A 1 62  ARG 62  59  59  ARG ARG A . n 
A 1 63  ILE 63  60  60  ILE ILE A . n 
A 1 64  PHE 64  61  61  PHE PHE A . n 
A 1 65  ASN 65  62  62  ASN ASN A . n 
A 1 66  HIS 66  63  63  HIS HIS A . n 
A 1 67  GLY 67  64  64  GLY GLY A . n 
A 1 68  VAL 68  65  65  VAL VAL A . n 
A 1 69  THR 69  66  66  THR THR A . n 
A 1 70  ALA 70  67  67  ALA ALA A . n 
A 1 71  LEU 71  68  68  LEU LEU A . n 
A 1 72  ARG 72  69  69  ARG ARG A . n 
A 1 73  ALA 73  70  70  ALA ALA A . n 
A 1 74  LEU 74  71  71  LEU LEU A . n 
A 1 75  ALA 75  72  72  ALA ALA A . n 
A 1 76  ALA 76  73  73  ALA ALA A . n 
A 1 77  LYS 77  74  74  LYS LYS A . n 
A 1 78  GLN 78  75  75  GLN GLN A . n 
A 1 79  GLY 79  76  76  GLY GLY A . n 
A 1 80  TRP 80  77  77  TRP TRP A . n 
A 1 81  GLN 81  78  78  GLN GLN A . n 
A 1 82  ILE 82  79  79  ILE ILE A . n 
A 1 83  GLN 83  80  80  GLN GLN A . n 
A 1 84  GLU 84  81  81  GLU GLU A . n 
A 1 85  GLN 85  82  82  GLN GLN A . n 
A 1 86  ALA 86  83  83  ALA ALA A . n 
A 1 87  ALA 87  84  84  ALA ALA A . n 
A 1 88  LEU 88  85  85  LEU LEU A . n 
A 1 89  VAL 89  86  86  VAL VAL A . n 
A 1 90  SER 90  87  87  SER SER A . n 
A 1 91  ALA 91  88  88  ALA ALA A . n 
A 1 92  SER 92  89  89  SER SER A . n 
A 1 93  GLY 93  90  90  GLY GLY A . n 
A 1 94  PRO 94  91  91  PRO PRO A . n 
A 1 95  GLU 95  92  92  GLU GLU A . n 
A 1 96  GLY 96  93  93  GLY GLY A . n 
A 1 97  MSE 97  94  94  MSE MSE A . n 
A 1 98  LEU 98  95  95  LEU LEU A . n 
A 1 99  SER 99  96  96  SER SER A . n 
A 1 100 ILE 100 97  97  ILE ILE A . n 
A 1 101 ALA 101 98  98  ALA ALA A . n 
A 1 102 ALA 102 99  99  ALA ALA A . n 
A 1 103 PRO 103 100 100 PRO PRO A . n 
A 1 104 ALA 104 101 101 ALA ALA A . n 
A 1 105 ARG 105 102 102 ARG ARG A . n 
A 1 106 ASP 106 103 103 ASP ASP A . n 
A 1 107 LEU 107 104 104 LEU LEU A . n 
A 1 108 LYS 108 105 105 LYS LYS A . n 
A 1 109 LEU 109 106 106 LEU LEU A . n 
A 1 110 ALA 110 107 107 ALA ALA A . n 
A 1 111 THR 111 108 108 THR THR A . n 
A 1 112 ILE 112 109 109 ILE ILE A . n 
A 1 113 GLU 113 110 110 GLU GLU A . n 
A 1 114 LEU 114 111 111 LEU LEU A . n 
A 1 115 GLU 115 112 112 GLU GLU A . n 
A 1 116 HIS 116 113 113 HIS HIS A . n 
A 1 117 SER 117 114 114 SER SER A . n 
A 1 118 HIS 118 115 115 HIS HIS A . n 
A 1 119 PRO 119 116 116 PRO PRO A . n 
A 1 120 LEU 120 117 117 LEU LEU A . n 
A 1 121 GLY 121 118 118 GLY GLY A . n 
A 1 122 ARG 122 119 119 ARG ARG A . n 
A 1 123 LEU 123 120 120 LEU LEU A . n 
A 1 124 TRP 124 121 121 TRP TRP A . n 
A 1 125 ASP 125 122 122 ASP ASP A . n 
A 1 126 ILE 126 123 123 ILE ILE A . n 
A 1 127 ASP 127 124 124 ASP ASP A . n 
A 1 128 VAL 128 125 125 VAL VAL A . n 
A 1 129 LEU 129 126 126 LEU LEU A . n 
A 1 130 THR 130 127 127 THR THR A . n 
A 1 131 PRO 131 128 128 PRO PRO A . n 
A 1 132 GLU 132 129 129 GLU GLU A . n 
A 1 133 GLY 133 130 130 GLY GLY A . n 
A 1 134 GLU 134 131 131 GLU GLU A . n 
A 1 135 ILE 135 132 132 ILE ILE A . n 
A 1 136 LEU 136 133 133 LEU LEU A . n 
A 1 137 SER 137 134 134 SER SER A . n 
A 1 138 ARG 138 135 135 ARG ARG A . n 
A 1 139 ARG 139 136 136 ARG ARG A . n 
A 1 140 ASP 140 137 137 ASP ASP A . n 
A 1 141 TYR 141 138 138 TYR TYR A . n 
A 1 142 SER 142 139 139 SER SER A . n 
A 1 143 LEU 143 140 140 LEU LEU A . n 
A 1 144 PRO 144 141 141 PRO PRO A . n 
A 1 145 PRO 145 142 142 PRO PRO A . n 
A 1 146 ARG 146 143 143 ARG ARG A . n 
A 1 147 ARG 147 144 144 ARG ARG A . n 
A 1 148 CYS 148 145 145 CYS CYS A . n 
A 1 149 LEU 149 146 146 LEU LEU A . n 
A 1 150 LEU 150 147 147 LEU LEU A . n 
A 1 151 CYS 151 148 148 CYS CYS A . n 
A 1 152 GLU 152 149 149 GLU GLU A . n 
A 1 153 GLN 153 150 150 GLN GLN A . n 
A 1 154 SER 154 151 151 SER SER A . n 
A 1 155 ALA 155 152 152 ALA ALA A . n 
A 1 156 ALA 156 153 153 ALA ALA A . n 
A 1 157 VAL 157 154 154 VAL VAL A . n 
A 1 158 CYS 158 155 155 CYS CYS A . n 
A 1 159 ALA 159 156 156 ALA ALA A . n 
A 1 160 ARG 160 157 157 ARG ARG A . n 
A 1 161 GLY 161 158 158 GLY GLY A . n 
A 1 162 LYS 162 159 159 LYS LYS A . n 
A 1 163 THR 163 160 160 THR THR A . n 
A 1 164 HIS 164 161 161 HIS HIS A . n 
A 1 165 GLN 165 162 162 GLN GLN A . n 
A 1 166 LEU 166 163 163 LEU LEU A . n 
A 1 167 THR 167 164 164 THR THR A . n 
A 1 168 ASP 168 165 165 ASP ASP A . n 
A 1 169 LEU 169 166 166 LEU LEU A . n 
A 1 170 LEU 170 167 167 LEU LEU A . n 
A 1 171 ASN 171 168 168 ASN ASN A . n 
A 1 172 ARG 172 169 169 ARG ARG A . n 
A 1 173 MSE 173 170 170 MSE MSE A . n 
A 1 174 GLU 174 171 171 GLU GLU A . n 
A 1 175 ALA 175 172 172 ALA ALA A . n 
A 1 176 LEU 176 173 173 LEU LEU A . n 
A 1 177 LEU 177 174 174 LEU LEU A . n 
A 1 178 ASN 178 175 175 ASN ASN A . n 
A 1 179 ASP 179 176 176 ASP ASP A . n 
A 1 180 VAL 180 177 177 VAL VAL A . n 
A 1 181 ASP 181 178 178 ASP ASP A . n 
A 1 182 ALA 182 179 179 ALA ALA A . n 
A 1 183 CYS 183 180 ?   ?   ?   A . n 
A 1 184 ASN 184 181 ?   ?   ?   A . n 
A 1 185 VAL 185 182 ?   ?   ?   A . n 
A 1 186 ASN 186 183 ?   ?   ?   A . n 
# 
loop_
_pdbx_entity_instance_feature.ordinal 
_pdbx_entity_instance_feature.comp_id 
_pdbx_entity_instance_feature.asym_id 
_pdbx_entity_instance_feature.seq_num 
_pdbx_entity_instance_feature.auth_comp_id 
_pdbx_entity_instance_feature.auth_asym_id 
_pdbx_entity_instance_feature.auth_seq_num 
_pdbx_entity_instance_feature.feature_type 
_pdbx_entity_instance_feature.details 
1 MSE ? ? MSE ? ? 'SUBJECT OF INVESTIGATION' ? 
2 SO4 ? ? SO4 ? ? 'SUBJECT OF INVESTIGATION' ? 
3 ZN  ? ? ZN  ? ? 'SUBJECT OF INVESTIGATION' ? 
# 
loop_
_pdbx_nonpoly_scheme.asym_id 
_pdbx_nonpoly_scheme.entity_id 
_pdbx_nonpoly_scheme.mon_id 
_pdbx_nonpoly_scheme.ndb_seq_num 
_pdbx_nonpoly_scheme.pdb_seq_num 
_pdbx_nonpoly_scheme.auth_seq_num 
_pdbx_nonpoly_scheme.pdb_mon_id 
_pdbx_nonpoly_scheme.auth_mon_id 
_pdbx_nonpoly_scheme.pdb_strand_id 
_pdbx_nonpoly_scheme.pdb_ins_code 
B 2 ZN  1   201 202 ZN  ZN  A . 
C 3 SO4 1   202 1   SO4 SO4 A . 
D 3 SO4 1   203 2   SO4 SO4 A . 
E 3 SO4 1   204 3   SO4 SO4 A . 
F 3 SO4 1   205 4   SO4 SO4 A . 
G 4 HOH 1   301 100 HOH HOH A . 
G 4 HOH 2   302 96  HOH HOH A . 
G 4 HOH 3   303 145 HOH HOH A . 
G 4 HOH 4   304 13  HOH HOH A . 
G 4 HOH 5   305 49  HOH HOH A . 
G 4 HOH 6   306 20  HOH HOH A . 
G 4 HOH 7   307 3   HOH HOH A . 
G 4 HOH 8   308 83  HOH HOH A . 
G 4 HOH 9   309 12  HOH HOH A . 
G 4 HOH 10  310 48  HOH HOH A . 
G 4 HOH 11  311 8   HOH HOH A . 
G 4 HOH 12  312 141 HOH HOH A . 
G 4 HOH 13  313 119 HOH HOH A . 
G 4 HOH 14  314 27  HOH HOH A . 
G 4 HOH 15  315 97  HOH HOH A . 
G 4 HOH 16  316 64  HOH HOH A . 
G 4 HOH 17  317 67  HOH HOH A . 
G 4 HOH 18  318 42  HOH HOH A . 
G 4 HOH 19  319 74  HOH HOH A . 
G 4 HOH 20  320 101 HOH HOH A . 
G 4 HOH 21  321 55  HOH HOH A . 
G 4 HOH 22  322 92  HOH HOH A . 
G 4 HOH 23  323 6   HOH HOH A . 
G 4 HOH 24  324 33  HOH HOH A . 
G 4 HOH 25  325 88  HOH HOH A . 
G 4 HOH 26  326 72  HOH HOH A . 
G 4 HOH 27  327 78  HOH HOH A . 
G 4 HOH 28  328 4   HOH HOH A . 
G 4 HOH 29  329 7   HOH HOH A . 
G 4 HOH 30  330 51  HOH HOH A . 
G 4 HOH 31  331 21  HOH HOH A . 
G 4 HOH 32  332 89  HOH HOH A . 
G 4 HOH 33  333 23  HOH HOH A . 
G 4 HOH 34  334 85  HOH HOH A . 
G 4 HOH 35  335 9   HOH HOH A . 
G 4 HOH 36  336 59  HOH HOH A . 
G 4 HOH 37  337 30  HOH HOH A . 
G 4 HOH 38  338 153 HOH HOH A . 
G 4 HOH 39  339 18  HOH HOH A . 
G 4 HOH 40  340 38  HOH HOH A . 
G 4 HOH 41  341 50  HOH HOH A . 
G 4 HOH 42  342 5   HOH HOH A . 
G 4 HOH 43  343 112 HOH HOH A . 
G 4 HOH 44  344 11  HOH HOH A . 
G 4 HOH 45  345 60  HOH HOH A . 
G 4 HOH 46  346 35  HOH HOH A . 
G 4 HOH 47  347 29  HOH HOH A . 
G 4 HOH 48  348 22  HOH HOH A . 
G 4 HOH 49  349 142 HOH HOH A . 
G 4 HOH 50  350 107 HOH HOH A . 
G 4 HOH 51  351 1   HOH HOH A . 
G 4 HOH 52  352 53  HOH HOH A . 
G 4 HOH 53  353 41  HOH HOH A . 
G 4 HOH 54  354 75  HOH HOH A . 
G 4 HOH 55  355 46  HOH HOH A . 
G 4 HOH 56  356 47  HOH HOH A . 
G 4 HOH 57  357 120 HOH HOH A . 
G 4 HOH 58  358 69  HOH HOH A . 
G 4 HOH 59  359 144 HOH HOH A . 
G 4 HOH 60  360 86  HOH HOH A . 
G 4 HOH 61  361 95  HOH HOH A . 
G 4 HOH 62  362 57  HOH HOH A . 
G 4 HOH 63  363 77  HOH HOH A . 
G 4 HOH 64  364 10  HOH HOH A . 
G 4 HOH 65  365 73  HOH HOH A . 
G 4 HOH 66  366 2   HOH HOH A . 
G 4 HOH 67  367 52  HOH HOH A . 
G 4 HOH 68  368 44  HOH HOH A . 
G 4 HOH 69  369 36  HOH HOH A . 
G 4 HOH 70  370 111 HOH HOH A . 
G 4 HOH 71  371 99  HOH HOH A . 
G 4 HOH 72  372 43  HOH HOH A . 
G 4 HOH 73  373 17  HOH HOH A . 
G 4 HOH 74  374 71  HOH HOH A . 
G 4 HOH 75  375 121 HOH HOH A . 
G 4 HOH 76  376 70  HOH HOH A . 
G 4 HOH 77  377 15  HOH HOH A . 
G 4 HOH 78  378 124 HOH HOH A . 
G 4 HOH 79  379 32  HOH HOH A . 
G 4 HOH 80  380 19  HOH HOH A . 
G 4 HOH 81  381 106 HOH HOH A . 
G 4 HOH 82  382 104 HOH HOH A . 
G 4 HOH 83  383 131 HOH HOH A . 
G 4 HOH 84  384 54  HOH HOH A . 
G 4 HOH 85  385 61  HOH HOH A . 
G 4 HOH 86  386 26  HOH HOH A . 
G 4 HOH 87  387 133 HOH HOH A . 
G 4 HOH 88  388 137 HOH HOH A . 
G 4 HOH 89  389 103 HOH HOH A . 
G 4 HOH 90  390 82  HOH HOH A . 
G 4 HOH 91  391 110 HOH HOH A . 
G 4 HOH 92  392 28  HOH HOH A . 
G 4 HOH 93  393 24  HOH HOH A . 
G 4 HOH 94  394 81  HOH HOH A . 
G 4 HOH 95  395 39  HOH HOH A . 
G 4 HOH 96  396 76  HOH HOH A . 
G 4 HOH 97  397 98  HOH HOH A . 
G 4 HOH 98  398 34  HOH HOH A . 
G 4 HOH 99  399 109 HOH HOH A . 
G 4 HOH 100 400 14  HOH HOH A . 
G 4 HOH 101 401 58  HOH HOH A . 
G 4 HOH 102 402 79  HOH HOH A . 
G 4 HOH 103 403 139 HOH HOH A . 
G 4 HOH 104 404 37  HOH HOH A . 
G 4 HOH 105 405 128 HOH HOH A . 
G 4 HOH 106 406 40  HOH HOH A . 
G 4 HOH 107 407 117 HOH HOH A . 
G 4 HOH 108 408 132 HOH HOH A . 
G 4 HOH 109 409 122 HOH HOH A . 
G 4 HOH 110 410 94  HOH HOH A . 
G 4 HOH 111 411 114 HOH HOH A . 
G 4 HOH 112 412 62  HOH HOH A . 
G 4 HOH 113 413 31  HOH HOH A . 
G 4 HOH 114 414 126 HOH HOH A . 
G 4 HOH 115 415 108 HOH HOH A . 
G 4 HOH 116 416 16  HOH HOH A . 
G 4 HOH 117 417 150 HOH HOH A . 
G 4 HOH 118 418 134 HOH HOH A . 
G 4 HOH 119 419 135 HOH HOH A . 
G 4 HOH 120 420 125 HOH HOH A . 
G 4 HOH 121 421 93  HOH HOH A . 
G 4 HOH 122 422 56  HOH HOH A . 
G 4 HOH 123 423 130 HOH HOH A . 
G 4 HOH 124 424 149 HOH HOH A . 
G 4 HOH 125 425 154 HOH HOH A . 
G 4 HOH 126 426 45  HOH HOH A . 
G 4 HOH 127 427 113 HOH HOH A . 
G 4 HOH 128 428 102 HOH HOH A . 
G 4 HOH 129 429 25  HOH HOH A . 
G 4 HOH 130 430 118 HOH HOH A . 
G 4 HOH 131 431 63  HOH HOH A . 
G 4 HOH 132 432 91  HOH HOH A . 
G 4 HOH 133 433 80  HOH HOH A . 
G 4 HOH 134 434 151 HOH HOH A . 
G 4 HOH 135 435 148 HOH HOH A . 
G 4 HOH 136 436 90  HOH HOH A . 
G 4 HOH 137 437 68  HOH HOH A . 
G 4 HOH 138 438 123 HOH HOH A . 
G 4 HOH 139 439 127 HOH HOH A . 
G 4 HOH 140 440 155 HOH HOH A . 
G 4 HOH 141 441 115 HOH HOH A . 
G 4 HOH 142 442 143 HOH HOH A . 
# 
loop_
_software.citation_id 
_software.classification 
_software.compiler_name 
_software.compiler_version 
_software.contact_author 
_software.contact_author_email 
_software.date 
_software.description 
_software.dependencies 
_software.hardware 
_software.language 
_software.location 
_software.mods 
_software.name 
_software.os 
_software.os_version 
_software.type 
_software.version 
_software.pdbx_ordinal 
? 'data reduction'  ? ? ? ? ? ? ? ? ? ? ? HKL-2000    ? ? ? .           1 
? 'data scaling'    ? ? ? ? ? ? ? ? ? ? ? HKL-2000    ? ? ? .           2 
? refinement        ? ? ? ? ? ? ? ? ? ? ? PHENIX      ? ? ? 1.11.1_2575 3 
? 'data extraction' ? ? ? ? ? ? ? ? ? ? ? PDB_EXTRACT ? ? ? 3.25        4 
? phasing           ? ? ? ? ? ? ? ? ? ? ? PHENIX      ? ? ? .           5 
# 
_cell.angle_alpha                  90.000 
_cell.angle_alpha_esd              ? 
_cell.angle_beta                   92.190 
_cell.angle_beta_esd               ? 
_cell.angle_gamma                  90.000 
_cell.angle_gamma_esd              ? 
_cell.entry_id                     7DCN 
_cell.details                      ? 
_cell.formula_units_Z              ? 
_cell.length_a                     42.916 
_cell.length_a_esd                 ? 
_cell.length_b                     36.827 
_cell.length_b_esd                 ? 
_cell.length_c                     48.670 
_cell.length_c_esd                 ? 
_cell.volume                       ? 
_cell.volume_esd                   ? 
_cell.Z_PDB                        2 
_cell.reciprocal_angle_alpha       ? 
_cell.reciprocal_angle_beta        ? 
_cell.reciprocal_angle_gamma       ? 
_cell.reciprocal_angle_alpha_esd   ? 
_cell.reciprocal_angle_beta_esd    ? 
_cell.reciprocal_angle_gamma_esd   ? 
_cell.reciprocal_length_a          ? 
_cell.reciprocal_length_b          ? 
_cell.reciprocal_length_c          ? 
_cell.reciprocal_length_a_esd      ? 
_cell.reciprocal_length_b_esd      ? 
_cell.reciprocal_length_c_esd      ? 
_cell.pdbx_unique_axis             ? 
# 
_symmetry.entry_id                         7DCN 
_symmetry.cell_setting                     ? 
_symmetry.Int_Tables_number                4 
_symmetry.space_group_name_Hall            ? 
_symmetry.space_group_name_H-M             'P 1 21 1' 
_symmetry.pdbx_full_space_group_name_H-M   ? 
# 
_exptl.absorpt_coefficient_mu     ? 
_exptl.absorpt_correction_T_max   ? 
_exptl.absorpt_correction_T_min   ? 
_exptl.absorpt_correction_type    ? 
_exptl.absorpt_process_details    ? 
_exptl.entry_id                   7DCN 
_exptl.crystals_number            1 
_exptl.details                    ? 
_exptl.method                     'X-RAY DIFFRACTION' 
_exptl.method_details             ? 
# 
_exptl_crystal.colour                      ? 
_exptl_crystal.density_diffrn              ? 
_exptl_crystal.density_Matthews            1.85 
_exptl_crystal.density_method              ? 
_exptl_crystal.density_percent_sol         33.68 
_exptl_crystal.description                 ? 
_exptl_crystal.F_000                       ? 
_exptl_crystal.id                          1 
_exptl_crystal.preparation                 ? 
_exptl_crystal.size_max                    ? 
_exptl_crystal.size_mid                    ? 
_exptl_crystal.size_min                    ? 
_exptl_crystal.size_rad                    ? 
_exptl_crystal.colour_lustre               ? 
_exptl_crystal.colour_modifier             ? 
_exptl_crystal.colour_primary              ? 
_exptl_crystal.density_meas                ? 
_exptl_crystal.density_meas_esd            ? 
_exptl_crystal.density_meas_gt             ? 
_exptl_crystal.density_meas_lt             ? 
_exptl_crystal.density_meas_temp           ? 
_exptl_crystal.density_meas_temp_esd       ? 
_exptl_crystal.density_meas_temp_gt        ? 
_exptl_crystal.density_meas_temp_lt        ? 
_exptl_crystal.pdbx_crystal_image_url      ? 
_exptl_crystal.pdbx_crystal_image_format   ? 
_exptl_crystal.pdbx_mosaicity              ? 
_exptl_crystal.pdbx_mosaicity_esd          ? 
# 
_exptl_crystal_grow.apparatus       ? 
_exptl_crystal_grow.atmosphere      ? 
_exptl_crystal_grow.crystal_id      1 
_exptl_crystal_grow.details         ? 
_exptl_crystal_grow.method          'VAPOR DIFFUSION, SITTING DROP' 
_exptl_crystal_grow.method_ref      ? 
_exptl_crystal_grow.pH              ? 
_exptl_crystal_grow.pressure        ? 
_exptl_crystal_grow.pressure_esd    ? 
_exptl_crystal_grow.seeding         ? 
_exptl_crystal_grow.seeding_ref     ? 
_exptl_crystal_grow.temp            291 
_exptl_crystal_grow.temp_details    ? 
_exptl_crystal_grow.temp_esd        ? 
_exptl_crystal_grow.time            ? 
_exptl_crystal_grow.pdbx_details    '0.15M (NH4)2SO4, 0.1M MES, pH 5.5, 20% (w/v) PEG 4000, 8% (v/v) 1,3-Butanediol' 
_exptl_crystal_grow.pdbx_pH_range   ? 
# 
_diffrn.ambient_environment              ? 
_diffrn.ambient_temp                     80 
_diffrn.ambient_temp_details             ? 
_diffrn.ambient_temp_esd                 ? 
_diffrn.crystal_id                       1 
_diffrn.crystal_support                  ? 
_diffrn.crystal_treatment                ? 
_diffrn.details                          ? 
_diffrn.id                               1 
_diffrn.ambient_pressure                 ? 
_diffrn.ambient_pressure_esd             ? 
_diffrn.ambient_pressure_gt              ? 
_diffrn.ambient_pressure_lt              ? 
_diffrn.ambient_temp_gt                  ? 
_diffrn.ambient_temp_lt                  ? 
_diffrn.pdbx_serial_crystal_experiment   N 
# 
_diffrn_detector.details                      ? 
_diffrn_detector.detector                     PIXEL 
_diffrn_detector.diffrn_id                    1 
_diffrn_detector.type                         'DECTRIS EIGER X 16M' 
_diffrn_detector.area_resol_mean              ? 
_diffrn_detector.dtime                        ? 
_diffrn_detector.pdbx_frames_total            ? 
_diffrn_detector.pdbx_collection_time_total   ? 
_diffrn_detector.pdbx_collection_date         2018-12-08 
_diffrn_detector.pdbx_frequency               ? 
# 
_diffrn_radiation.collimation                      ? 
_diffrn_radiation.diffrn_id                        1 
_diffrn_radiation.filter_edge                      ? 
_diffrn_radiation.inhomogeneity                    ? 
_diffrn_radiation.monochromator                    ? 
_diffrn_radiation.polarisn_norm                    ? 
_diffrn_radiation.polarisn_ratio                   ? 
_diffrn_radiation.probe                            ? 
_diffrn_radiation.type                             ? 
_diffrn_radiation.xray_symbol                      ? 
_diffrn_radiation.wavelength_id                    1 
_diffrn_radiation.pdbx_monochromatic_or_laue_m_l   M 
_diffrn_radiation.pdbx_wavelength_list             ? 
_diffrn_radiation.pdbx_wavelength                  ? 
_diffrn_radiation.pdbx_diffrn_protocol             'SINGLE WAVELENGTH' 
_diffrn_radiation.pdbx_analyzer                    ? 
_diffrn_radiation.pdbx_scattering_type             x-ray 
# 
_diffrn_radiation_wavelength.id           1 
_diffrn_radiation_wavelength.wavelength   0.9792 
_diffrn_radiation_wavelength.wt           1.0 
# 
_diffrn_source.current                     ? 
_diffrn_source.details                     ? 
_diffrn_source.diffrn_id                   1 
_diffrn_source.power                       ? 
_diffrn_source.size                        ? 
_diffrn_source.source                      SYNCHROTRON 
_diffrn_source.target                      ? 
_diffrn_source.type                        'SSRF BEAMLINE BL17U1' 
_diffrn_source.voltage                     ? 
_diffrn_source.take-off_angle              ? 
_diffrn_source.pdbx_wavelength_list        0.9792 
_diffrn_source.pdbx_wavelength             ? 
_diffrn_source.pdbx_synchrotron_beamline   BL17U1 
_diffrn_source.pdbx_synchrotron_site       SSRF 
# 
_reflns.B_iso_Wilson_estimate            20.290 
_reflns.entry_id                         7DCN 
_reflns.data_reduction_details           ? 
_reflns.data_reduction_method            ? 
_reflns.d_resolution_high                1.695 
_reflns.d_resolution_low                 32.793 
_reflns.details                          ? 
_reflns.limit_h_max                      ? 
_reflns.limit_h_min                      ? 
_reflns.limit_k_max                      ? 
_reflns.limit_k_min                      ? 
_reflns.limit_l_max                      ? 
_reflns.limit_l_min                      ? 
_reflns.number_all                       ? 
_reflns.number_obs                       17060 
_reflns.observed_criterion               ? 
_reflns.observed_criterion_F_max         ? 
_reflns.observed_criterion_F_min         ? 
_reflns.observed_criterion_I_max         ? 
_reflns.observed_criterion_I_min         ? 
_reflns.observed_criterion_sigma_F       ? 
_reflns.observed_criterion_sigma_I       ? 
_reflns.percent_possible_obs             99.7 
_reflns.R_free_details                   ? 
_reflns.Rmerge_F_all                     ? 
_reflns.Rmerge_F_obs                     ? 
_reflns.Friedel_coverage                 ? 
_reflns.number_gt                        ? 
_reflns.threshold_expression             ? 
_reflns.pdbx_redundancy                  5.2 
_reflns.pdbx_Rmerge_I_obs                ? 
_reflns.pdbx_Rmerge_I_all                ? 
_reflns.pdbx_Rsym_value                  ? 
_reflns.pdbx_netI_over_av_sigmaI         ? 
_reflns.pdbx_netI_over_sigmaI            13.15 
_reflns.pdbx_res_netI_over_av_sigmaI_2   ? 
_reflns.pdbx_res_netI_over_sigmaI_2      ? 
_reflns.pdbx_chi_squared                 ? 
_reflns.pdbx_scaling_rejects             ? 
_reflns.pdbx_d_res_high_opt              ? 
_reflns.pdbx_d_res_low_opt               ? 
_reflns.pdbx_d_res_opt_method            ? 
_reflns.phase_calculation_details        ? 
_reflns.pdbx_Rrim_I_all                  ? 
_reflns.pdbx_Rpim_I_all                  ? 
_reflns.pdbx_d_opt                       ? 
_reflns.pdbx_number_measured_all         ? 
_reflns.pdbx_diffrn_id                   1 
_reflns.pdbx_ordinal                     1 
_reflns.pdbx_CC_half                     0.996 
_reflns.pdbx_CC_star                     0.999 
_reflns.pdbx_R_split                     ? 
# 
_reflns_shell.d_res_high                  1.695 
_reflns_shell.d_res_low                   1.756 
_reflns_shell.meanI_over_sigI_all         ? 
_reflns_shell.meanI_over_sigI_obs         ? 
_reflns_shell.number_measured_all         ? 
_reflns_shell.number_measured_obs         ? 
_reflns_shell.number_possible             ? 
_reflns_shell.number_unique_all           ? 
_reflns_shell.number_unique_obs           7447 
_reflns_shell.percent_possible_all        ? 
_reflns_shell.percent_possible_obs        ? 
_reflns_shell.Rmerge_F_all                ? 
_reflns_shell.Rmerge_F_obs                ? 
_reflns_shell.Rmerge_I_all                ? 
_reflns_shell.Rmerge_I_obs                ? 
_reflns_shell.meanI_over_sigI_gt          ? 
_reflns_shell.meanI_over_uI_all           ? 
_reflns_shell.meanI_over_uI_gt            ? 
_reflns_shell.number_measured_gt          ? 
_reflns_shell.number_unique_gt            ? 
_reflns_shell.percent_possible_gt         ? 
_reflns_shell.Rmerge_F_gt                 ? 
_reflns_shell.Rmerge_I_gt                 ? 
_reflns_shell.pdbx_redundancy             ? 
_reflns_shell.pdbx_Rsym_value             ? 
_reflns_shell.pdbx_chi_squared            ? 
_reflns_shell.pdbx_netI_over_sigmaI_all   ? 
_reflns_shell.pdbx_netI_over_sigmaI_obs   ? 
_reflns_shell.pdbx_Rrim_I_all             ? 
_reflns_shell.pdbx_Rpim_I_all             ? 
_reflns_shell.pdbx_rejects                ? 
_reflns_shell.pdbx_ordinal                1 
_reflns_shell.pdbx_diffrn_id              1 
_reflns_shell.pdbx_CC_half                0.83 
_reflns_shell.pdbx_CC_star                0.952 
_reflns_shell.pdbx_R_split                ? 
# 
_refine.aniso_B[1][1]                            ? 
_refine.aniso_B[1][2]                            ? 
_refine.aniso_B[1][3]                            ? 
_refine.aniso_B[2][2]                            ? 
_refine.aniso_B[2][3]                            ? 
_refine.aniso_B[3][3]                            ? 
_refine.B_iso_max                                54.330 
_refine.B_iso_mean                               23.2953 
_refine.B_iso_min                                11.080 
_refine.correlation_coeff_Fo_to_Fc               ? 
_refine.correlation_coeff_Fo_to_Fc_free          ? 
_refine.details                                  ? 
_refine.diff_density_max                         ? 
_refine.diff_density_max_esd                     ? 
_refine.diff_density_min                         ? 
_refine.diff_density_min_esd                     ? 
_refine.diff_density_rms                         ? 
_refine.diff_density_rms_esd                     ? 
_refine.entry_id                                 7DCN 
_refine.pdbx_refine_id                           'X-RAY DIFFRACTION' 
_refine.ls_abs_structure_details                 ? 
_refine.ls_abs_structure_Flack                   ? 
_refine.ls_abs_structure_Flack_esd               ? 
_refine.ls_abs_structure_Rogers                  ? 
_refine.ls_abs_structure_Rogers_esd              ? 
_refine.ls_d_res_high                            1.6950 
_refine.ls_d_res_low                             32.7930 
_refine.ls_extinction_coef                       ? 
_refine.ls_extinction_coef_esd                   ? 
_refine.ls_extinction_expression                 ? 
_refine.ls_extinction_method                     ? 
_refine.ls_goodness_of_fit_all                   ? 
_refine.ls_goodness_of_fit_all_esd               ? 
_refine.ls_goodness_of_fit_obs                   ? 
_refine.ls_goodness_of_fit_obs_esd               ? 
_refine.ls_hydrogen_treatment                    ? 
_refine.ls_matrix_type                           ? 
_refine.ls_number_constraints                    ? 
_refine.ls_number_parameters                     ? 
_refine.ls_number_reflns_all                     ? 
_refine.ls_number_reflns_obs                     17060 
_refine.ls_number_reflns_R_free                  1692 
_refine.ls_number_reflns_R_work                  15368 
_refine.ls_number_restraints                     ? 
_refine.ls_percent_reflns_obs                    99.6600 
_refine.ls_percent_reflns_R_free                 9.9200 
_refine.ls_R_factor_all                          ? 
_refine.ls_R_factor_obs                          0.1716 
_refine.ls_R_factor_R_free                       0.2074 
_refine.ls_R_factor_R_free_error                 ? 
_refine.ls_R_factor_R_free_error_details         ? 
_refine.ls_R_factor_R_work                       0.1678 
_refine.ls_R_Fsqd_factor_obs                     ? 
_refine.ls_R_I_factor_obs                        ? 
_refine.ls_redundancy_reflns_all                 ? 
_refine.ls_redundancy_reflns_obs                 ? 
_refine.ls_restrained_S_all                      ? 
_refine.ls_restrained_S_obs                      ? 
_refine.ls_shift_over_esd_max                    ? 
_refine.ls_shift_over_esd_mean                   ? 
_refine.ls_structure_factor_coef                 ? 
_refine.ls_weighting_details                     ? 
_refine.ls_weighting_scheme                      ? 
_refine.ls_wR_factor_all                         ? 
_refine.ls_wR_factor_obs                         ? 
_refine.ls_wR_factor_R_free                      ? 
_refine.ls_wR_factor_R_work                      ? 
_refine.occupancy_max                            ? 
_refine.occupancy_min                            ? 
_refine.solvent_model_details                    'FLAT BULK SOLVENT MODEL' 
_refine.solvent_model_param_bsol                 ? 
_refine.solvent_model_param_ksol                 ? 
_refine.pdbx_R_complete                          ? 
_refine.ls_R_factor_gt                           ? 
_refine.ls_goodness_of_fit_gt                    ? 
_refine.ls_goodness_of_fit_ref                   ? 
_refine.ls_shift_over_su_max                     ? 
_refine.ls_shift_over_su_max_lt                  ? 
_refine.ls_shift_over_su_mean                    ? 
_refine.ls_shift_over_su_mean_lt                 ? 
_refine.pdbx_ls_sigma_I                          ? 
_refine.pdbx_ls_sigma_F                          1.390 
_refine.pdbx_ls_sigma_Fsqd                       ? 
_refine.pdbx_data_cutoff_high_absF               ? 
_refine.pdbx_data_cutoff_high_rms_absF           ? 
_refine.pdbx_data_cutoff_low_absF                ? 
_refine.pdbx_isotropic_thermal_model             ? 
_refine.pdbx_ls_cross_valid_method               THROUGHOUT 
_refine.pdbx_method_to_determine_struct          'MOLECULAR REPLACEMENT' 
_refine.pdbx_starting_model                      7DCM 
_refine.pdbx_stereochemistry_target_values       ML 
_refine.pdbx_R_Free_selection_details            ? 
_refine.pdbx_stereochem_target_val_spec_case     ? 
_refine.pdbx_overall_ESU_R                       ? 
_refine.pdbx_overall_ESU_R_Free                  ? 
_refine.pdbx_solvent_vdw_probe_radii             1.1100 
_refine.pdbx_solvent_ion_probe_radii             ? 
_refine.pdbx_solvent_shrinkage_radii             0.9000 
_refine.pdbx_real_space_R                        ? 
_refine.pdbx_density_correlation                 ? 
_refine.pdbx_pd_number_of_powder_patterns        ? 
_refine.pdbx_pd_number_of_points                 ? 
_refine.pdbx_pd_meas_number_of_points            ? 
_refine.pdbx_pd_proc_ls_prof_R_factor            ? 
_refine.pdbx_pd_proc_ls_prof_wR_factor           ? 
_refine.pdbx_pd_Marquardt_correlation_coeff      ? 
_refine.pdbx_pd_Fsqrd_R_factor                   ? 
_refine.pdbx_pd_ls_matrix_band_width             ? 
_refine.pdbx_overall_phase_error                 19.8600 
_refine.pdbx_overall_SU_R_free_Cruickshank_DPI   ? 
_refine.pdbx_overall_SU_R_free_Blow_DPI          ? 
_refine.pdbx_overall_SU_R_Blow_DPI               ? 
_refine.pdbx_TLS_residual_ADP_flag               ? 
_refine.pdbx_diffrn_id                           1 
_refine.overall_SU_B                             ? 
_refine.overall_SU_ML                            0.1600 
_refine.overall_SU_R_Cruickshank_DPI             ? 
_refine.overall_SU_R_free                        ? 
_refine.overall_FOM_free_R_set                   ? 
_refine.overall_FOM_work_R_set                   ? 
_refine.pdbx_average_fsc_overall                 ? 
_refine.pdbx_average_fsc_work                    ? 
_refine.pdbx_average_fsc_free                    ? 
# 
_refine_hist.pdbx_refine_id                   'X-RAY DIFFRACTION' 
_refine_hist.cycle_id                         final 
_refine_hist.details                          ? 
_refine_hist.d_res_high                       1.6950 
_refine_hist.d_res_low                        32.7930 
_refine_hist.number_atoms_solvent             142 
_refine_hist.number_atoms_total               1577 
_refine_hist.number_reflns_all                ? 
_refine_hist.number_reflns_obs                ? 
_refine_hist.number_reflns_R_free             ? 
_refine_hist.number_reflns_R_work             ? 
_refine_hist.R_factor_all                     ? 
_refine_hist.R_factor_obs                     ? 
_refine_hist.R_factor_R_free                  ? 
_refine_hist.R_factor_R_work                  ? 
_refine_hist.pdbx_number_residues_total       182 
_refine_hist.pdbx_B_iso_mean_ligand           33.67 
_refine_hist.pdbx_B_iso_mean_solvent          30.79 
_refine_hist.pdbx_number_atoms_protein        1414 
_refine_hist.pdbx_number_atoms_nucleic_acid   0 
_refine_hist.pdbx_number_atoms_ligand         21 
_refine_hist.pdbx_number_atoms_lipid          ? 
_refine_hist.pdbx_number_atoms_carb           ? 
_refine_hist.pdbx_pseudo_atom_details         ? 
# 
loop_
_refine_ls_restr.pdbx_refine_id 
_refine_ls_restr.criterion 
_refine_ls_restr.dev_ideal 
_refine_ls_restr.dev_ideal_target 
_refine_ls_restr.number 
_refine_ls_restr.rejects 
_refine_ls_restr.type 
_refine_ls_restr.weight 
_refine_ls_restr.pdbx_restraint_function 
'X-RAY DIFFRACTION' ? 0.006 ? 1460 ? f_bond_d           ? ? 
'X-RAY DIFFRACTION' ? 0.798 ? 1988 ? f_angle_d          ? ? 
'X-RAY DIFFRACTION' ? 0.053 ? 227  ? f_chiral_restr     ? ? 
'X-RAY DIFFRACTION' ? 0.006 ? 256  ? f_plane_restr      ? ? 
'X-RAY DIFFRACTION' ? 2.406 ? 888  ? f_dihedral_angle_d ? ? 
# 
loop_
_refine_ls_shell.pdbx_refine_id 
_refine_ls_shell.d_res_high 
_refine_ls_shell.d_res_low 
_refine_ls_shell.number_reflns_all 
_refine_ls_shell.number_reflns_obs 
_refine_ls_shell.number_reflns_R_free 
_refine_ls_shell.number_reflns_R_work 
_refine_ls_shell.percent_reflns_obs 
_refine_ls_shell.percent_reflns_R_free 
_refine_ls_shell.R_factor_all 
_refine_ls_shell.R_factor_obs 
_refine_ls_shell.R_factor_R_free 
_refine_ls_shell.R_factor_R_free_error 
_refine_ls_shell.R_factor_R_work 
_refine_ls_shell.redundancy_reflns_all 
_refine_ls_shell.redundancy_reflns_obs 
_refine_ls_shell.wR_factor_all 
_refine_ls_shell.wR_factor_obs 
_refine_ls_shell.wR_factor_R_free 
_refine_ls_shell.wR_factor_R_work 
_refine_ls_shell.pdbx_R_complete 
_refine_ls_shell.pdbx_total_number_of_bins_used 
_refine_ls_shell.pdbx_phase_error 
_refine_ls_shell.pdbx_fsc_work 
_refine_ls_shell.pdbx_fsc_free 
'X-RAY DIFFRACTION' 1.695  1.7445  . . 136 1238 97.0000  . . . 0.2656 0.0000 0.2090 . . . . . . . . . . . 
'X-RAY DIFFRACTION' 1.7445 1.8008  . . 147 1277 100.0000 . . . 0.2453 0.0000 0.1919 . . . . . . . . . . . 
'X-RAY DIFFRACTION' 1.8008 1.8652  . . 140 1256 100.0000 . . . 0.2387 0.0000 0.1860 . . . . . . . . . . . 
'X-RAY DIFFRACTION' 1.8652 1.9398  . . 144 1294 100.0000 . . . 0.2149 0.0000 0.1744 . . . . . . . . . . . 
'X-RAY DIFFRACTION' 1.9398 2.0281  . . 135 1274 100.0000 . . . 0.2057 0.0000 0.1576 . . . . . . . . . . . 
'X-RAY DIFFRACTION' 2.0281 2.1350  . . 140 1252 100.0000 . . . 0.1978 0.0000 0.1537 . . . . . . . . . . . 
'X-RAY DIFFRACTION' 2.1350 2.2688  . . 142 1286 100.0000 . . . 0.1835 0.0000 0.1568 . . . . . . . . . . . 
'X-RAY DIFFRACTION' 2.2688 2.4439  . . 140 1297 100.0000 . . . 0.2260 0.0000 0.1741 . . . . . . . . . . . 
'X-RAY DIFFRACTION' 2.4439 2.6897  . . 140 1263 100.0000 . . . 0.2104 0.0000 0.1788 . . . . . . . . . . . 
'X-RAY DIFFRACTION' 2.6897 3.0787  . . 145 1291 100.0000 . . . 0.2200 0.0000 0.1690 . . . . . . . . . . . 
'X-RAY DIFFRACTION' 3.0787 3.8778  . . 141 1304 100.0000 . . . 0.2025 0.0000 0.1568 . . . . . . . . . . . 
'X-RAY DIFFRACTION' 3.8778 32.7930 . . 142 1336 100.0000 . . . 0.1907 0.0000 0.1674 . . . . . . . . . . . 
# 
_struct.entry_id                     7DCN 
_struct.title                        'Apo-citrate lyase phosphoribosyl-dephospho-CoA transferase' 
_struct.pdbx_model_details           ? 
_struct.pdbx_formula_weight          ? 
_struct.pdbx_formula_weight_method   ? 
_struct.pdbx_model_type_details      ? 
_struct.pdbx_CASP_flag               N 
# 
_struct_keywords.entry_id        7DCN 
_struct_keywords.text            'zinc finger, TRANSFERASE' 
_struct_keywords.pdbx_keywords   TRANSFERASE 
# 
loop_
_struct_asym.id 
_struct_asym.pdbx_blank_PDB_chainid_flag 
_struct_asym.pdbx_modified 
_struct_asym.entity_id 
_struct_asym.details 
A N N 1 ? 
B N N 2 ? 
C N N 3 ? 
D N N 3 ? 
E N N 3 ? 
F N N 3 ? 
G N N 4 ? 
# 
_struct_ref.id                         1 
_struct_ref.db_name                    UNP 
_struct_ref.db_code                    C3TJT2_ECOLX 
_struct_ref.pdbx_db_accession          C3TJT2 
_struct_ref.pdbx_db_isoform            ? 
_struct_ref.entity_id                  1 
_struct_ref.pdbx_seq_one_letter_code   
;MHLLPELASHHAVSIPELLVSRDERQARQHVWLKRHPVPLVSFTVVAPGPIKDSEVTRRIFNHGVTALRALAAKQGWQIQ
EQAALVSASGPEGMLSIAAPARDLKLATIELEHSHPLGRLWDIDVLTPEGEILSRRDYSLPPRRCLLCEQSAAVCARGKT
HQLTDLLNRMEALLNDVDACNVN
;
_struct_ref.pdbx_align_begin           1 
# 
_struct_ref_seq.align_id                      1 
_struct_ref_seq.ref_id                        1 
_struct_ref_seq.pdbx_PDB_id_code              7DCN 
_struct_ref_seq.pdbx_strand_id                A 
_struct_ref_seq.seq_align_beg                 4 
_struct_ref_seq.pdbx_seq_align_beg_ins_code   ? 
_struct_ref_seq.seq_align_end                 186 
_struct_ref_seq.pdbx_seq_align_end_ins_code   ? 
_struct_ref_seq.pdbx_db_accession             C3TJT2 
_struct_ref_seq.db_align_beg                  1 
_struct_ref_seq.pdbx_db_align_beg_ins_code    ? 
_struct_ref_seq.db_align_end                  183 
_struct_ref_seq.pdbx_db_align_end_ins_code    ? 
_struct_ref_seq.pdbx_auth_seq_align_beg       1 
_struct_ref_seq.pdbx_auth_seq_align_end       183 
# 
loop_
_struct_ref_seq_dif.align_id 
_struct_ref_seq_dif.pdbx_pdb_id_code 
_struct_ref_seq_dif.mon_id 
_struct_ref_seq_dif.pdbx_pdb_strand_id 
_struct_ref_seq_dif.seq_num 
_struct_ref_seq_dif.pdbx_pdb_ins_code 
_struct_ref_seq_dif.pdbx_seq_db_name 
_struct_ref_seq_dif.pdbx_seq_db_accession_code 
_struct_ref_seq_dif.db_mon_id 
_struct_ref_seq_dif.pdbx_seq_db_seq_num 
_struct_ref_seq_dif.details 
_struct_ref_seq_dif.pdbx_auth_seq_num 
_struct_ref_seq_dif.pdbx_ordinal 
1 7DCN GLY A 1 ? UNP C3TJT2 ? ? 'expression tag' -2 1 
1 7DCN SER A 2 ? UNP C3TJT2 ? ? 'expression tag' -1 2 
1 7DCN HIS A 3 ? UNP C3TJT2 ? ? 'expression tag' 0  3 
# 
_pdbx_struct_assembly.id                   1 
_pdbx_struct_assembly.details              author_and_software_defined_assembly 
_pdbx_struct_assembly.method_details       PISA 
_pdbx_struct_assembly.oligomeric_details   monomeric 
_pdbx_struct_assembly.oligomeric_count     1 
# 
loop_
_pdbx_struct_assembly_prop.biol_id 
_pdbx_struct_assembly_prop.type 
_pdbx_struct_assembly_prop.value 
_pdbx_struct_assembly_prop.details 
1 'ABSA (A^2)' 240  ? 
1 MORE         -17  ? 
1 'SSA (A^2)'  9690 ? 
# 
_pdbx_struct_assembly_gen.assembly_id       1 
_pdbx_struct_assembly_gen.oper_expression   1 
_pdbx_struct_assembly_gen.asym_id_list      A,B,C,D,E,F,G 
# 
_pdbx_struct_assembly_auth_evidence.id                     1 
_pdbx_struct_assembly_auth_evidence.assembly_id            1 
_pdbx_struct_assembly_auth_evidence.experimental_support   'gel filtration' 
_pdbx_struct_assembly_auth_evidence.details                ? 
# 
_pdbx_struct_oper_list.id                   1 
_pdbx_struct_oper_list.type                 'identity operation' 
_pdbx_struct_oper_list.name                 1_555 
_pdbx_struct_oper_list.symmetry_operation   x,y,z 
_pdbx_struct_oper_list.matrix[1][1]         1.0000000000 
_pdbx_struct_oper_list.matrix[1][2]         0.0000000000 
_pdbx_struct_oper_list.matrix[1][3]         0.0000000000 
_pdbx_struct_oper_list.vector[1]            0.0000000000 
_pdbx_struct_oper_list.matrix[2][1]         0.0000000000 
_pdbx_struct_oper_list.matrix[2][2]         1.0000000000 
_pdbx_struct_oper_list.matrix[2][3]         0.0000000000 
_pdbx_struct_oper_list.vector[2]            0.0000000000 
_pdbx_struct_oper_list.matrix[3][1]         0.0000000000 
_pdbx_struct_oper_list.matrix[3][2]         0.0000000000 
_pdbx_struct_oper_list.matrix[3][3]         1.0000000000 
_pdbx_struct_oper_list.vector[3]            0.0000000000 
# 
loop_
_struct_conf.conf_type_id 
_struct_conf.id 
_struct_conf.pdbx_PDB_helix_id 
_struct_conf.beg_label_comp_id 
_struct_conf.beg_label_asym_id 
_struct_conf.beg_label_seq_id 
_struct_conf.pdbx_beg_PDB_ins_code 
_struct_conf.end_label_comp_id 
_struct_conf.end_label_asym_id 
_struct_conf.end_label_seq_id 
_struct_conf.pdbx_end_PDB_ins_code 
_struct_conf.beg_auth_comp_id 
_struct_conf.beg_auth_asym_id 
_struct_conf.beg_auth_seq_id 
_struct_conf.end_auth_comp_id 
_struct_conf.end_auth_asym_id 
_struct_conf.end_auth_seq_id 
_struct_conf.pdbx_PDB_helix_class 
_struct_conf.details 
_struct_conf.pdbx_PDB_helix_length 
HELX_P HELX_P1 AA1 LEU A 7   ? ALA A 11  ? LEU A 4   ALA A 8   5 ? 5  
HELX_P HELX_P2 AA2 SER A 17  ? HIS A 39  ? SER A 14  HIS A 36  1 ? 23 
HELX_P HELX_P3 AA3 SER A 57  ? GLY A 79  ? SER A 54  GLY A 76  1 ? 23 
HELX_P HELX_P4 AA4 PRO A 103 ? HIS A 118 ? PRO A 100 HIS A 115 1 ? 16 
HELX_P HELX_P5 AA5 LEU A 120 ? ARG A 122 ? LEU A 117 ARG A 119 5 ? 3  
HELX_P HELX_P6 AA6 SER A 137 ? SER A 142 ? SER A 134 SER A 139 5 ? 6  
HELX_P HELX_P7 AA7 SER A 154 ? GLY A 161 ? SER A 151 GLY A 158 1 ? 8  
HELX_P HELX_P8 AA8 GLN A 165 ? ASP A 181 ? GLN A 162 ASP A 178 1 ? 17 
# 
_struct_conf_type.id          HELX_P 
_struct_conf_type.criteria    ? 
_struct_conf_type.reference   ? 
# 
loop_
_struct_conn.id 
_struct_conn.conn_type_id 
_struct_conn.pdbx_leaving_atom_flag 
_struct_conn.pdbx_PDB_id 
_struct_conn.ptnr1_label_asym_id 
_struct_conn.ptnr1_label_comp_id 
_struct_conn.ptnr1_label_seq_id 
_struct_conn.ptnr1_label_atom_id 
_struct_conn.pdbx_ptnr1_label_alt_id 
_struct_conn.pdbx_ptnr1_PDB_ins_code 
_struct_conn.pdbx_ptnr1_standard_comp_id 
_struct_conn.ptnr1_symmetry 
_struct_conn.ptnr2_label_asym_id 
_struct_conn.ptnr2_label_comp_id 
_struct_conn.ptnr2_label_seq_id 
_struct_conn.ptnr2_label_atom_id 
_struct_conn.pdbx_ptnr2_label_alt_id 
_struct_conn.pdbx_ptnr2_PDB_ins_code 
_struct_conn.ptnr1_auth_asym_id 
_struct_conn.ptnr1_auth_comp_id 
_struct_conn.ptnr1_auth_seq_id 
_struct_conn.ptnr2_auth_asym_id 
_struct_conn.ptnr2_auth_comp_id 
_struct_conn.ptnr2_auth_seq_id 
_struct_conn.ptnr2_symmetry 
_struct_conn.pdbx_ptnr3_label_atom_id 
_struct_conn.pdbx_ptnr3_label_seq_id 
_struct_conn.pdbx_ptnr3_label_comp_id 
_struct_conn.pdbx_ptnr3_label_asym_id 
_struct_conn.pdbx_ptnr3_label_alt_id 
_struct_conn.pdbx_ptnr3_PDB_ins_code 
_struct_conn.details 
_struct_conn.pdbx_dist_value 
_struct_conn.pdbx_value_order 
_struct_conn.pdbx_role 
covale1 covale both ? A HIS 3   C   ? ? ? 1_555 A MSE 4   N  ? ? A HIS 0   A MSE 1   1_555 ? ? ? ? ? ? ? 1.328 ? ? 
covale2 covale both ? A MSE 4   C   ? ? ? 1_555 A HIS 5   N  ? ? A MSE 1   A HIS 2   1_555 ? ? ? ? ? ? ? 1.338 ? ? 
covale3 covale both ? A GLY 96  C   ? ? ? 1_555 A MSE 97  N  ? ? A GLY 93  A MSE 94  1_555 ? ? ? ? ? ? ? 1.327 ? ? 
covale4 covale both ? A MSE 97  C   ? ? ? 1_555 A LEU 98  N  ? ? A MSE 94  A LEU 95  1_555 ? ? ? ? ? ? ? 1.328 ? ? 
covale5 covale both ? A ARG 172 C   ? ? ? 1_555 A MSE 173 N  ? ? A ARG 169 A MSE 170 1_555 ? ? ? ? ? ? ? 1.327 ? ? 
covale6 covale both ? A MSE 173 C   ? ? ? 1_555 A GLU 174 N  ? ? A MSE 170 A GLU 171 1_555 ? ? ? ? ? ? ? 1.332 ? ? 
metalc1 metalc ?    ? A CYS 148 SG  ? ? ? 1_555 B ZN  .   ZN ? ? A CYS 145 A ZN  201 1_555 ? ? ? ? ? ? ? 2.343 ? ? 
metalc2 metalc ?    ? A CYS 151 SG  ? ? ? 1_555 B ZN  .   ZN ? ? A CYS 148 A ZN  201 1_555 ? ? ? ? ? ? ? 2.313 ? ? 
metalc3 metalc ?    ? A CYS 158 SG  ? ? ? 1_555 B ZN  .   ZN ? ? A CYS 155 A ZN  201 1_555 ? ? ? ? ? ? ? 2.365 ? ? 
metalc4 metalc ?    ? A HIS 164 NE2 ? ? ? 1_555 B ZN  .   ZN ? ? A HIS 161 A ZN  201 1_555 ? ? ? ? ? ? ? 2.078 ? ? 
# 
loop_
_struct_conn_type.id 
_struct_conn_type.criteria 
_struct_conn_type.reference 
covale ? ? 
metalc ? ? 
# 
loop_
_pdbx_struct_conn_angle.id 
_pdbx_struct_conn_angle.ptnr1_label_atom_id 
_pdbx_struct_conn_angle.ptnr1_label_alt_id 
_pdbx_struct_conn_angle.ptnr1_label_asym_id 
_pdbx_struct_conn_angle.ptnr1_label_comp_id 
_pdbx_struct_conn_angle.ptnr1_label_seq_id 
_pdbx_struct_conn_angle.ptnr1_auth_atom_id 
_pdbx_struct_conn_angle.ptnr1_auth_asym_id 
_pdbx_struct_conn_angle.ptnr1_auth_comp_id 
_pdbx_struct_conn_angle.ptnr1_auth_seq_id 
_pdbx_struct_conn_angle.ptnr1_PDB_ins_code 
_pdbx_struct_conn_angle.ptnr1_symmetry 
_pdbx_struct_conn_angle.ptnr2_label_atom_id 
_pdbx_struct_conn_angle.ptnr2_label_alt_id 
_pdbx_struct_conn_angle.ptnr2_label_asym_id 
_pdbx_struct_conn_angle.ptnr2_label_comp_id 
_pdbx_struct_conn_angle.ptnr2_label_seq_id 
_pdbx_struct_conn_angle.ptnr2_auth_atom_id 
_pdbx_struct_conn_angle.ptnr2_auth_asym_id 
_pdbx_struct_conn_angle.ptnr2_auth_comp_id 
_pdbx_struct_conn_angle.ptnr2_auth_seq_id 
_pdbx_struct_conn_angle.ptnr2_PDB_ins_code 
_pdbx_struct_conn_angle.ptnr2_symmetry 
_pdbx_struct_conn_angle.ptnr3_label_atom_id 
_pdbx_struct_conn_angle.ptnr3_label_alt_id 
_pdbx_struct_conn_angle.ptnr3_label_asym_id 
_pdbx_struct_conn_angle.ptnr3_label_comp_id 
_pdbx_struct_conn_angle.ptnr3_label_seq_id 
_pdbx_struct_conn_angle.ptnr3_auth_atom_id 
_pdbx_struct_conn_angle.ptnr3_auth_asym_id 
_pdbx_struct_conn_angle.ptnr3_auth_comp_id 
_pdbx_struct_conn_angle.ptnr3_auth_seq_id 
_pdbx_struct_conn_angle.ptnr3_PDB_ins_code 
_pdbx_struct_conn_angle.ptnr3_symmetry 
_pdbx_struct_conn_angle.value 
_pdbx_struct_conn_angle.value_esd 
1 SG ? A CYS 148 ? A CYS 145 ? 1_555 ZN ? B ZN . ? A ZN 201 ? 1_555 SG  ? A CYS 151 ? A CYS 148 ? 1_555 118.7 ? 
2 SG ? A CYS 148 ? A CYS 145 ? 1_555 ZN ? B ZN . ? A ZN 201 ? 1_555 SG  ? A CYS 158 ? A CYS 155 ? 1_555 110.4 ? 
3 SG ? A CYS 151 ? A CYS 148 ? 1_555 ZN ? B ZN . ? A ZN 201 ? 1_555 SG  ? A CYS 158 ? A CYS 155 ? 1_555 99.2  ? 
4 SG ? A CYS 148 ? A CYS 145 ? 1_555 ZN ? B ZN . ? A ZN 201 ? 1_555 NE2 ? A HIS 164 ? A HIS 161 ? 1_555 96.5  ? 
5 SG ? A CYS 151 ? A CYS 148 ? 1_555 ZN ? B ZN . ? A ZN 201 ? 1_555 NE2 ? A HIS 164 ? A HIS 161 ? 1_555 118.0 ? 
6 SG ? A CYS 158 ? A CYS 155 ? 1_555 ZN ? B ZN . ? A ZN 201 ? 1_555 NE2 ? A HIS 164 ? A HIS 161 ? 1_555 114.9 ? 
# 
loop_
_pdbx_modification_feature.ordinal 
_pdbx_modification_feature.label_comp_id 
_pdbx_modification_feature.label_asym_id 
_pdbx_modification_feature.label_seq_id 
_pdbx_modification_feature.label_alt_id 
_pdbx_modification_feature.modified_residue_label_comp_id 
_pdbx_modification_feature.modified_residue_label_asym_id 
_pdbx_modification_feature.modified_residue_label_seq_id 
_pdbx_modification_feature.modified_residue_label_alt_id 
_pdbx_modification_feature.auth_comp_id 
_pdbx_modification_feature.auth_asym_id 
_pdbx_modification_feature.auth_seq_id 
_pdbx_modification_feature.PDB_ins_code 
_pdbx_modification_feature.symmetry 
_pdbx_modification_feature.modified_residue_auth_comp_id 
_pdbx_modification_feature.modified_residue_auth_asym_id 
_pdbx_modification_feature.modified_residue_auth_seq_id 
_pdbx_modification_feature.modified_residue_PDB_ins_code 
_pdbx_modification_feature.modified_residue_symmetry 
_pdbx_modification_feature.comp_id_linking_atom 
_pdbx_modification_feature.modified_residue_id_linking_atom 
_pdbx_modification_feature.modified_residue_id 
_pdbx_modification_feature.ref_pcm_id 
_pdbx_modification_feature.ref_comp_id 
_pdbx_modification_feature.type 
_pdbx_modification_feature.category 
1 MSE A 4   ? . . . . MSE A 1   ? 1_555 . . . . . . . MET 1 MSE Selenomethionine 'Named protein modification' 
2 MSE A 97  ? . . . . MSE A 94  ? 1_555 . . . . . . . MET 1 MSE Selenomethionine 'Named protein modification' 
3 MSE A 173 ? . . . . MSE A 170 ? 1_555 . . . . . . . MET 1 MSE Selenomethionine 'Named protein modification' 
# 
_struct_sheet.id               AA1 
_struct_sheet.type             ? 
_struct_sheet.number_strands   4 
_struct_sheet.details          ? 
# 
loop_
_struct_sheet_order.sheet_id 
_struct_sheet_order.range_id_1 
_struct_sheet_order.range_id_2 
_struct_sheet_order.offset 
_struct_sheet_order.sense 
AA1 1 2 ? anti-parallel 
AA1 2 3 ? anti-parallel 
AA1 3 4 ? anti-parallel 
# 
loop_
_struct_sheet_range.sheet_id 
_struct_sheet_range.id 
_struct_sheet_range.beg_label_comp_id 
_struct_sheet_range.beg_label_asym_id 
_struct_sheet_range.beg_label_seq_id 
_struct_sheet_range.pdbx_beg_PDB_ins_code 
_struct_sheet_range.end_label_comp_id 
_struct_sheet_range.end_label_asym_id 
_struct_sheet_range.end_label_seq_id 
_struct_sheet_range.pdbx_end_PDB_ins_code 
_struct_sheet_range.beg_auth_comp_id 
_struct_sheet_range.beg_auth_asym_id 
_struct_sheet_range.beg_auth_seq_id 
_struct_sheet_range.end_auth_comp_id 
_struct_sheet_range.end_auth_asym_id 
_struct_sheet_range.end_auth_seq_id 
AA1 1 ILE A 82  ? SER A 90  ? ILE A 79  SER A 87  
AA1 2 GLY A 93  ? ILE A 100 ? GLY A 90  ILE A 97  
AA1 3 LEU A 43  ? VAL A 48  ? LEU A 40  VAL A 45  
AA1 4 TRP A 124 ? LEU A 129 ? TRP A 121 LEU A 126 
# 
loop_
_pdbx_struct_sheet_hbond.sheet_id 
_pdbx_struct_sheet_hbond.range_id_1 
_pdbx_struct_sheet_hbond.range_id_2 
_pdbx_struct_sheet_hbond.range_1_label_atom_id 
_pdbx_struct_sheet_hbond.range_1_label_comp_id 
_pdbx_struct_sheet_hbond.range_1_label_asym_id 
_pdbx_struct_sheet_hbond.range_1_label_seq_id 
_pdbx_struct_sheet_hbond.range_1_PDB_ins_code 
_pdbx_struct_sheet_hbond.range_1_auth_atom_id 
_pdbx_struct_sheet_hbond.range_1_auth_comp_id 
_pdbx_struct_sheet_hbond.range_1_auth_asym_id 
_pdbx_struct_sheet_hbond.range_1_auth_seq_id 
_pdbx_struct_sheet_hbond.range_2_label_atom_id 
_pdbx_struct_sheet_hbond.range_2_label_comp_id 
_pdbx_struct_sheet_hbond.range_2_label_asym_id 
_pdbx_struct_sheet_hbond.range_2_label_seq_id 
_pdbx_struct_sheet_hbond.range_2_PDB_ins_code 
_pdbx_struct_sheet_hbond.range_2_auth_atom_id 
_pdbx_struct_sheet_hbond.range_2_auth_comp_id 
_pdbx_struct_sheet_hbond.range_2_auth_asym_id 
_pdbx_struct_sheet_hbond.range_2_auth_seq_id 
AA1 1 2 N LEU A 88 ? N LEU A 85 O GLU A 95  ? O GLU A 92  
AA1 2 3 O LEU A 98 ? O LEU A 95 N VAL A 44  ? N VAL A 41  
AA1 3 4 N THR A 47 ? N THR A 44 O ASP A 125 ? O ASP A 122 
# 
_pdbx_entry_details.entry_id                   7DCN 
_pdbx_entry_details.has_ligand_of_interest     Y 
_pdbx_entry_details.compound_details           ? 
_pdbx_entry_details.source_details             ? 
_pdbx_entry_details.nonpolymer_details         ? 
_pdbx_entry_details.sequence_details           ? 
_pdbx_entry_details.has_protein_modification   Y 
# 
_pdbx_validate_torsion.id              1 
_pdbx_validate_torsion.PDB_model_num   1 
_pdbx_validate_torsion.auth_comp_id    ASP 
_pdbx_validate_torsion.auth_asym_id    A 
_pdbx_validate_torsion.auth_seq_id     178 
_pdbx_validate_torsion.PDB_ins_code    ? 
_pdbx_validate_torsion.label_alt_id    ? 
_pdbx_validate_torsion.phi             -102.45 
_pdbx_validate_torsion.psi             68.63 
# 
loop_
_pdbx_struct_mod_residue.id 
_pdbx_struct_mod_residue.label_asym_id 
_pdbx_struct_mod_residue.label_comp_id 
_pdbx_struct_mod_residue.label_seq_id 
_pdbx_struct_mod_residue.auth_asym_id 
_pdbx_struct_mod_residue.auth_comp_id 
_pdbx_struct_mod_residue.auth_seq_id 
_pdbx_struct_mod_residue.PDB_ins_code 
_pdbx_struct_mod_residue.parent_comp_id 
_pdbx_struct_mod_residue.details 
1 A MSE 4   A MSE 1   ? MET 'modified residue' 
2 A MSE 97  A MSE 94  ? MET 'modified residue' 
3 A MSE 173 A MSE 170 ? MET 'modified residue' 
# 
loop_
_pdbx_unobs_or_zero_occ_residues.id 
_pdbx_unobs_or_zero_occ_residues.PDB_model_num 
_pdbx_unobs_or_zero_occ_residues.polymer_flag 
_pdbx_unobs_or_zero_occ_residues.occupancy_flag 
_pdbx_unobs_or_zero_occ_residues.auth_asym_id 
_pdbx_unobs_or_zero_occ_residues.auth_comp_id 
_pdbx_unobs_or_zero_occ_residues.auth_seq_id 
_pdbx_unobs_or_zero_occ_residues.PDB_ins_code 
_pdbx_unobs_or_zero_occ_residues.label_asym_id 
_pdbx_unobs_or_zero_occ_residues.label_comp_id 
_pdbx_unobs_or_zero_occ_residues.label_seq_id 
1 1 Y 1 A CYS 180 ? A CYS 183 
2 1 Y 1 A ASN 181 ? A ASN 184 
3 1 Y 1 A VAL 182 ? A VAL 185 
4 1 Y 1 A ASN 183 ? A ASN 186 
# 
loop_
_chem_comp_atom.comp_id 
_chem_comp_atom.atom_id 
_chem_comp_atom.type_symbol 
_chem_comp_atom.pdbx_aromatic_flag 
_chem_comp_atom.pdbx_stereo_config 
_chem_comp_atom.pdbx_ordinal 
ALA N    N  N N 1   
ALA CA   C  N S 2   
ALA C    C  N N 3   
ALA O    O  N N 4   
ALA CB   C  N N 5   
ALA OXT  O  N N 6   
ALA H    H  N N 7   
ALA H2   H  N N 8   
ALA HA   H  N N 9   
ALA HB1  H  N N 10  
ALA HB2  H  N N 11  
ALA HB3  H  N N 12  
ALA HXT  H  N N 13  
ARG N    N  N N 14  
ARG CA   C  N S 15  
ARG C    C  N N 16  
ARG O    O  N N 17  
ARG CB   C  N N 18  
ARG CG   C  N N 19  
ARG CD   C  N N 20  
ARG NE   N  N N 21  
ARG CZ   C  N N 22  
ARG NH1  N  N N 23  
ARG NH2  N  N N 24  
ARG OXT  O  N N 25  
ARG H    H  N N 26  
ARG H2   H  N N 27  
ARG HA   H  N N 28  
ARG HB2  H  N N 29  
ARG HB3  H  N N 30  
ARG HG2  H  N N 31  
ARG HG3  H  N N 32  
ARG HD2  H  N N 33  
ARG HD3  H  N N 34  
ARG HE   H  N N 35  
ARG HH11 H  N N 36  
ARG HH12 H  N N 37  
ARG HH21 H  N N 38  
ARG HH22 H  N N 39  
ARG HXT  H  N N 40  
ASN N    N  N N 41  
ASN CA   C  N S 42  
ASN C    C  N N 43  
ASN O    O  N N 44  
ASN CB   C  N N 45  
ASN CG   C  N N 46  
ASN OD1  O  N N 47  
ASN ND2  N  N N 48  
ASN OXT  O  N N 49  
ASN H    H  N N 50  
ASN H2   H  N N 51  
ASN HA   H  N N 52  
ASN HB2  H  N N 53  
ASN HB3  H  N N 54  
ASN HD21 H  N N 55  
ASN HD22 H  N N 56  
ASN HXT  H  N N 57  
ASP N    N  N N 58  
ASP CA   C  N S 59  
ASP C    C  N N 60  
ASP O    O  N N 61  
ASP CB   C  N N 62  
ASP CG   C  N N 63  
ASP OD1  O  N N 64  
ASP OD2  O  N N 65  
ASP OXT  O  N N 66  
ASP H    H  N N 67  
ASP H2   H  N N 68  
ASP HA   H  N N 69  
ASP HB2  H  N N 70  
ASP HB3  H  N N 71  
ASP HD2  H  N N 72  
ASP HXT  H  N N 73  
CYS N    N  N N 74  
CYS CA   C  N R 75  
CYS C    C  N N 76  
CYS O    O  N N 77  
CYS CB   C  N N 78  
CYS SG   S  N N 79  
CYS OXT  O  N N 80  
CYS H    H  N N 81  
CYS H2   H  N N 82  
CYS HA   H  N N 83  
CYS HB2  H  N N 84  
CYS HB3  H  N N 85  
CYS HG   H  N N 86  
CYS HXT  H  N N 87  
GLN N    N  N N 88  
GLN CA   C  N S 89  
GLN C    C  N N 90  
GLN O    O  N N 91  
GLN CB   C  N N 92  
GLN CG   C  N N 93  
GLN CD   C  N N 94  
GLN OE1  O  N N 95  
GLN NE2  N  N N 96  
GLN OXT  O  N N 97  
GLN H    H  N N 98  
GLN H2   H  N N 99  
GLN HA   H  N N 100 
GLN HB2  H  N N 101 
GLN HB3  H  N N 102 
GLN HG2  H  N N 103 
GLN HG3  H  N N 104 
GLN HE21 H  N N 105 
GLN HE22 H  N N 106 
GLN HXT  H  N N 107 
GLU N    N  N N 108 
GLU CA   C  N S 109 
GLU C    C  N N 110 
GLU O    O  N N 111 
GLU CB   C  N N 112 
GLU CG   C  N N 113 
GLU CD   C  N N 114 
GLU OE1  O  N N 115 
GLU OE2  O  N N 116 
GLU OXT  O  N N 117 
GLU H    H  N N 118 
GLU H2   H  N N 119 
GLU HA   H  N N 120 
GLU HB2  H  N N 121 
GLU HB3  H  N N 122 
GLU HG2  H  N N 123 
GLU HG3  H  N N 124 
GLU HE2  H  N N 125 
GLU HXT  H  N N 126 
GLY N    N  N N 127 
GLY CA   C  N N 128 
GLY C    C  N N 129 
GLY O    O  N N 130 
GLY OXT  O  N N 131 
GLY H    H  N N 132 
GLY H2   H  N N 133 
GLY HA2  H  N N 134 
GLY HA3  H  N N 135 
GLY HXT  H  N N 136 
HIS N    N  N N 137 
HIS CA   C  N S 138 
HIS C    C  N N 139 
HIS O    O  N N 140 
HIS CB   C  N N 141 
HIS CG   C  Y N 142 
HIS ND1  N  Y N 143 
HIS CD2  C  Y N 144 
HIS CE1  C  Y N 145 
HIS NE2  N  Y N 146 
HIS OXT  O  N N 147 
HIS H    H  N N 148 
HIS H2   H  N N 149 
HIS HA   H  N N 150 
HIS HB2  H  N N 151 
HIS HB3  H  N N 152 
HIS HD1  H  N N 153 
HIS HD2  H  N N 154 
HIS HE1  H  N N 155 
HIS HE2  H  N N 156 
HIS HXT  H  N N 157 
HOH O    O  N N 158 
HOH H1   H  N N 159 
HOH H2   H  N N 160 
ILE N    N  N N 161 
ILE CA   C  N S 162 
ILE C    C  N N 163 
ILE O    O  N N 164 
ILE CB   C  N S 165 
ILE CG1  C  N N 166 
ILE CG2  C  N N 167 
ILE CD1  C  N N 168 
ILE OXT  O  N N 169 
ILE H    H  N N 170 
ILE H2   H  N N 171 
ILE HA   H  N N 172 
ILE HB   H  N N 173 
ILE HG12 H  N N 174 
ILE HG13 H  N N 175 
ILE HG21 H  N N 176 
ILE HG22 H  N N 177 
ILE HG23 H  N N 178 
ILE HD11 H  N N 179 
ILE HD12 H  N N 180 
ILE HD13 H  N N 181 
ILE HXT  H  N N 182 
LEU N    N  N N 183 
LEU CA   C  N S 184 
LEU C    C  N N 185 
LEU O    O  N N 186 
LEU CB   C  N N 187 
LEU CG   C  N N 188 
LEU CD1  C  N N 189 
LEU CD2  C  N N 190 
LEU OXT  O  N N 191 
LEU H    H  N N 192 
LEU H2   H  N N 193 
LEU HA   H  N N 194 
LEU HB2  H  N N 195 
LEU HB3  H  N N 196 
LEU HG   H  N N 197 
LEU HD11 H  N N 198 
LEU HD12 H  N N 199 
LEU HD13 H  N N 200 
LEU HD21 H  N N 201 
LEU HD22 H  N N 202 
LEU HD23 H  N N 203 
LEU HXT  H  N N 204 
LYS N    N  N N 205 
LYS CA   C  N S 206 
LYS C    C  N N 207 
LYS O    O  N N 208 
LYS CB   C  N N 209 
LYS CG   C  N N 210 
LYS CD   C  N N 211 
LYS CE   C  N N 212 
LYS NZ   N  N N 213 
LYS OXT  O  N N 214 
LYS H    H  N N 215 
LYS H2   H  N N 216 
LYS HA   H  N N 217 
LYS HB2  H  N N 218 
LYS HB3  H  N N 219 
LYS HG2  H  N N 220 
LYS HG3  H  N N 221 
LYS HD2  H  N N 222 
LYS HD3  H  N N 223 
LYS HE2  H  N N 224 
LYS HE3  H  N N 225 
LYS HZ1  H  N N 226 
LYS HZ2  H  N N 227 
LYS HZ3  H  N N 228 
LYS HXT  H  N N 229 
MSE N    N  N N 230 
MSE CA   C  N S 231 
MSE C    C  N N 232 
MSE O    O  N N 233 
MSE OXT  O  N N 234 
MSE CB   C  N N 235 
MSE CG   C  N N 236 
MSE SE   SE N N 237 
MSE CE   C  N N 238 
MSE H    H  N N 239 
MSE H2   H  N N 240 
MSE HA   H  N N 241 
MSE HXT  H  N N 242 
MSE HB2  H  N N 243 
MSE HB3  H  N N 244 
MSE HG2  H  N N 245 
MSE HG3  H  N N 246 
MSE HE1  H  N N 247 
MSE HE2  H  N N 248 
MSE HE3  H  N N 249 
PHE N    N  N N 250 
PHE CA   C  N S 251 
PHE C    C  N N 252 
PHE O    O  N N 253 
PHE CB   C  N N 254 
PHE CG   C  Y N 255 
PHE CD1  C  Y N 256 
PHE CD2  C  Y N 257 
PHE CE1  C  Y N 258 
PHE CE2  C  Y N 259 
PHE CZ   C  Y N 260 
PHE OXT  O  N N 261 
PHE H    H  N N 262 
PHE H2   H  N N 263 
PHE HA   H  N N 264 
PHE HB2  H  N N 265 
PHE HB3  H  N N 266 
PHE HD1  H  N N 267 
PHE HD2  H  N N 268 
PHE HE1  H  N N 269 
PHE HE2  H  N N 270 
PHE HZ   H  N N 271 
PHE HXT  H  N N 272 
PRO N    N  N N 273 
PRO CA   C  N S 274 
PRO C    C  N N 275 
PRO O    O  N N 276 
PRO CB   C  N N 277 
PRO CG   C  N N 278 
PRO CD   C  N N 279 
PRO OXT  O  N N 280 
PRO H    H  N N 281 
PRO HA   H  N N 282 
PRO HB2  H  N N 283 
PRO HB3  H  N N 284 
PRO HG2  H  N N 285 
PRO HG3  H  N N 286 
PRO HD2  H  N N 287 
PRO HD3  H  N N 288 
PRO HXT  H  N N 289 
SER N    N  N N 290 
SER CA   C  N S 291 
SER C    C  N N 292 
SER O    O  N N 293 
SER CB   C  N N 294 
SER OG   O  N N 295 
SER OXT  O  N N 296 
SER H    H  N N 297 
SER H2   H  N N 298 
SER HA   H  N N 299 
SER HB2  H  N N 300 
SER HB3  H  N N 301 
SER HG   H  N N 302 
SER HXT  H  N N 303 
SO4 S    S  N N 304 
SO4 O1   O  N N 305 
SO4 O2   O  N N 306 
SO4 O3   O  N N 307 
SO4 O4   O  N N 308 
THR N    N  N N 309 
THR CA   C  N S 310 
THR C    C  N N 311 
THR O    O  N N 312 
THR CB   C  N R 313 
THR OG1  O  N N 314 
THR CG2  C  N N 315 
THR OXT  O  N N 316 
THR H    H  N N 317 
THR H2   H  N N 318 
THR HA   H  N N 319 
THR HB   H  N N 320 
THR HG1  H  N N 321 
THR HG21 H  N N 322 
THR HG22 H  N N 323 
THR HG23 H  N N 324 
THR HXT  H  N N 325 
TRP N    N  N N 326 
TRP CA   C  N S 327 
TRP C    C  N N 328 
TRP O    O  N N 329 
TRP CB   C  N N 330 
TRP CG   C  Y N 331 
TRP CD1  C  Y N 332 
TRP CD2  C  Y N 333 
TRP NE1  N  Y N 334 
TRP CE2  C  Y N 335 
TRP CE3  C  Y N 336 
TRP CZ2  C  Y N 337 
TRP CZ3  C  Y N 338 
TRP CH2  C  Y N 339 
TRP OXT  O  N N 340 
TRP H    H  N N 341 
TRP H2   H  N N 342 
TRP HA   H  N N 343 
TRP HB2  H  N N 344 
TRP HB3  H  N N 345 
TRP HD1  H  N N 346 
TRP HE1  H  N N 347 
TRP HE3  H  N N 348 
TRP HZ2  H  N N 349 
TRP HZ3  H  N N 350 
TRP HH2  H  N N 351 
TRP HXT  H  N N 352 
TYR N    N  N N 353 
TYR CA   C  N S 354 
TYR C    C  N N 355 
TYR O    O  N N 356 
TYR CB   C  N N 357 
TYR CG   C  Y N 358 
TYR CD1  C  Y N 359 
TYR CD2  C  Y N 360 
TYR CE1  C  Y N 361 
TYR CE2  C  Y N 362 
TYR CZ   C  Y N 363 
TYR OH   O  N N 364 
TYR OXT  O  N N 365 
TYR H    H  N N 366 
TYR H2   H  N N 367 
TYR HA   H  N N 368 
TYR HB2  H  N N 369 
TYR HB3  H  N N 370 
TYR HD1  H  N N 371 
TYR HD2  H  N N 372 
TYR HE1  H  N N 373 
TYR HE2  H  N N 374 
TYR HH   H  N N 375 
TYR HXT  H  N N 376 
VAL N    N  N N 377 
VAL CA   C  N S 378 
VAL C    C  N N 379 
VAL O    O  N N 380 
VAL CB   C  N N 381 
VAL CG1  C  N N 382 
VAL CG2  C  N N 383 
VAL OXT  O  N N 384 
VAL H    H  N N 385 
VAL H2   H  N N 386 
VAL HA   H  N N 387 
VAL HB   H  N N 388 
VAL HG11 H  N N 389 
VAL HG12 H  N N 390 
VAL HG13 H  N N 391 
VAL HG21 H  N N 392 
VAL HG22 H  N N 393 
VAL HG23 H  N N 394 
VAL HXT  H  N N 395 
ZN  ZN   ZN N N 396 
# 
loop_
_chem_comp_bond.comp_id 
_chem_comp_bond.atom_id_1 
_chem_comp_bond.atom_id_2 
_chem_comp_bond.value_order 
_chem_comp_bond.pdbx_aromatic_flag 
_chem_comp_bond.pdbx_stereo_config 
_chem_comp_bond.pdbx_ordinal 
ALA N   CA   sing N N 1   
ALA N   H    sing N N 2   
ALA N   H2   sing N N 3   
ALA CA  C    sing N N 4   
ALA CA  CB   sing N N 5   
ALA CA  HA   sing N N 6   
ALA C   O    doub N N 7   
ALA C   OXT  sing N N 8   
ALA CB  HB1  sing N N 9   
ALA CB  HB2  sing N N 10  
ALA CB  HB3  sing N N 11  
ALA OXT HXT  sing N N 12  
ARG N   CA   sing N N 13  
ARG N   H    sing N N 14  
ARG N   H2   sing N N 15  
ARG CA  C    sing N N 16  
ARG CA  CB   sing N N 17  
ARG CA  HA   sing N N 18  
ARG C   O    doub N N 19  
ARG C   OXT  sing N N 20  
ARG CB  CG   sing N N 21  
ARG CB  HB2  sing N N 22  
ARG CB  HB3  sing N N 23  
ARG CG  CD   sing N N 24  
ARG CG  HG2  sing N N 25  
ARG CG  HG3  sing N N 26  
ARG CD  NE   sing N N 27  
ARG CD  HD2  sing N N 28  
ARG CD  HD3  sing N N 29  
ARG NE  CZ   sing N N 30  
ARG NE  HE   sing N N 31  
ARG CZ  NH1  sing N N 32  
ARG CZ  NH2  doub N N 33  
ARG NH1 HH11 sing N N 34  
ARG NH1 HH12 sing N N 35  
ARG NH2 HH21 sing N N 36  
ARG NH2 HH22 sing N N 37  
ARG OXT HXT  sing N N 38  
ASN N   CA   sing N N 39  
ASN N   H    sing N N 40  
ASN N   H2   sing N N 41  
ASN CA  C    sing N N 42  
ASN CA  CB   sing N N 43  
ASN CA  HA   sing N N 44  
ASN C   O    doub N N 45  
ASN C   OXT  sing N N 46  
ASN CB  CG   sing N N 47  
ASN CB  HB2  sing N N 48  
ASN CB  HB3  sing N N 49  
ASN CG  OD1  doub N N 50  
ASN CG  ND2  sing N N 51  
ASN ND2 HD21 sing N N 52  
ASN ND2 HD22 sing N N 53  
ASN OXT HXT  sing N N 54  
ASP N   CA   sing N N 55  
ASP N   H    sing N N 56  
ASP N   H2   sing N N 57  
ASP CA  C    sing N N 58  
ASP CA  CB   sing N N 59  
ASP CA  HA   sing N N 60  
ASP C   O    doub N N 61  
ASP C   OXT  sing N N 62  
ASP CB  CG   sing N N 63  
ASP CB  HB2  sing N N 64  
ASP CB  HB3  sing N N 65  
ASP CG  OD1  doub N N 66  
ASP CG  OD2  sing N N 67  
ASP OD2 HD2  sing N N 68  
ASP OXT HXT  sing N N 69  
CYS N   CA   sing N N 70  
CYS N   H    sing N N 71  
CYS N   H2   sing N N 72  
CYS CA  C    sing N N 73  
CYS CA  CB   sing N N 74  
CYS CA  HA   sing N N 75  
CYS C   O    doub N N 76  
CYS C   OXT  sing N N 77  
CYS CB  SG   sing N N 78  
CYS CB  HB2  sing N N 79  
CYS CB  HB3  sing N N 80  
CYS SG  HG   sing N N 81  
CYS OXT HXT  sing N N 82  
GLN N   CA   sing N N 83  
GLN N   H    sing N N 84  
GLN N   H2   sing N N 85  
GLN CA  C    sing N N 86  
GLN CA  CB   sing N N 87  
GLN CA  HA   sing N N 88  
GLN C   O    doub N N 89  
GLN C   OXT  sing N N 90  
GLN CB  CG   sing N N 91  
GLN CB  HB2  sing N N 92  
GLN CB  HB3  sing N N 93  
GLN CG  CD   sing N N 94  
GLN CG  HG2  sing N N 95  
GLN CG  HG3  sing N N 96  
GLN CD  OE1  doub N N 97  
GLN CD  NE2  sing N N 98  
GLN NE2 HE21 sing N N 99  
GLN NE2 HE22 sing N N 100 
GLN OXT HXT  sing N N 101 
GLU N   CA   sing N N 102 
GLU N   H    sing N N 103 
GLU N   H2   sing N N 104 
GLU CA  C    sing N N 105 
GLU CA  CB   sing N N 106 
GLU CA  HA   sing N N 107 
GLU C   O    doub N N 108 
GLU C   OXT  sing N N 109 
GLU CB  CG   sing N N 110 
GLU CB  HB2  sing N N 111 
GLU CB  HB3  sing N N 112 
GLU CG  CD   sing N N 113 
GLU CG  HG2  sing N N 114 
GLU CG  HG3  sing N N 115 
GLU CD  OE1  doub N N 116 
GLU CD  OE2  sing N N 117 
GLU OE2 HE2  sing N N 118 
GLU OXT HXT  sing N N 119 
GLY N   CA   sing N N 120 
GLY N   H    sing N N 121 
GLY N   H2   sing N N 122 
GLY CA  C    sing N N 123 
GLY CA  HA2  sing N N 124 
GLY CA  HA3  sing N N 125 
GLY C   O    doub N N 126 
GLY C   OXT  sing N N 127 
GLY OXT HXT  sing N N 128 
HIS N   CA   sing N N 129 
HIS N   H    sing N N 130 
HIS N   H2   sing N N 131 
HIS CA  C    sing N N 132 
HIS CA  CB   sing N N 133 
HIS CA  HA   sing N N 134 
HIS C   O    doub N N 135 
HIS C   OXT  sing N N 136 
HIS CB  CG   sing N N 137 
HIS CB  HB2  sing N N 138 
HIS CB  HB3  sing N N 139 
HIS CG  ND1  sing Y N 140 
HIS CG  CD2  doub Y N 141 
HIS ND1 CE1  doub Y N 142 
HIS ND1 HD1  sing N N 143 
HIS CD2 NE2  sing Y N 144 
HIS CD2 HD2  sing N N 145 
HIS CE1 NE2  sing Y N 146 
HIS CE1 HE1  sing N N 147 
HIS NE2 HE2  sing N N 148 
HIS OXT HXT  sing N N 149 
HOH O   H1   sing N N 150 
HOH O   H2   sing N N 151 
ILE N   CA   sing N N 152 
ILE N   H    sing N N 153 
ILE N   H2   sing N N 154 
ILE CA  C    sing N N 155 
ILE CA  CB   sing N N 156 
ILE CA  HA   sing N N 157 
ILE C   O    doub N N 158 
ILE C   OXT  sing N N 159 
ILE CB  CG1  sing N N 160 
ILE CB  CG2  sing N N 161 
ILE CB  HB   sing N N 162 
ILE CG1 CD1  sing N N 163 
ILE CG1 HG12 sing N N 164 
ILE CG1 HG13 sing N N 165 
ILE CG2 HG21 sing N N 166 
ILE CG2 HG22 sing N N 167 
ILE CG2 HG23 sing N N 168 
ILE CD1 HD11 sing N N 169 
ILE CD1 HD12 sing N N 170 
ILE CD1 HD13 sing N N 171 
ILE OXT HXT  sing N N 172 
LEU N   CA   sing N N 173 
LEU N   H    sing N N 174 
LEU N   H2   sing N N 175 
LEU CA  C    sing N N 176 
LEU CA  CB   sing N N 177 
LEU CA  HA   sing N N 178 
LEU C   O    doub N N 179 
LEU C   OXT  sing N N 180 
LEU CB  CG   sing N N 181 
LEU CB  HB2  sing N N 182 
LEU CB  HB3  sing N N 183 
LEU CG  CD1  sing N N 184 
LEU CG  CD2  sing N N 185 
LEU CG  HG   sing N N 186 
LEU CD1 HD11 sing N N 187 
LEU CD1 HD12 sing N N 188 
LEU CD1 HD13 sing N N 189 
LEU CD2 HD21 sing N N 190 
LEU CD2 HD22 sing N N 191 
LEU CD2 HD23 sing N N 192 
LEU OXT HXT  sing N N 193 
LYS N   CA   sing N N 194 
LYS N   H    sing N N 195 
LYS N   H2   sing N N 196 
LYS CA  C    sing N N 197 
LYS CA  CB   sing N N 198 
LYS CA  HA   sing N N 199 
LYS C   O    doub N N 200 
LYS C   OXT  sing N N 201 
LYS CB  CG   sing N N 202 
LYS CB  HB2  sing N N 203 
LYS CB  HB3  sing N N 204 
LYS CG  CD   sing N N 205 
LYS CG  HG2  sing N N 206 
LYS CG  HG3  sing N N 207 
LYS CD  CE   sing N N 208 
LYS CD  HD2  sing N N 209 
LYS CD  HD3  sing N N 210 
LYS CE  NZ   sing N N 211 
LYS CE  HE2  sing N N 212 
LYS CE  HE3  sing N N 213 
LYS NZ  HZ1  sing N N 214 
LYS NZ  HZ2  sing N N 215 
LYS NZ  HZ3  sing N N 216 
LYS OXT HXT  sing N N 217 
MSE N   CA   sing N N 218 
MSE N   H    sing N N 219 
MSE N   H2   sing N N 220 
MSE CA  C    sing N N 221 
MSE CA  CB   sing N N 222 
MSE CA  HA   sing N N 223 
MSE C   O    doub N N 224 
MSE C   OXT  sing N N 225 
MSE OXT HXT  sing N N 226 
MSE CB  CG   sing N N 227 
MSE CB  HB2  sing N N 228 
MSE CB  HB3  sing N N 229 
MSE CG  SE   sing N N 230 
MSE CG  HG2  sing N N 231 
MSE CG  HG3  sing N N 232 
MSE SE  CE   sing N N 233 
MSE CE  HE1  sing N N 234 
MSE CE  HE2  sing N N 235 
MSE CE  HE3  sing N N 236 
PHE N   CA   sing N N 237 
PHE N   H    sing N N 238 
PHE N   H2   sing N N 239 
PHE CA  C    sing N N 240 
PHE CA  CB   sing N N 241 
PHE CA  HA   sing N N 242 
PHE C   O    doub N N 243 
PHE C   OXT  sing N N 244 
PHE CB  CG   sing N N 245 
PHE CB  HB2  sing N N 246 
PHE CB  HB3  sing N N 247 
PHE CG  CD1  doub Y N 248 
PHE CG  CD2  sing Y N 249 
PHE CD1 CE1  sing Y N 250 
PHE CD1 HD1  sing N N 251 
PHE CD2 CE2  doub Y N 252 
PHE CD2 HD2  sing N N 253 
PHE CE1 CZ   doub Y N 254 
PHE CE1 HE1  sing N N 255 
PHE CE2 CZ   sing Y N 256 
PHE CE2 HE2  sing N N 257 
PHE CZ  HZ   sing N N 258 
PHE OXT HXT  sing N N 259 
PRO N   CA   sing N N 260 
PRO N   CD   sing N N 261 
PRO N   H    sing N N 262 
PRO CA  C    sing N N 263 
PRO CA  CB   sing N N 264 
PRO CA  HA   sing N N 265 
PRO C   O    doub N N 266 
PRO C   OXT  sing N N 267 
PRO CB  CG   sing N N 268 
PRO CB  HB2  sing N N 269 
PRO CB  HB3  sing N N 270 
PRO CG  CD   sing N N 271 
PRO CG  HG2  sing N N 272 
PRO CG  HG3  sing N N 273 
PRO CD  HD2  sing N N 274 
PRO CD  HD3  sing N N 275 
PRO OXT HXT  sing N N 276 
SER N   CA   sing N N 277 
SER N   H    sing N N 278 
SER N   H2   sing N N 279 
SER CA  C    sing N N 280 
SER CA  CB   sing N N 281 
SER CA  HA   sing N N 282 
SER C   O    doub N N 283 
SER C   OXT  sing N N 284 
SER CB  OG   sing N N 285 
SER CB  HB2  sing N N 286 
SER CB  HB3  sing N N 287 
SER OG  HG   sing N N 288 
SER OXT HXT  sing N N 289 
SO4 S   O1   doub N N 290 
SO4 S   O2   doub N N 291 
SO4 S   O3   sing N N 292 
SO4 S   O4   sing N N 293 
THR N   CA   sing N N 294 
THR N   H    sing N N 295 
THR N   H2   sing N N 296 
THR CA  C    sing N N 297 
THR CA  CB   sing N N 298 
THR CA  HA   sing N N 299 
THR C   O    doub N N 300 
THR C   OXT  sing N N 301 
THR CB  OG1  sing N N 302 
THR CB  CG2  sing N N 303 
THR CB  HB   sing N N 304 
THR OG1 HG1  sing N N 305 
THR CG2 HG21 sing N N 306 
THR CG2 HG22 sing N N 307 
THR CG2 HG23 sing N N 308 
THR OXT HXT  sing N N 309 
TRP N   CA   sing N N 310 
TRP N   H    sing N N 311 
TRP N   H2   sing N N 312 
TRP CA  C    sing N N 313 
TRP CA  CB   sing N N 314 
TRP CA  HA   sing N N 315 
TRP C   O    doub N N 316 
TRP C   OXT  sing N N 317 
TRP CB  CG   sing N N 318 
TRP CB  HB2  sing N N 319 
TRP CB  HB3  sing N N 320 
TRP CG  CD1  doub Y N 321 
TRP CG  CD2  sing Y N 322 
TRP CD1 NE1  sing Y N 323 
TRP CD1 HD1  sing N N 324 
TRP CD2 CE2  doub Y N 325 
TRP CD2 CE3  sing Y N 326 
TRP NE1 CE2  sing Y N 327 
TRP NE1 HE1  sing N N 328 
TRP CE2 CZ2  sing Y N 329 
TRP CE3 CZ3  doub Y N 330 
TRP CE3 HE3  sing N N 331 
TRP CZ2 CH2  doub Y N 332 
TRP CZ2 HZ2  sing N N 333 
TRP CZ3 CH2  sing Y N 334 
TRP CZ3 HZ3  sing N N 335 
TRP CH2 HH2  sing N N 336 
TRP OXT HXT  sing N N 337 
TYR N   CA   sing N N 338 
TYR N   H    sing N N 339 
TYR N   H2   sing N N 340 
TYR CA  C    sing N N 341 
TYR CA  CB   sing N N 342 
TYR CA  HA   sing N N 343 
TYR C   O    doub N N 344 
TYR C   OXT  sing N N 345 
TYR CB  CG   sing N N 346 
TYR CB  HB2  sing N N 347 
TYR CB  HB3  sing N N 348 
TYR CG  CD1  doub Y N 349 
TYR CG  CD2  sing Y N 350 
TYR CD1 CE1  sing Y N 351 
TYR CD1 HD1  sing N N 352 
TYR CD2 CE2  doub Y N 353 
TYR CD2 HD2  sing N N 354 
TYR CE1 CZ   doub Y N 355 
TYR CE1 HE1  sing N N 356 
TYR CE2 CZ   sing Y N 357 
TYR CE2 HE2  sing N N 358 
TYR CZ  OH   sing N N 359 
TYR OH  HH   sing N N 360 
TYR OXT HXT  sing N N 361 
VAL N   CA   sing N N 362 
VAL N   H    sing N N 363 
VAL N   H2   sing N N 364 
VAL CA  C    sing N N 365 
VAL CA  CB   sing N N 366 
VAL CA  HA   sing N N 367 
VAL C   O    doub N N 368 
VAL C   OXT  sing N N 369 
VAL CB  CG1  sing N N 370 
VAL CB  CG2  sing N N 371 
VAL CB  HB   sing N N 372 
VAL CG1 HG11 sing N N 373 
VAL CG1 HG12 sing N N 374 
VAL CG1 HG13 sing N N 375 
VAL CG2 HG21 sing N N 376 
VAL CG2 HG22 sing N N 377 
VAL CG2 HG23 sing N N 378 
VAL OXT HXT  sing N N 379 
# 
_pdbx_initial_refinement_model.id               1 
_pdbx_initial_refinement_model.entity_id_list   ? 
_pdbx_initial_refinement_model.type             'experimental model' 
_pdbx_initial_refinement_model.source_name      PDB 
_pdbx_initial_refinement_model.accession_code   7DCM 
_pdbx_initial_refinement_model.details          ? 
# 
_atom_sites.entry_id                    7DCN 
_atom_sites.Cartn_transf_matrix[1][1]   ? 
_atom_sites.Cartn_transf_matrix[1][2]   ? 
_atom_sites.Cartn_transf_matrix[1][3]   ? 
_atom_sites.Cartn_transf_matrix[2][1]   ? 
_atom_sites.Cartn_transf_matrix[2][2]   ? 
_atom_sites.Cartn_transf_matrix[2][3]   ? 
_atom_sites.Cartn_transf_matrix[3][1]   ? 
_atom_sites.Cartn_transf_matrix[3][2]   ? 
_atom_sites.Cartn_transf_matrix[3][3]   ? 
_atom_sites.Cartn_transf_vector[1]      ? 
_atom_sites.Cartn_transf_vector[2]      ? 
_atom_sites.Cartn_transf_vector[3]      ? 
_atom_sites.fract_transf_matrix[1][1]   -0.01400373 
_atom_sites.fract_transf_matrix[1][2]   -0.01584942 
_atom_sites.fract_transf_matrix[1][3]   0.00981938 
_atom_sites.fract_transf_matrix[2][1]   -0.01733734 
_atom_sites.fract_transf_matrix[2][2]   0.01967825 
_atom_sites.fract_transf_matrix[2][3]   0.00703725 
_atom_sites.fract_transf_matrix[3][1]   -0.01036114 
_atom_sites.fract_transf_matrix[3][2]   -0.00285997 
_atom_sites.fract_transf_matrix[3][3]   -0.01752892 
_atom_sites.fract_transf_vector[1]      0.266101 
_atom_sites.fract_transf_vector[2]      0.153892 
_atom_sites.fract_transf_vector[3]      0.264940 
_atom_sites.solution_primary            ? 
_atom_sites.solution_secondary          ? 
_atom_sites.solution_hydrogens          ? 
_atom_sites.special_details             ? 
# 
loop_
_atom_type.symbol 
C  
N  
O  
S  
SE 
ZN 
# 
loop_
_atom_site.group_PDB 
_atom_site.id 
_atom_site.type_symbol 
_atom_site.label_atom_id 
_atom_site.label_alt_id 
_atom_site.label_comp_id 
_atom_site.label_asym_id 
_atom_site.label_entity_id 
_atom_site.label_seq_id 
_atom_site.pdbx_PDB_ins_code 
_atom_site.Cartn_x 
_atom_site.Cartn_y 
_atom_site.Cartn_z 
_atom_site.occupancy 
_atom_site.B_iso_or_equiv 
_atom_site.pdbx_formal_charge 
_atom_site.auth_seq_id 
_atom_site.auth_comp_id 
_atom_site.auth_asym_id 
_atom_site.auth_atom_id 
_atom_site.pdbx_PDB_model_num 
ATOM   1    N  N   . GLY A 1 1   ? 1.445   16.667  7.894   1.00 41.90 ? -2  GLY A N   1 
ATOM   2    C  CA  . GLY A 1 1   ? 2.593   15.833  7.590   1.00 32.71 ? -2  GLY A CA  1 
ATOM   3    C  C   . GLY A 1 1   ? 3.154   15.172  8.830   1.00 33.95 ? -2  GLY A C   1 
ATOM   4    O  O   . GLY A 1 1   ? 2.838   15.577  9.948   1.00 36.97 ? -2  GLY A O   1 
ATOM   5    N  N   . SER A 1 2   ? 3.984   14.152  8.627   1.00 34.02 ? -1  SER A N   1 
ATOM   6    C  CA  . SER A 1 2   ? 4.612   13.420  9.720   1.00 33.04 ? -1  SER A CA  1 
ATOM   7    C  C   . SER A 1 2   ? 5.849   12.716  9.179   1.00 33.65 ? -1  SER A C   1 
ATOM   8    O  O   . SER A 1 2   ? 6.035   12.598  7.964   1.00 33.79 ? -1  SER A O   1 
ATOM   9    C  CB  . SER A 1 2   ? 3.643   12.407  10.347  1.00 32.73 ? -1  SER A CB  1 
ATOM   10   O  OG  . SER A 1 2   ? 3.786   11.124  9.743   1.00 24.35 ? -1  SER A OG  1 
ATOM   11   N  N   . HIS A 1 3   ? 6.701   12.259  10.096  1.00 30.86 ? 0   HIS A N   1 
ATOM   12   C  CA  . HIS A 1 3   ? 7.756   11.328  9.714   1.00 36.86 ? 0   HIS A CA  1 
ATOM   13   C  C   . HIS A 1 3   ? 7.120   10.037  9.226   1.00 31.88 ? 0   HIS A C   1 
ATOM   14   O  O   . HIS A 1 3   ? 6.046   9.645   9.686   1.00 30.66 ? 0   HIS A O   1 
ATOM   15   C  CB  . HIS A 1 3   ? 8.686   11.041  10.896  1.00 37.15 ? 0   HIS A CB  1 
ATOM   16   C  CG  . HIS A 1 3   ? 9.782   12.046  11.061  1.00 42.70 ? 0   HIS A CG  1 
ATOM   17   N  ND1 . HIS A 1 3   ? 10.778  12.221  10.123  1.00 45.68 ? 0   HIS A ND1 1 
ATOM   18   C  CD2 . HIS A 1 3   ? 10.042  12.928  12.056  1.00 47.30 ? 0   HIS A CD2 1 
ATOM   19   C  CE1 . HIS A 1 3   ? 11.603  13.168  10.534  1.00 47.06 ? 0   HIS A CE1 1 
ATOM   20   N  NE2 . HIS A 1 3   ? 11.179  13.615  11.702  1.00 47.03 ? 0   HIS A NE2 1 
HETATM 21   N  N   . MSE A 1 4   ? 7.773   9.372   8.280   1.00 28.60 ? 1   MSE A N   1 
HETATM 22   C  CA  . MSE A 1 4   ? 7.102   8.238   7.652   1.00 26.58 ? 1   MSE A CA  1 
HETATM 23   C  C   . MSE A 1 4   ? 7.695   6.867   8.038   1.00 26.48 ? 1   MSE A C   1 
HETATM 24   O  O   . MSE A 1 4   ? 6.999   5.863   7.937   1.00 23.74 ? 1   MSE A O   1 
HETATM 25   C  CB  . MSE A 1 4   ? 7.102   8.419   6.129   1.00 25.01 ? 1   MSE A CB  1 
HETATM 26   C  CG  . MSE A 1 4   ? 5.971   9.366   5.582   1.00 24.43 ? 1   MSE A CG  1 
HETATM 27   SE SE  . MSE A 1 4   ? 5.867   9.031   3.658   1.00 54.33 ? 1   MSE A SE  1 
HETATM 28   C  CE  . MSE A 1 4   ? 4.142   8.170   3.488   1.00 35.03 ? 1   MSE A CE  1 
ATOM   29   N  N   . HIS A 1 5   ? 8.936   6.824   8.535   1.00 25.26 ? 2   HIS A N   1 
ATOM   30   C  CA  . HIS A 1 5   ? 9.540   5.560   8.970   1.00 24.97 ? 2   HIS A CA  1 
ATOM   31   C  C   . HIS A 1 5   ? 8.918   5.091   10.289  1.00 23.12 ? 2   HIS A C   1 
ATOM   32   O  O   . HIS A 1 5   ? 8.839   5.852   11.255  1.00 27.77 ? 2   HIS A O   1 
ATOM   33   C  CB  . HIS A 1 5   ? 11.058  5.741   9.116   1.00 28.91 ? 2   HIS A CB  1 
ATOM   34   C  CG  . HIS A 1 5   ? 11.813  4.504   9.514   1.00 33.58 ? 2   HIS A CG  1 
ATOM   35   N  ND1 . HIS A 1 5   ? 12.497  3.726   8.603   1.00 34.61 ? 2   HIS A ND1 1 
ATOM   36   C  CD2 . HIS A 1 5   ? 12.049  3.952   10.731  1.00 31.56 ? 2   HIS A CD2 1 
ATOM   37   C  CE1 . HIS A 1 5   ? 13.093  2.730   9.236   1.00 33.23 ? 2   HIS A CE1 1 
ATOM   38   N  NE2 . HIS A 1 5   ? 12.835  2.841   10.528  1.00 30.77 ? 2   HIS A NE2 1 
ATOM   39   N  N   . LEU A 1 6   ? 8.469   3.835   10.331  1.00 22.29 ? 3   LEU A N   1 
ATOM   40   C  CA  . LEU A 1 6   ? 7.882   3.243   11.533  1.00 23.43 ? 3   LEU A CA  1 
ATOM   41   C  C   . LEU A 1 6   ? 8.874   2.239   12.116  1.00 24.11 ? 3   LEU A C   1 
ATOM   42   O  O   . LEU A 1 6   ? 9.177   1.223   11.482  1.00 23.08 ? 3   LEU A O   1 
ATOM   43   C  CB  . LEU A 1 6   ? 6.544   2.573   11.215  1.00 21.91 ? 3   LEU A CB  1 
ATOM   44   C  CG  . LEU A 1 6   ? 5.474   3.497   10.625  1.00 21.32 ? 3   LEU A CG  1 
ATOM   45   C  CD1 . LEU A 1 6   ? 4.225   2.720   10.214  1.00 22.02 ? 3   LEU A CD1 1 
ATOM   46   C  CD2 . LEU A 1 6   ? 5.110   4.603   11.617  1.00 22.95 ? 3   LEU A CD2 1 
ATOM   47   N  N   . LEU A 1 7   ? 9.384   2.527   13.312  1.00 20.64 ? 4   LEU A N   1 
ATOM   48   C  CA  . LEU A 1 7   ? 10.352  1.651   13.966  1.00 24.28 ? 4   LEU A CA  1 
ATOM   49   C  C   . LEU A 1 7   ? 9.780   0.243   14.112  1.00 22.75 ? 4   LEU A C   1 
ATOM   50   O  O   . LEU A 1 7   ? 8.744   0.072   14.770  1.00 20.61 ? 4   LEU A O   1 
ATOM   51   C  CB  . LEU A 1 7   ? 10.723  2.221   15.336  1.00 24.35 ? 4   LEU A CB  1 
ATOM   52   C  CG  . LEU A 1 7   ? 12.110  1.911   15.893  1.00 30.30 ? 4   LEU A CG  1 
ATOM   53   C  CD1 . LEU A 1 7   ? 13.167  1.983   14.797  1.00 28.82 ? 4   LEU A CD1 1 
ATOM   54   C  CD2 . LEU A 1 7   ? 12.439  2.871   17.036  1.00 32.39 ? 4   LEU A CD2 1 
ATOM   55   N  N   . PRO A 1 8   ? 10.406  -0.786  13.526  1.00 19.69 ? 5   PRO A N   1 
ATOM   56   C  CA  . PRO A 1 8   ? 9.756   -2.106  13.524  1.00 17.41 ? 5   PRO A CA  1 
ATOM   57   C  C   . PRO A 1 8   ? 9.552   -2.695  14.912  1.00 20.88 ? 5   PRO A C   1 
ATOM   58   O  O   . PRO A 1 8   ? 8.517   -3.323  15.156  1.00 19.36 ? 5   PRO A O   1 
ATOM   59   C  CB  . PRO A 1 8   ? 10.703  -2.962  12.666  1.00 20.12 ? 5   PRO A CB  1 
ATOM   60   C  CG  . PRO A 1 8   ? 11.354  -1.969  11.741  1.00 18.74 ? 5   PRO A CG  1 
ATOM   61   C  CD  . PRO A 1 8   ? 11.564  -0.742  12.612  1.00 19.24 ? 5   PRO A CD  1 
ATOM   62   N  N   . GLU A 1 9   ? 10.496  -2.499  15.839  1.00 21.04 ? 6   GLU A N   1 
ATOM   63   C  CA  . GLU A 1 9   ? 10.357  -3.113  17.156  1.00 22.54 ? 6   GLU A CA  1 
ATOM   64   C  C   . GLU A 1 9   ? 9.281   -2.451  17.999  1.00 23.33 ? 6   GLU A C   1 
ATOM   65   O  O   . GLU A 1 9   ? 8.944   -2.976  19.068  1.00 24.83 ? 6   GLU A O   1 
ATOM   66   C  CB  . GLU A 1 9   ? 11.684  -3.072  17.908  1.00 25.22 ? 6   GLU A CB  1 
ATOM   67   C  CG  . GLU A 1 9   ? 12.139  -1.680  18.245  1.00 27.44 ? 6   GLU A CG  1 
ATOM   68   C  CD  . GLU A 1 9   ? 13.180  -1.165  17.272  1.00 30.72 ? 6   GLU A CD  1 
ATOM   69   O  OE1 . GLU A 1 9   ? 13.145  -1.580  16.082  1.00 25.87 ? 6   GLU A OE1 1 
ATOM   70   O  OE2 . GLU A 1 9   ? 14.031  -0.353  17.709  1.00 33.45 ? 6   GLU A OE2 1 
ATOM   71   N  N   . LEU A 1 10  ? 8.735   -1.322  17.549  1.00 18.83 ? 7   LEU A N   1 
ATOM   72   C  CA  . LEU A 1 10  ? 7.631   -0.661  18.232  1.00 20.56 ? 7   LEU A CA  1 
ATOM   73   C  C   . LEU A 1 10  ? 6.271   -1.049  17.653  1.00 19.50 ? 7   LEU A C   1 
ATOM   74   O  O   . LEU A 1 10  ? 5.274   -0.366  17.921  1.00 22.29 ? 7   LEU A O   1 
ATOM   75   C  CB  . LEU A 1 10  ? 7.820   0.852   18.182  1.00 21.31 ? 7   LEU A CB  1 
ATOM   76   C  CG  . LEU A 1 10  ? 9.002   1.371   19.018  1.00 26.27 ? 7   LEU A CG  1 
ATOM   77   C  CD1 . LEU A 1 10  ? 9.155   2.878   18.886  1.00 29.01 ? 7   LEU A CD1 1 
ATOM   78   C  CD2 . LEU A 1 10  ? 8.829   0.973   20.479  1.00 28.68 ? 7   LEU A CD2 1 
ATOM   79   N  N   . ALA A 1 11  ? 6.217   -2.126  16.864  1.00 17.67 ? 8   ALA A N   1 
ATOM   80   C  CA  . ALA A 1 11  ? 4.947   -2.625  16.347  1.00 17.74 ? 8   ALA A CA  1 
ATOM   81   C  C   . ALA A 1 11  ? 3.976   -2.910  17.486  1.00 16.30 ? 8   ALA A C   1 
ATOM   82   O  O   . ALA A 1 11  ? 4.346   -3.505  18.504  1.00 20.89 ? 8   ALA A O   1 
ATOM   83   C  CB  . ALA A 1 11  ? 5.175   -3.897  15.532  1.00 21.13 ? 8   ALA A CB  1 
ATOM   84   N  N   . SER A 1 12  ? 2.722   -2.495  17.298  1.00 19.37 ? 9   SER A N   1 
ATOM   85   C  CA  . SER A 1 12  ? 1.730   -2.603  18.361  1.00 19.01 ? 9   SER A CA  1 
ATOM   86   C  C   . SER A 1 12  ? 1.172   -4.010  18.485  1.00 23.13 ? 9   SER A C   1 
ATOM   87   O  O   . SER A 1 12  ? 0.689   -4.386  19.559  1.00 20.25 ? 9   SER A O   1 
ATOM   88   C  CB  . SER A 1 12  ? 0.582   -1.621  18.113  1.00 19.27 ? 9   SER A CB  1 
ATOM   89   O  OG  . SER A 1 12  ? -0.116  -1.980  16.927  1.00 22.19 ? 9   SER A OG  1 
ATOM   90   N  N   . HIS A 1 13  ? 1.213   -4.788  17.400  1.00 21.35 ? 10  HIS A N   1 
ATOM   91   C  CA  . HIS A 1 13  ? 0.558   -6.095  17.346  1.00 20.75 ? 10  HIS A CA  1 
ATOM   92   C  C   . HIS A 1 13  ? -0.905  -5.980  17.747  1.00 18.87 ? 10  HIS A C   1 
ATOM   93   O  O   . HIS A 1 13  ? -1.479  -6.877  18.363  1.00 19.95 ? 10  HIS A O   1 
ATOM   94   C  CB  . HIS A 1 13  ? 1.283   -7.125  18.218  1.00 22.82 ? 10  HIS A CB  1 
ATOM   95   C  CG  . HIS A 1 13  ? 2.674   -7.420  17.759  1.00 22.79 ? 10  HIS A CG  1 
ATOM   96   N  ND1 . HIS A 1 13  ? 3.788   -6.917  18.394  1.00 28.81 ? 10  HIS A ND1 1 
ATOM   97   C  CD2 . HIS A 1 13  ? 3.132   -8.161  16.724  1.00 24.47 ? 10  HIS A CD2 1 
ATOM   98   C  CE1 . HIS A 1 13  ? 4.876   -7.344  17.773  1.00 22.40 ? 10  HIS A CE1 1 
ATOM   99   N  NE2 . HIS A 1 13  ? 4.503   -8.095  16.754  1.00 27.02 ? 10  HIS A NE2 1 
ATOM   100  N  N   . HIS A 1 14  ? -1.513  -4.854  17.397  1.00 17.66 ? 11  HIS A N   1 
ATOM   101  C  CA  . HIS A 1 14  ? -2.934  -4.670  17.665  1.00 20.35 ? 11  HIS A CA  1 
ATOM   102  C  C   . HIS A 1 14  ? -3.770  -5.715  16.925  1.00 20.79 ? 11  HIS A C   1 
ATOM   103  O  O   . HIS A 1 14  ? -3.577  -5.962  15.731  1.00 19.97 ? 11  HIS A O   1 
ATOM   104  C  CB  . HIS A 1 14  ? -3.344  -3.256  17.260  1.00 17.71 ? 11  HIS A CB  1 
ATOM   105  C  CG  . HIS A 1 14  ? -4.811  -2.991  17.377  1.00 18.18 ? 11  HIS A CG  1 
ATOM   106  N  ND1 . HIS A 1 14  ? -5.477  -2.996  18.587  1.00 23.68 ? 11  HIS A ND1 1 
ATOM   107  C  CD2 . HIS A 1 14  ? -5.743  -2.729  16.435  1.00 22.53 ? 11  HIS A CD2 1 
ATOM   108  C  CE1 . HIS A 1 14  ? -6.756  -2.737  18.383  1.00 22.39 ? 11  HIS A CE1 1 
ATOM   109  N  NE2 . HIS A 1 14  ? -6.944  -2.560  17.086  1.00 20.51 ? 11  HIS A NE2 1 
ATOM   110  N  N   . ALA A 1 15  ? -4.698  -6.345  17.646  1.00 15.77 ? 12  ALA A N   1 
ATOM   111  C  CA  . ALA A 1 15  ? -5.568  -7.359  17.053  1.00 16.59 ? 12  ALA A CA  1 
ATOM   112  C  C   . ALA A 1 15  ? -6.808  -6.671  16.488  1.00 21.26 ? 12  ALA A C   1 
ATOM   113  O  O   . ALA A 1 15  ? -7.575  -6.048  17.238  1.00 20.06 ? 12  ALA A O   1 
ATOM   114  C  CB  . ALA A 1 15  ? -5.949  -8.409  18.100  1.00 20.10 ? 12  ALA A CB  1 
ATOM   115  N  N   . VAL A 1 16  ? -7.000  -6.766  15.170  1.00 20.37 ? 13  VAL A N   1 
ATOM   116  C  CA  . VAL A 1 16  ? -8.083  -6.061  14.486  1.00 19.13 ? 13  VAL A CA  1 
ATOM   117  C  C   . VAL A 1 16  ? -9.286  -6.990  14.360  1.00 21.53 ? 13  VAL A C   1 
ATOM   118  O  O   . VAL A 1 16  ? -9.161  -8.132  13.904  1.00 23.09 ? 13  VAL A O   1 
ATOM   119  C  CB  . VAL A 1 16  ? -7.627  -5.554  13.107  1.00 21.05 ? 13  VAL A CB  1 
ATOM   120  C  CG1 . VAL A 1 16  ? -8.763  -4.795  12.426  1.00 21.70 ? 13  VAL A CG1 1 
ATOM   121  C  CG2 . VAL A 1 16  ? -6.403  -4.650  13.258  1.00 23.10 ? 13  VAL A CG2 1 
ATOM   122  N  N   . SER A 1 17  ? -10.450 -6.521  14.789  1.00 18.16 ? 14  SER A N   1 
ATOM   123  C  CA  . SER A 1 17  ? -11.662 -7.305  14.622  1.00 19.17 ? 14  SER A CA  1 
ATOM   124  C  C   . SER A 1 17  ? -12.274 -7.064  13.240  1.00 18.10 ? 14  SER A C   1 
ATOM   125  O  O   . SER A 1 17  ? -11.959 -6.098  12.539  1.00 15.97 ? 14  SER A O   1 
ATOM   126  C  CB  . SER A 1 17  ? -12.679 -6.970  15.718  1.00 21.15 ? 14  SER A CB  1 
ATOM   127  O  OG  . SER A 1 17  ? -13.303 -5.722  15.453  1.00 21.00 ? 14  SER A OG  1 
ATOM   128  N  N   . ILE A 1 18  ? -13.197 -7.953  12.873  1.00 18.13 ? 15  ILE A N   1 
ATOM   129  C  CA  . ILE A 1 18  ? -13.883 -7.826  11.587  1.00 18.26 ? 15  ILE A CA  1 
ATOM   130  C  C   . ILE A 1 18  ? -14.634 -6.503  11.463  1.00 17.02 ? 15  ILE A C   1 
ATOM   131  O  O   . ILE A 1 18  ? -14.406 -5.780  10.478  1.00 18.74 ? 15  ILE A O   1 
ATOM   132  C  CB  . ILE A 1 18  ? -14.781 -9.054  11.350  1.00 20.03 ? 15  ILE A CB  1 
ATOM   133  C  CG1 . ILE A 1 18  ? -13.917 -10.302 11.107  1.00 19.27 ? 15  ILE A CG1 1 
ATOM   134  C  CG2 . ILE A 1 18  ? -15.757 -8.786  10.216  1.00 19.39 ? 15  ILE A CG2 1 
ATOM   135  C  CD1 . ILE A 1 18  ? -14.614 -11.608 11.455  1.00 21.17 ? 15  ILE A CD1 1 
ATOM   136  N  N   . PRO A 1 19  ? -15.507 -6.110  12.400  1.00 18.10 ? 16  PRO A N   1 
ATOM   137  C  CA  . PRO A 1 19  ? -16.166 -4.800  12.249  1.00 19.92 ? 16  PRO A CA  1 
ATOM   138  C  C   . PRO A 1 19  ? -15.213 -3.627  12.378  1.00 20.62 ? 16  PRO A C   1 
ATOM   139  O  O   . PRO A 1 19  ? -15.450 -2.580  11.761  1.00 19.36 ? 16  PRO A O   1 
ATOM   140  C  CB  . PRO A 1 19  ? -17.226 -4.796  13.366  1.00 22.75 ? 16  PRO A CB  1 
ATOM   141  C  CG  . PRO A 1 19  ? -16.791 -5.844  14.333  1.00 22.33 ? 16  PRO A CG  1 
ATOM   142  C  CD  . PRO A 1 19  ? -16.055 -6.874  13.541  1.00 18.97 ? 16  PRO A CD  1 
ATOM   143  N  N   . GLU A 1 20  ? -14.129 -3.769  13.144  1.00 17.91 ? 17  GLU A N   1 
ATOM   144  C  CA  . GLU A 1 20  ? -13.125 -2.713  13.194  1.00 19.38 ? 17  GLU A CA  1 
ATOM   145  C  C   . GLU A 1 20  ? -12.510 -2.469  11.817  1.00 21.56 ? 17  GLU A C   1 
ATOM   146  O  O   . GLU A 1 20  ? -12.323 -1.313  11.408  1.00 20.53 ? 17  GLU A O   1 
ATOM   147  C  CB  . GLU A 1 20  ? -12.052 -3.079  14.221  1.00 20.82 ? 17  GLU A CB  1 
ATOM   148  C  CG  . GLU A 1 20  ? -10.900 -2.110  14.309  1.00 20.95 ? 17  GLU A CG  1 
ATOM   149  C  CD  . GLU A 1 20  ? -9.906  -2.501  15.382  1.00 23.50 ? 17  GLU A CD  1 
ATOM   150  O  OE1 . GLU A 1 20  ? -10.013 -3.633  15.919  1.00 23.21 ? 17  GLU A OE1 1 
ATOM   151  O  OE2 . GLU A 1 20  ? -9.020  -1.679  15.697  1.00 23.68 ? 17  GLU A OE2 1 
ATOM   152  N  N   . LEU A 1 21  ? -12.207 -3.544  11.075  1.00 16.49 ? 18  LEU A N   1 
ATOM   153  C  CA  . LEU A 1 21  ? -11.641 -3.370  9.739   1.00 17.88 ? 18  LEU A CA  1 
ATOM   154  C  C   . LEU A 1 21  ? -12.666 -2.784  8.777   1.00 21.62 ? 18  LEU A C   1 
ATOM   155  O  O   . LEU A 1 21  ? -12.315 -1.986  7.900   1.00 21.97 ? 18  LEU A O   1 
ATOM   156  C  CB  . LEU A 1 21  ? -11.116 -4.707  9.208   1.00 19.16 ? 18  LEU A CB  1 
ATOM   157  C  CG  . LEU A 1 21  ? -10.251 -4.659  7.949   1.00 25.52 ? 18  LEU A CG  1 
ATOM   158  C  CD1 . LEU A 1 21  ? -8.999  -3.855  8.225   1.00 23.82 ? 18  LEU A CD1 1 
ATOM   159  C  CD2 . LEU A 1 21  ? -9.903  -6.061  7.517   1.00 22.55 ? 18  LEU A CD2 1 
ATOM   160  N  N   . LEU A 1 22  ? -13.934 -3.181  8.917   1.00 19.41 ? 19  LEU A N   1 
ATOM   161  C  CA  . LEU A 1 22  ? -14.968 -2.640  8.044   1.00 23.11 ? 19  LEU A CA  1 
ATOM   162  C  C   . LEU A 1 22  ? -15.159 -1.152  8.282   1.00 25.40 ? 19  LEU A C   1 
ATOM   163  O  O   . LEU A 1 22  ? -15.236 -0.373  7.324   1.00 23.09 ? 19  LEU A O   1 
ATOM   164  C  CB  . LEU A 1 22  ? -16.284 -3.400  8.244   1.00 22.42 ? 19  LEU A CB  1 
ATOM   165  C  CG  . LEU A 1 22  ? -16.238 -4.807  7.634   1.00 26.62 ? 19  LEU A CG  1 
ATOM   166  C  CD1 . LEU A 1 22  ? -17.363 -5.705  8.153   1.00 27.23 ? 19  LEU A CD1 1 
ATOM   167  C  CD2 . LEU A 1 22  ? -16.238 -4.749  6.111   1.00 29.28 ? 19  LEU A CD2 1 
ATOM   168  N  N   . VAL A 1 23  ? -15.226 -0.735  9.549   1.00 22.81 ? 20  VAL A N   1 
ATOM   169  C  CA  . VAL A 1 23  ? -15.334 0.689   9.862   1.00 25.02 ? 20  VAL A CA  1 
ATOM   170  C  C   . VAL A 1 23  ? -14.154 1.459   9.275   1.00 28.58 ? 20  VAL A C   1 
ATOM   171  O  O   . VAL A 1 23  ? -14.317 2.557   8.716   1.00 24.53 ? 20  VAL A O   1 
ATOM   172  C  CB  . VAL A 1 23  ? -15.434 0.890   11.387  1.00 25.55 ? 20  VAL A CB  1 
ATOM   173  C  CG1 . VAL A 1 23  ? -15.196 2.350   11.745  1.00 28.41 ? 20  VAL A CG1 1 
ATOM   174  C  CG2 . VAL A 1 23  ? -16.782 0.413   11.899  1.00 30.60 ? 20  VAL A CG2 1 
ATOM   175  N  N   . SER A 1 24  ? -12.951 0.888   9.378   1.00 24.93 ? 21  SER A N   1 
ATOM   176  C  CA  . SER A 1 24  ? -11.743 1.609   8.994   1.00 27.38 ? 21  SER A CA  1 
ATOM   177  C  C   . SER A 1 24  ? -11.741 1.989   7.520   1.00 26.59 ? 21  SER A C   1 
ATOM   178  O  O   . SER A 1 24  ? -11.144 3.003   7.141   1.00 25.96 ? 21  SER A O   1 
ATOM   179  C  CB  . SER A 1 24  ? -10.510 0.766   9.307   1.00 27.88 ? 21  SER A CB  1 
ATOM   180  O  OG  . SER A 1 24  ? -10.330 -0.216  8.303   1.00 27.14 ? 21  SER A OG  1 
ATOM   181  N  N   . ARG A 1 25  ? -12.400 1.196   6.677   1.00 24.75 ? 22  ARG A N   1 
ATOM   182  C  CA  . ARG A 1 25  ? -12.419 1.498   5.254   1.00 26.88 ? 22  ARG A CA  1 
ATOM   183  C  C   . ARG A 1 25  ? -13.234 2.753   4.958   1.00 26.04 ? 22  ARG A C   1 
ATOM   184  O  O   . ARG A 1 25  ? -12.892 3.509   4.042   1.00 24.33 ? 22  ARG A O   1 
ATOM   185  C  CB  . ARG A 1 25  ? -12.949 0.294   4.484   1.00 29.32 ? 22  ARG A CB  1 
ATOM   186  C  CG  . ARG A 1 25  ? -11.972 -0.871  4.532   1.00 34.49 ? 22  ARG A CG  1 
ATOM   187  C  CD  . ARG A 1 25  ? -12.451 -2.056  3.724   1.00 41.11 ? 22  ARG A CD  1 
ATOM   188  N  NE  . ARG A 1 25  ? -12.017 -3.313  4.323   1.00 41.87 ? 22  ARG A NE  1 
ATOM   189  C  CZ  . ARG A 1 25  ? -12.435 -4.511  3.925   1.00 47.03 ? 22  ARG A CZ  1 
ATOM   190  N  NH1 . ARG A 1 25  ? -13.303 -4.614  2.927   1.00 46.23 ? 22  ARG A NH1 1 
ATOM   191  N  NH2 . ARG A 1 25  ? -11.987 -5.606  4.529   1.00 44.67 ? 22  ARG A NH2 1 
ATOM   192  N  N   . ASP A 1 26  ? -14.299 3.000   5.722   1.00 25.02 ? 23  ASP A N   1 
ATOM   193  C  CA  . ASP A 1 26  ? -15.019 4.262   5.590   1.00 25.68 ? 23  ASP A CA  1 
ATOM   194  C  C   . ASP A 1 26  ? -14.207 5.424   6.152   1.00 21.60 ? 23  ASP A C   1 
ATOM   195  O  O   . ASP A 1 26  ? -14.202 6.523   5.578   1.00 24.21 ? 23  ASP A O   1 
ATOM   196  C  CB  . ASP A 1 26  ? -16.379 4.168   6.286   1.00 29.62 ? 23  ASP A CB  1 
ATOM   197  C  CG  . ASP A 1 26  ? -17.280 3.120   5.662   1.00 34.81 ? 23  ASP A CG  1 
ATOM   198  O  OD1 . ASP A 1 26  ? -17.321 3.038   4.414   1.00 37.25 ? 23  ASP A OD1 1 
ATOM   199  O  OD2 . ASP A 1 26  ? -17.944 2.379   6.420   1.00 39.07 ? 23  ASP A OD2 1 
ATOM   200  N  N   . GLU A 1 27  ? -13.509 5.203   7.270   1.00 23.72 ? 24  GLU A N   1 
ATOM   201  C  CA  . GLU A 1 27  ? -12.644 6.243   7.819   1.00 24.31 ? 24  GLU A CA  1 
ATOM   202  C  C   . GLU A 1 27  ? -11.525 6.591   6.851   1.00 22.62 ? 24  GLU A C   1 
ATOM   203  O  O   . GLU A 1 27  ? -11.148 7.760   6.718   1.00 20.08 ? 24  GLU A O   1 
ATOM   204  C  CB  . GLU A 1 27  ? -12.039 5.797   9.147   1.00 25.65 ? 24  GLU A CB  1 
ATOM   205  C  CG  . GLU A 1 27  ? -11.302 6.906   9.897   1.00 25.57 ? 24  GLU A CG  1 
ATOM   206  C  CD  . GLU A 1 27  ? -9.846  7.109   9.471   1.00 31.72 ? 24  GLU A CD  1 
ATOM   207  O  OE1 . GLU A 1 27  ? -9.181  6.131   9.058   1.00 36.17 ? 24  GLU A OE1 1 
ATOM   208  O  OE2 . GLU A 1 27  ? -9.365  8.260   9.566   1.00 35.12 ? 24  GLU A OE2 1 
ATOM   209  N  N   . ARG A 1 28  ? -10.951 5.576   6.207   1.00 19.87 ? 25  ARG A N   1 
ATOM   210  C  CA  . ARG A 1 28  ? -9.870  5.818   5.255   1.00 19.89 ? 25  ARG A CA  1 
ATOM   211  C  C   . ARG A 1 28  ? -10.352 6.638   4.069   1.00 18.80 ? 25  ARG A C   1 
ATOM   212  O  O   . ARG A 1 28  ? -9.664  7.564   3.628   1.00 17.36 ? 25  ARG A O   1 
ATOM   213  C  CB  . ARG A 1 28  ? -9.283  4.488   4.782   1.00 22.85 ? 25  ARG A CB  1 
ATOM   214  C  CG  . ARG A 1 28  ? -8.042  4.653   3.901   1.00 25.49 ? 25  ARG A CG  1 
ATOM   215  C  CD  . ARG A 1 28  ? -7.969  3.554   2.859   1.00 31.09 ? 25  ARG A CD  1 
ATOM   216  N  NE  . ARG A 1 28  ? -7.137  2.441   3.291   1.00 38.27 ? 25  ARG A NE  1 
ATOM   217  C  CZ  . ARG A 1 28  ? -7.538  1.171   3.300   1.00 43.39 ? 25  ARG A CZ  1 
ATOM   218  N  NH1 . ARG A 1 28  ? -8.767  0.853   2.902   1.00 43.43 ? 25  ARG A NH1 1 
ATOM   219  N  NH2 . ARG A 1 28  ? -6.713  0.216   3.709   1.00 39.38 ? 25  ARG A NH2 1 
ATOM   220  N  N   . GLN A 1 29  ? -11.540 6.330   3.546   1.00 18.92 ? 26  GLN A N   1 
ATOM   221  C  CA  . GLN A 1 29  ? -12.050 7.115   2.426   1.00 19.37 ? 26  GLN A CA  1 
ATOM   222  C  C   . GLN A 1 29  ? -12.245 8.570   2.825   1.00 19.60 ? 26  GLN A C   1 
ATOM   223  O  O   . GLN A 1 29  ? -11.898 9.477   2.061   1.00 20.58 ? 26  GLN A O   1 
ATOM   224  C  CB  . GLN A 1 29  ? -13.352 6.514   1.899   1.00 26.58 ? 26  GLN A CB  1 
ATOM   225  C  CG  . GLN A 1 29  ? -13.813 7.139   0.595   1.00 32.71 ? 26  GLN A CG  1 
ATOM   226  C  CD  . GLN A 1 29  ? -15.323 7.152   0.436   1.00 36.47 ? 26  GLN A CD  1 
ATOM   227  O  OE1 . GLN A 1 29  ? -16.004 8.087   0.870   1.00 38.02 ? 26  GLN A OE1 1 
ATOM   228  N  NE2 . GLN A 1 29  ? -15.850 6.128   -0.211  1.00 28.08 ? 26  GLN A NE2 1 
ATOM   229  N  N   . ALA A 1 30  ? -12.806 8.814   4.015   1.00 19.83 ? 27  ALA A N   1 
ATOM   230  C  CA  . ALA A 1 30  ? -12.963 10.182  4.499   1.00 20.54 ? 27  ALA A CA  1 
ATOM   231  C  C   . ALA A 1 30  ? -11.615 10.881  4.647   1.00 20.98 ? 27  ALA A C   1 
ATOM   232  O  O   . ALA A 1 30  ? -11.473 12.057  4.284   1.00 19.13 ? 27  ALA A O   1 
ATOM   233  C  CB  . ALA A 1 30  ? -13.719 10.185  5.830   1.00 21.00 ? 27  ALA A CB  1 
ATOM   234  N  N   . ARG A 1 31  ? -10.616 10.178  5.186   1.00 19.00 ? 28  ARG A N   1 
ATOM   235  C  CA  . ARG A 1 31  ? -9.299  10.776  5.369   1.00 18.39 ? 28  ARG A CA  1 
ATOM   236  C  C   . ARG A 1 31  ? -8.657  11.107  4.026   1.00 16.84 ? 28  ARG A C   1 
ATOM   237  O  O   . ARG A 1 31  ? -8.019  12.157  3.876   1.00 16.74 ? 28  ARG A O   1 
ATOM   238  C  CB  . ARG A 1 31  ? -8.409  9.830   6.182   1.00 19.62 ? 28  ARG A CB  1 
ATOM   239  C  CG  . ARG A 1 31  ? -7.023  10.371  6.502   1.00 20.70 ? 28  ARG A CG  1 
ATOM   240  C  CD  . ARG A 1 31  ? -6.416  9.700   7.741   1.00 25.34 ? 28  ARG A CD  1 
ATOM   241  N  NE  . ARG A 1 31  ? -6.851  8.312   7.898   1.00 30.81 ? 28  ARG A NE  1 
ATOM   242  C  CZ  . ARG A 1 31  ? -6.373  7.281   7.209   1.00 28.67 ? 28  ARG A CZ  1 
ATOM   243  N  NH1 . ARG A 1 31  ? -5.425  7.452   6.294   1.00 31.69 ? 28  ARG A NH1 1 
ATOM   244  N  NH2 . ARG A 1 31  ? -6.845  6.066   7.433   1.00 27.09 ? 28  ARG A NH2 1 
ATOM   245  N  N   . GLN A 1 32  ? -8.795  10.203  3.044   1.00 14.22 ? 29  GLN A N   1 
ATOM   246  C  CA  . GLN A 1 32  ? -8.319  10.483  1.691   1.00 13.98 ? 29  GLN A CA  1 
ATOM   247  C  C   . GLN A 1 32  ? -8.943  11.756  1.148   1.00 16.72 ? 29  GLN A C   1 
ATOM   248  O  O   . GLN A 1 32  ? -8.258  12.582  0.540   1.00 15.79 ? 29  GLN A O   1 
ATOM   249  C  CB  . GLN A 1 32  ? -8.656  9.314   0.769   1.00 16.49 ? 29  GLN A CB  1 
ATOM   250  C  CG  . GLN A 1 32  ? -7.775  8.099   0.991   1.00 17.36 ? 29  GLN A CG  1 
ATOM   251  C  CD  . GLN A 1 32  ? -8.322  6.838   0.349   1.00 21.22 ? 29  GLN A CD  1 
ATOM   252  O  OE1 . GLN A 1 32  ? -9.519  6.742   0.041   1.00 20.73 ? 29  GLN A OE1 1 
ATOM   253  N  NE2 . GLN A 1 32  ? -7.444  5.854   0.148   1.00 19.85 ? 29  GLN A NE2 1 
ATOM   254  N  N   . HIS A 1 33  ? -10.252 11.914  1.335   1.00 14.12 ? 30  HIS A N   1 
ATOM   255  C  CA  . HIS A 1 33  ? -10.916 13.085  0.777   1.00 17.67 ? 30  HIS A CA  1 
ATOM   256  C  C   . HIS A 1 33  ? -10.459 14.361  1.466   1.00 17.29 ? 30  HIS A C   1 
ATOM   257  O  O   . HIS A 1 33  ? -10.355 15.403  0.817   1.00 16.13 ? 30  HIS A O   1 
ATOM   258  C  CB  . HIS A 1 33  ? -12.436 12.915  0.872   1.00 19.84 ? 30  HIS A CB  1 
ATOM   259  C  CG  . HIS A 1 33  ? -12.970 11.830  -0.009  1.00 23.74 ? 30  HIS A CG  1 
ATOM   260  N  ND1 . HIS A 1 33  ? -14.301 11.469  -0.027  1.00 29.88 ? 30  HIS A ND1 1 
ATOM   261  C  CD2 . HIS A 1 33  ? -12.349 11.018  -0.896  1.00 24.17 ? 30  HIS A CD2 1 
ATOM   262  C  CE1 . HIS A 1 33  ? -14.477 10.492  -0.899  1.00 29.82 ? 30  HIS A CE1 1 
ATOM   263  N  NE2 . HIS A 1 33  ? -13.308 10.201  -1.443  1.00 25.75 ? 30  HIS A NE2 1 
ATOM   264  N  N   . VAL A 1 34  ? -10.166 14.301  2.766   1.00 15.76 ? 31  VAL A N   1 
ATOM   265  C  CA  . VAL A 1 34  ? -9.573  15.457  3.440   1.00 16.34 ? 31  VAL A CA  1 
ATOM   266  C  C   . VAL A 1 34  ? -8.264  15.855  2.767   1.00 17.23 ? 31  VAL A C   1 
ATOM   267  O  O   . VAL A 1 34  ? -8.015  17.035  2.494   1.00 16.18 ? 31  VAL A O   1 
ATOM   268  C  CB  . VAL A 1 34  ? -9.356  15.165  4.935   1.00 16.08 ? 31  VAL A CB  1 
ATOM   269  C  CG1 . VAL A 1 34  ? -8.362  16.177  5.546   1.00 14.66 ? 31  VAL A CG1 1 
ATOM   270  C  CG2 . VAL A 1 34  ? -10.678 15.202  5.674   1.00 14.98 ? 31  VAL A CG2 1 
ATOM   271  N  N   . TRP A 1 35  ? -7.407  14.871  2.483   1.00 15.24 ? 32  TRP A N   1 
ATOM   272  C  CA  . TRP A 1 35  ? -6.119  15.201  1.882   1.00 15.02 ? 32  TRP A CA  1 
ATOM   273  C  C   . TRP A 1 35  ? -6.290  15.776  0.481   1.00 16.36 ? 32  TRP A C   1 
ATOM   274  O  O   . TRP A 1 35  ? -5.555  16.687  0.081   1.00 16.40 ? 32  TRP A O   1 
ATOM   275  C  CB  . TRP A 1 35  ? -5.217  13.962  1.853   1.00 16.60 ? 32  TRP A CB  1 
ATOM   276  C  CG  . TRP A 1 35  ? -4.484  13.760  3.150   1.00 18.51 ? 32  TRP A CG  1 
ATOM   277  C  CD1 . TRP A 1 35  ? -5.030  13.624  4.394   1.00 21.10 ? 32  TRP A CD1 1 
ATOM   278  C  CD2 . TRP A 1 35  ? -3.066  13.688  3.323   1.00 16.79 ? 32  TRP A CD2 1 
ATOM   279  N  NE1 . TRP A 1 35  ? -4.035  13.462  5.338   1.00 20.59 ? 32  TRP A NE1 1 
ATOM   280  C  CE2 . TRP A 1 35  ? -2.820  13.503  4.701   1.00 21.35 ? 32  TRP A CE2 1 
ATOM   281  C  CE3 . TRP A 1 35  ? -1.979  13.766  2.446   1.00 16.67 ? 32  TRP A CE3 1 
ATOM   282  C  CZ2 . TRP A 1 35  ? -1.535  13.393  5.218   1.00 20.50 ? 32  TRP A CZ2 1 
ATOM   283  C  CZ3 . TRP A 1 35  ? -0.700  13.652  2.962   1.00 19.15 ? 32  TRP A CZ3 1 
ATOM   284  C  CH2 . TRP A 1 35  ? -0.488  13.473  4.337   1.00 20.44 ? 32  TRP A CH2 1 
ATOM   285  N  N   . LEU A 1 36  ? -7.261  15.260  -0.279  1.00 14.66 ? 33  LEU A N   1 
ATOM   286  C  CA  . LEU A 1 36  ? -7.517  15.787  -1.609  1.00 14.38 ? 33  LEU A CA  1 
ATOM   287  C  C   . LEU A 1 36  ? -8.054  17.214  -1.564  1.00 15.73 ? 33  LEU A C   1 
ATOM   288  O  O   . LEU A 1 36  ? -7.904  17.954  -2.539  1.00 14.91 ? 33  LEU A O   1 
ATOM   289  C  CB  . LEU A 1 36  ? -8.506  14.891  -2.351  1.00 15.81 ? 33  LEU A CB  1 
ATOM   290  C  CG  . LEU A 1 36  ? -8.102  13.439  -2.609  1.00 14.20 ? 33  LEU A CG  1 
ATOM   291  C  CD1 . LEU A 1 36  ? -9.290  12.629  -3.125  1.00 19.18 ? 33  LEU A CD1 1 
ATOM   292  C  CD2 . LEU A 1 36  ? -6.934  13.358  -3.593  1.00 16.71 ? 33  LEU A CD2 1 
ATOM   293  N  N   . LYS A 1 37  ? -8.712  17.601  -0.472  1.00 14.68 ? 34  LYS A N   1 
ATOM   294  C  CA  . LYS A 1 37  ? -9.181  18.975  -0.360  1.00 15.86 ? 34  LYS A CA  1 
ATOM   295  C  C   . LYS A 1 37  ? -8.095  19.911  0.155   1.00 18.92 ? 34  LYS A C   1 
ATOM   296  O  O   . LYS A 1 37  ? -8.037  21.074  -0.267  1.00 18.74 ? 34  LYS A O   1 
ATOM   297  C  CB  . LYS A 1 37  ? -10.421 19.037  0.525   1.00 15.29 ? 34  LYS A CB  1 
ATOM   298  C  CG  . LYS A 1 37  ? -11.631 18.389  -0.136  1.00 17.67 ? 34  LYS A CG  1 
ATOM   299  C  CD  . LYS A 1 37  ? -12.788 18.252  0.848   1.00 19.62 ? 34  LYS A CD  1 
ATOM   300  C  CE  . LYS A 1 37  ? -13.937 17.482  0.206   1.00 24.70 ? 34  LYS A CE  1 
ATOM   301  N  NZ  . LYS A 1 37  ? -15.069 17.262  1.152   1.00 27.29 ? 34  LYS A NZ  1 
ATOM   302  N  N   . ARG A 1 38  ? -7.208  19.422  1.025   1.00 16.21 ? 35  ARG A N   1 
ATOM   303  C  CA  . ARG A 1 38  ? -6.098  20.249  1.497   1.00 16.88 ? 35  ARG A CA  1 
ATOM   304  C  C   . ARG A 1 38  ? -5.104  20.527  0.374   1.00 19.84 ? 35  ARG A C   1 
ATOM   305  O  O   . ARG A 1 38  ? -4.641  21.663  0.212   1.00 19.18 ? 35  ARG A O   1 
ATOM   306  C  CB  . ARG A 1 38  ? -5.376  19.558  2.663   1.00 19.02 ? 35  ARG A CB  1 
ATOM   307  C  CG  . ARG A 1 38  ? -6.141  19.504  3.966   1.00 29.76 ? 35  ARG A CG  1 
ATOM   308  C  CD  . ARG A 1 38  ? -5.160  19.453  5.146   1.00 33.36 ? 35  ARG A CD  1 
ATOM   309  N  NE  . ARG A 1 38  ? -4.264  18.297  5.086   1.00 37.60 ? 35  ARG A NE  1 
ATOM   310  C  CZ  . ARG A 1 38  ? -4.081  17.441  6.090   1.00 36.42 ? 35  ARG A CZ  1 
ATOM   311  N  NH1 . ARG A 1 38  ? -4.728  17.605  7.236   1.00 36.05 ? 35  ARG A NH1 1 
ATOM   312  N  NH2 . ARG A 1 38  ? -3.253  16.420  5.950   1.00 36.50 ? 35  ARG A NH2 1 
ATOM   313  N  N   . HIS A 1 39  ? -4.757  19.498  -0.397  1.00 17.93 ? 36  HIS A N   1 
ATOM   314  C  CA  . HIS A 1 39  ? -3.840  19.621  -1.531  1.00 16.13 ? 36  HIS A CA  1 
ATOM   315  C  C   . HIS A 1 39  ? -4.517  18.975  -2.735  1.00 17.76 ? 36  HIS A C   1 
ATOM   316  O  O   . HIS A 1 39  ? -4.494  17.737  -2.870  1.00 17.82 ? 36  HIS A O   1 
ATOM   317  C  CB  . HIS A 1 39  ? -2.488  18.963  -1.247  1.00 18.35 ? 36  HIS A CB  1 
ATOM   318  C  CG  . HIS A 1 39  ? -1.719  19.617  -0.143  1.00 16.23 ? 36  HIS A CG  1 
ATOM   319  N  ND1 . HIS A 1 39  ? -1.594  19.057  1.108   1.00 22.69 ? 36  HIS A ND1 1 
ATOM   320  C  CD2 . HIS A 1 39  ? -1.054  20.793  -0.098  1.00 23.15 ? 36  HIS A CD2 1 
ATOM   321  C  CE1 . HIS A 1 39  ? -0.871  19.853  1.874   1.00 23.07 ? 36  HIS A CE1 1 
ATOM   322  N  NE2 . HIS A 1 39  ? -0.535  20.916  1.167   1.00 24.20 ? 36  HIS A NE2 1 
ATOM   323  N  N   . PRO A 1 40  ? -5.145  19.775  -3.616  1.00 18.67 ? 37  PRO A N   1 
ATOM   324  C  CA  . PRO A 1 40  ? -5.892  19.235  -4.769  1.00 17.13 ? 37  PRO A CA  1 
ATOM   325  C  C   . PRO A 1 40  ? -4.969  18.736  -5.876  1.00 18.82 ? 37  PRO A C   1 
ATOM   326  O  O   . PRO A 1 40  ? -4.920  19.278  -6.995  1.00 20.41 ? 37  PRO A O   1 
ATOM   327  C  CB  . PRO A 1 40  ? -6.749  20.436  -5.199  1.00 22.26 ? 37  PRO A CB  1 
ATOM   328  C  CG  . PRO A 1 40  ? -6.729  21.373  -4.041  1.00 22.29 ? 37  PRO A CG  1 
ATOM   329  C  CD  . PRO A 1 40  ? -5.363  21.216  -3.467  1.00 20.18 ? 37  PRO A CD  1 
ATOM   330  N  N   . VAL A 1 41  ? -4.204  17.706  -5.538  1.00 16.80 ? 38  VAL A N   1 
ATOM   331  C  CA  . VAL A 1 41  ? -3.301  16.985  -6.431  1.00 14.81 ? 38  VAL A CA  1 
ATOM   332  C  C   . VAL A 1 41  ? -3.537  15.503  -6.175  1.00 14.99 ? 38  VAL A C   1 
ATOM   333  O  O   . VAL A 1 41  ? -4.131  15.138  -5.148  1.00 16.46 ? 38  VAL A O   1 
ATOM   334  C  CB  . VAL A 1 41  ? -1.821  17.364  -6.172  1.00 16.11 ? 38  VAL A CB  1 
ATOM   335  C  CG1 . VAL A 1 41  ? -1.574  18.856  -6.476  1.00 18.12 ? 38  VAL A CG1 1 
ATOM   336  C  CG2 . VAL A 1 41  ? -1.432  17.047  -4.726  1.00 17.30 ? 38  VAL A CG2 1 
ATOM   337  N  N   . PRO A 1 42  ? -3.095  14.622  -7.078  1.00 16.41 ? 39  PRO A N   1 
ATOM   338  C  CA  . PRO A 1 42  ? -3.300  13.185  -6.849  1.00 18.30 ? 39  PRO A CA  1 
ATOM   339  C  C   . PRO A 1 42  ? -2.694  12.723  -5.531  1.00 18.29 ? 39  PRO A C   1 
ATOM   340  O  O   . PRO A 1 42  ? -1.706  13.277  -5.036  1.00 16.45 ? 39  PRO A O   1 
ATOM   341  C  CB  . PRO A 1 42  ? -2.604  12.531  -8.046  1.00 18.46 ? 39  PRO A CB  1 
ATOM   342  C  CG  . PRO A 1 42  ? -2.708  13.558  -9.121  1.00 18.92 ? 39  PRO A CG  1 
ATOM   343  C  CD  . PRO A 1 42  ? -2.583  14.891  -8.435  1.00 16.77 ? 39  PRO A CD  1 
ATOM   344  N  N   . LEU A 1 43  ? -3.301  11.680  -4.972  1.00 15.66 ? 40  LEU A N   1 
ATOM   345  C  CA  . LEU A 1 43  ? -2.952  11.161  -3.660  1.00 14.97 ? 40  LEU A CA  1 
ATOM   346  C  C   . LEU A 1 43  ? -2.541  9.704   -3.781  1.00 15.04 ? 40  LEU A C   1 
ATOM   347  O  O   . LEU A 1 43  ? -3.275  8.896   -4.361  1.00 14.93 ? 40  LEU A O   1 
ATOM   348  C  CB  . LEU A 1 43  ? -4.145  11.277  -2.695  1.00 15.27 ? 40  LEU A CB  1 
ATOM   349  C  CG  . LEU A 1 43  ? -3.995  10.629  -1.319  1.00 16.74 ? 40  LEU A CG  1 
ATOM   350  C  CD1 . LEU A 1 43  ? -2.973  11.353  -0.447  1.00 17.22 ? 40  LEU A CD1 1 
ATOM   351  C  CD2 . LEU A 1 43  ? -5.347  10.545  -0.610  1.00 18.82 ? 40  LEU A CD2 1 
ATOM   352  N  N   . VAL A 1 44  ? -1.360  9.379   -3.259  1.00 16.15 ? 41  VAL A N   1 
ATOM   353  C  CA  . VAL A 1 44  ? -0.966  7.995   -3.044  1.00 15.73 ? 41  VAL A CA  1 
ATOM   354  C  C   . VAL A 1 44  ? -1.416  7.565   -1.652  1.00 17.85 ? 41  VAL A C   1 
ATOM   355  O  O   . VAL A 1 44  ? -1.127  8.239   -0.652  1.00 15.92 ? 41  VAL A O   1 
ATOM   356  C  CB  . VAL A 1 44  ? 0.551   7.824   -3.204  1.00 14.73 ? 41  VAL A CB  1 
ATOM   357  C  CG1 . VAL A 1 44  ? 0.936   6.385   -2.893  1.00 17.57 ? 41  VAL A CG1 1 
ATOM   358  C  CG2 . VAL A 1 44  ? 0.989   8.194   -4.615  1.00 16.82 ? 41  VAL A CG2 1 
ATOM   359  N  N   . SER A 1 45  ? -2.134  6.449   -1.593  1.00 13.61 ? 42  SER A N   1 
ATOM   360  C  CA  . SER A 1 45  ? -2.593  5.832   -0.349  1.00 13.65 ? 42  SER A CA  1 
ATOM   361  C  C   . SER A 1 45  ? -2.002  4.425   -0.307  1.00 14.92 ? 42  SER A C   1 
ATOM   362  O  O   . SER A 1 45  ? -2.398  3.563   -1.094  1.00 17.92 ? 42  SER A O   1 
ATOM   363  C  CB  . SER A 1 45  ? -4.122  5.812   -0.302  1.00 19.34 ? 42  SER A CB  1 
ATOM   364  O  OG  . SER A 1 45  ? -4.612  5.363   0.944   1.00 25.34 ? 42  SER A OG  1 
ATOM   365  N  N   . PHE A 1 46  ? -1.042  4.209   0.588   1.00 14.22 ? 43  PHE A N   1 
ATOM   366  C  CA  . PHE A 1 46  ? -0.172  3.032   0.571   1.00 15.18 ? 43  PHE A CA  1 
ATOM   367  C  C   . PHE A 1 46  ? -0.399  2.180   1.818   1.00 19.21 ? 43  PHE A C   1 
ATOM   368  O  O   . PHE A 1 46  ? -0.332  2.682   2.943   1.00 17.93 ? 43  PHE A O   1 
ATOM   369  C  CB  . PHE A 1 46  ? 1.291   3.509   0.457   1.00 18.61 ? 43  PHE A CB  1 
ATOM   370  C  CG  . PHE A 1 46  ? 2.329   2.449   0.739   1.00 16.24 ? 43  PHE A CG  1 
ATOM   371  C  CD1 . PHE A 1 46  ? 2.246   1.200   0.161   1.00 17.46 ? 43  PHE A CD1 1 
ATOM   372  C  CD2 . PHE A 1 46  ? 3.427   2.743   1.547   1.00 19.41 ? 43  PHE A CD2 1 
ATOM   373  C  CE1 . PHE A 1 46  ? 3.217   0.249   0.404   1.00 21.21 ? 43  PHE A CE1 1 
ATOM   374  C  CE2 . PHE A 1 46  ? 4.408   1.797   1.791   1.00 16.16 ? 43  PHE A CE2 1 
ATOM   375  C  CZ  . PHE A 1 46  ? 4.295   0.547   1.230   1.00 18.34 ? 43  PHE A CZ  1 
ATOM   376  N  N   . THR A 1 47  ? -0.692  0.895   1.611   1.00 16.07 ? 44  THR A N   1 
ATOM   377  C  CA  . THR A 1 47  ? -0.763  -0.094  2.680   1.00 16.44 ? 44  THR A CA  1 
ATOM   378  C  C   . THR A 1 47  ? 0.029   -1.307  2.224   1.00 18.01 ? 44  THR A C   1 
ATOM   379  O  O   . THR A 1 47  ? 0.447   -1.404  1.067   1.00 17.96 ? 44  THR A O   1 
ATOM   380  C  CB  . THR A 1 47  ? -2.210  -0.500  3.031   1.00 20.69 ? 44  THR A CB  1 
ATOM   381  O  OG1 . THR A 1 47  ? -2.906  -0.963  1.865   1.00 18.99 ? 44  THR A OG1 1 
ATOM   382  C  CG2 . THR A 1 47  ? -2.975  0.672   3.658   1.00 21.81 ? 44  THR A CG2 1 
ATOM   383  N  N   . VAL A 1 48  ? 0.262   -2.231  3.145   1.00 19.28 ? 45  VAL A N   1 
ATOM   384  C  CA  . VAL A 1 48  ? 1.023   -3.428  2.816   1.00 15.97 ? 45  VAL A CA  1 
ATOM   385  C  C   . VAL A 1 48  ? 0.127   -4.645  2.980   1.00 22.13 ? 45  VAL A C   1 
ATOM   386  O  O   . VAL A 1 48  ? -0.890  -4.618  3.681   1.00 22.04 ? 45  VAL A O   1 
ATOM   387  C  CB  . VAL A 1 48  ? 2.299   -3.545  3.669   1.00 21.33 ? 45  VAL A CB  1 
ATOM   388  C  CG1 . VAL A 1 48  ? 3.081   -2.241  3.597   1.00 22.88 ? 45  VAL A CG1 1 
ATOM   389  C  CG2 . VAL A 1 48  ? 1.963   -3.858  5.092   1.00 21.60 ? 45  VAL A CG2 1 
ATOM   390  N  N   . VAL A 1 49  ? 0.494   -5.717  2.271   1.00 19.41 ? 46  VAL A N   1 
ATOM   391  C  CA  . VAL A 1 49  ? -0.180  -6.991  2.465   1.00 23.32 ? 46  VAL A CA  1 
ATOM   392  C  C   . VAL A 1 49  ? 0.012   -7.420  3.910   1.00 24.95 ? 46  VAL A C   1 
ATOM   393  O  O   . VAL A 1 49  ? 1.139   -7.479  4.417   1.00 23.36 ? 46  VAL A O   1 
ATOM   394  C  CB  . VAL A 1 49  ? 0.352   -8.039  1.477   1.00 28.14 ? 46  VAL A CB  1 
ATOM   395  C  CG1 . VAL A 1 49  ? -0.331  -9.373  1.713   1.00 33.21 ? 46  VAL A CG1 1 
ATOM   396  C  CG2 . VAL A 1 49  ? 0.152   -7.563  0.042   1.00 29.08 ? 46  VAL A CG2 1 
ATOM   397  N  N   . ALA A 1 50  ? -1.091  -7.660  4.607   1.00 25.70 ? 47  ALA A N   1 
ATOM   398  C  CA  . ALA A 1 50  ? -1.056  -7.875  6.052   1.00 23.44 ? 47  ALA A CA  1 
ATOM   399  C  C   . ALA A 1 50  ? -2.176  -8.825  6.421   1.00 25.16 ? 47  ALA A C   1 
ATOM   400  O  O   . ALA A 1 50  ? -3.212  -8.425  6.970   1.00 25.15 ? 47  ALA A O   1 
ATOM   401  C  CB  . ALA A 1 50  ? -1.175  -6.552  6.813   1.00 23.66 ? 47  ALA A CB  1 
ATOM   402  N  N   . PRO A 1 51  ? -2.001  -10.104 6.139   1.00 22.84 ? 48  PRO A N   1 
ATOM   403  C  CA  . PRO A 1 51  ? -3.093  -11.053 6.340   1.00 24.89 ? 48  PRO A CA  1 
ATOM   404  C  C   . PRO A 1 51  ? -3.285  -11.369 7.812   1.00 22.25 ? 48  PRO A C   1 
ATOM   405  O  O   . PRO A 1 51  ? -2.353  -11.324 8.621   1.00 23.60 ? 48  PRO A O   1 
ATOM   406  C  CB  . PRO A 1 51  ? -2.641  -12.291 5.550   1.00 27.67 ? 48  PRO A CB  1 
ATOM   407  C  CG  . PRO A 1 51  ? -1.311  -11.922 4.906   1.00 30.28 ? 48  PRO A CG  1 
ATOM   408  C  CD  . PRO A 1 51  ? -0.774  -10.763 5.665   1.00 29.07 ? 48  PRO A CD  1 
ATOM   409  N  N   . GLY A 1 52  ? -4.519  -11.686 8.160   1.00 21.55 ? 49  GLY A N   1 
ATOM   410  C  CA  . GLY A 1 52  ? -4.814  -12.101 9.505   1.00 21.63 ? 49  GLY A CA  1 
ATOM   411  C  C   . GLY A 1 52  ? -5.156  -10.931 10.400  1.00 20.40 ? 49  GLY A C   1 
ATOM   412  O  O   . GLY A 1 52  ? -5.220  -9.776  9.972   1.00 20.84 ? 49  GLY A O   1 
ATOM   413  N  N   . PRO A 1 53  ? -5.387  -11.221 11.668  1.00 22.41 ? 50  PRO A N   1 
ATOM   414  C  CA  . PRO A 1 53  ? -5.910  -10.204 12.585  1.00 25.21 ? 50  PRO A CA  1 
ATOM   415  C  C   . PRO A 1 53  ? -4.878  -9.191  13.048  1.00 21.64 ? 50  PRO A C   1 
ATOM   416  O  O   . PRO A 1 53  ? -5.234  -8.062  13.379  1.00 22.73 ? 50  PRO A O   1 
ATOM   417  C  CB  . PRO A 1 53  ? -6.428  -11.044 13.762  1.00 25.58 ? 50  PRO A CB  1 
ATOM   418  C  CG  . PRO A 1 53  ? -5.648  -12.297 13.705  1.00 26.88 ? 50  PRO A CG  1 
ATOM   419  C  CD  . PRO A 1 53  ? -5.387  -12.566 12.266  1.00 27.75 ? 50  PRO A CD  1 
ATOM   420  N  N   . ILE A 1 54  ? -3.603  -9.556  13.083  1.00 22.54 ? 51  ILE A N   1 
ATOM   421  C  CA  . ILE A 1 54  ? -2.561  -8.653  13.564  1.00 21.51 ? 51  ILE A CA  1 
ATOM   422  C  C   . ILE A 1 54  ? -1.860  -8.071  12.339  1.00 21.23 ? 51  ILE A C   1 
ATOM   423  O  O   . ILE A 1 54  ? -1.111  -8.760  11.644  1.00 21.88 ? 51  ILE A O   1 
ATOM   424  C  CB  . ILE A 1 54  ? -1.598  -9.372  14.516  1.00 24.53 ? 51  ILE A CB  1 
ATOM   425  C  CG1 . ILE A 1 54  ? -2.353  -9.725  15.807  1.00 28.14 ? 51  ILE A CG1 1 
ATOM   426  C  CG2 . ILE A 1 54  ? -0.382  -8.509  14.825  1.00 25.75 ? 51  ILE A CG2 1 
ATOM   427  C  CD1 . ILE A 1 54  ? -1.472  -10.088 16.986  1.00 29.43 ? 51  ILE A CD1 1 
ATOM   428  N  N   . LYS A 1 55  ? -2.123  -6.799  12.044  1.00 19.69 ? 52  LYS A N   1 
ATOM   429  C  CA  . LYS A 1 55  ? -1.609  -6.204  10.824  1.00 18.39 ? 52  LYS A CA  1 
ATOM   430  C  C   . LYS A 1 55  ? -0.446  -5.255  11.045  1.00 19.44 ? 52  LYS A C   1 
ATOM   431  O  O   . LYS A 1 55  ? 0.210   -4.873  10.065  1.00 19.81 ? 52  LYS A O   1 
ATOM   432  C  CB  . LYS A 1 55  ? -2.741  -5.477  10.080  1.00 20.80 ? 52  LYS A CB  1 
ATOM   433  C  CG  . LYS A 1 55  ? -3.891  -6.442  9.742   1.00 23.54 ? 52  LYS A CG  1 
ATOM   434  C  CD  . LYS A 1 55  ? -4.911  -5.853  8.808   1.00 21.73 ? 52  LYS A CD  1 
ATOM   435  C  CE  . LYS A 1 55  ? -6.114  -6.784  8.681   1.00 25.87 ? 52  LYS A CE  1 
ATOM   436  N  NZ  . LYS A 1 55  ? -5.763  -8.039  7.950   1.00 20.10 ? 52  LYS A NZ  1 
ATOM   437  N  N   . ASP A 1 56  ? -0.171  -4.865  12.283  1.00 17.86 ? 53  ASP A N   1 
ATOM   438  C  CA  . ASP A 1 56  ? 0.968   -4.004  12.617  1.00 17.57 ? 53  ASP A CA  1 
ATOM   439  C  C   . ASP A 1 56  ? 1.992   -4.873  13.343  1.00 16.35 ? 53  ASP A C   1 
ATOM   440  O  O   . ASP A 1 56  ? 1.925   -5.054  14.557  1.00 18.08 ? 53  ASP A O   1 
ATOM   441  C  CB  . ASP A 1 56  ? 0.536   -2.804  13.466  1.00 18.04 ? 53  ASP A CB  1 
ATOM   442  C  CG  . ASP A 1 56  ? 1.701   -1.884  13.826  1.00 20.87 ? 53  ASP A CG  1 
ATOM   443  O  OD1 . ASP A 1 56  ? 2.668   -1.824  13.035  1.00 22.16 ? 53  ASP A OD1 1 
ATOM   444  O  OD2 . ASP A 1 56  ? 1.651   -1.228  14.889  1.00 18.93 ? 53  ASP A OD2 1 
ATOM   445  N  N   . SER A 1 57  ? 2.953   -5.402  12.581  1.00 17.99 ? 54  SER A N   1 
ATOM   446  C  CA  . SER A 1 57  ? 3.959   -6.332  13.074  1.00 18.47 ? 54  SER A CA  1 
ATOM   447  C  C   . SER A 1 57  ? 5.336   -5.828  12.665  1.00 17.10 ? 54  SER A C   1 
ATOM   448  O  O   . SER A 1 57  ? 5.462   -4.885  11.877  1.00 14.84 ? 54  SER A O   1 
ATOM   449  C  CB  . SER A 1 57  ? 3.708   -7.744  12.523  1.00 21.97 ? 54  SER A CB  1 
ATOM   450  O  OG  . SER A 1 57  ? 3.998   -7.804  11.127  1.00 19.06 ? 54  SER A OG  1 
ATOM   451  N  N   . GLU A 1 58  ? 6.392   -6.462  13.195  1.00 16.52 ? 55  GLU A N   1 
ATOM   452  C  CA  . GLU A 1 58  ? 7.736   -6.092  12.765  1.00 19.04 ? 55  GLU A CA  1 
ATOM   453  C  C   . GLU A 1 58  ? 7.892   -6.306  11.266  1.00 17.97 ? 55  GLU A C   1 
ATOM   454  O  O   . GLU A 1 58  ? 8.523   -5.496  10.575  1.00 18.14 ? 55  GLU A O   1 
ATOM   455  C  CB  . GLU A 1 58  ? 8.788   -6.903  13.533  1.00 18.27 ? 55  GLU A CB  1 
ATOM   456  C  CG  . GLU A 1 58  ? 8.865   -6.566  15.020  1.00 24.55 ? 55  GLU A CG  1 
ATOM   457  C  CD  . GLU A 1 58  ? 7.836   -7.309  15.855  1.00 23.76 ? 55  GLU A CD  1 
ATOM   458  O  OE1 . GLU A 1 58  ? 6.984   -8.035  15.292  1.00 25.48 ? 55  GLU A OE1 1 
ATOM   459  O  OE2 . GLU A 1 58  ? 7.883   -7.158  17.089  1.00 30.31 ? 55  GLU A OE2 1 
ATOM   460  N  N   . VAL A 1 59  ? 7.285   -7.373  10.741  1.00 18.59 ? 56  VAL A N   1 
ATOM   461  C  CA  . VAL A 1 59  ? 7.388   -7.676  9.315   1.00 19.59 ? 56  VAL A CA  1 
ATOM   462  C  C   . VAL A 1 59  ? 6.664   -6.625  8.480   1.00 17.32 ? 56  VAL A C   1 
ATOM   463  O  O   . VAL A 1 59  ? 7.216   -6.110  7.500   1.00 17.14 ? 56  VAL A O   1 
ATOM   464  C  CB  . VAL A 1 59  ? 6.849   -9.088  9.027   1.00 24.41 ? 56  VAL A CB  1 
ATOM   465  C  CG1 . VAL A 1 59  ? 6.817   -9.344  7.517   1.00 21.84 ? 56  VAL A CG1 1 
ATOM   466  C  CG2 . VAL A 1 59  ? 7.698   -10.128 9.737   1.00 24.31 ? 56  VAL A CG2 1 
ATOM   467  N  N   . THR A 1 60  ? 5.413   -6.297  8.829   1.00 17.44 ? 57  THR A N   1 
ATOM   468  C  CA  . THR A 1 60  ? 4.723   -5.312  8.000   1.00 17.74 ? 57  THR A CA  1 
ATOM   469  C  C   . THR A 1 60  ? 5.379   -3.941  8.089   1.00 18.93 ? 57  THR A C   1 
ATOM   470  O  O   . THR A 1 60  ? 5.414   -3.219  7.086   1.00 16.55 ? 57  THR A O   1 
ATOM   471  C  CB  . THR A 1 60  ? 3.221   -5.201  8.332   1.00 17.33 ? 57  THR A CB  1 
ATOM   472  O  OG1 . THR A 1 60  ? 3.017   -4.798  9.701   1.00 18.48 ? 57  THR A OG1 1 
ATOM   473  C  CG2 . THR A 1 60  ? 2.499   -6.521  8.050   1.00 18.02 ? 57  THR A CG2 1 
ATOM   474  N  N   . ARG A 1 61  ? 5.928   -3.571  9.248   1.00 16.51 ? 58  ARG A N   1 
ATOM   475  C  CA  . ARG A 1 61  ? 6.625   -2.291  9.309   1.00 15.46 ? 58  ARG A CA  1 
ATOM   476  C  C   . ARG A 1 61  ? 7.877   -2.303  8.443   1.00 14.31 ? 58  ARG A C   1 
ATOM   477  O  O   . ARG A 1 61  ? 8.175   -1.316  7.762   1.00 15.59 ? 58  ARG A O   1 
ATOM   478  C  CB  . ARG A 1 61  ? 6.972   -1.928  10.751  1.00 16.81 ? 58  ARG A CB  1 
ATOM   479  C  CG  . ARG A 1 61  ? 5.743   -1.509  11.540  1.00 17.16 ? 58  ARG A CG  1 
ATOM   480  C  CD  . ARG A 1 61  ? 6.103   -0.929  12.910  1.00 16.50 ? 58  ARG A CD  1 
ATOM   481  N  NE  . ARG A 1 61  ? 4.904   -0.421  13.585  1.00 19.10 ? 58  ARG A NE  1 
ATOM   482  C  CZ  . ARG A 1 61  ? 4.902   0.567   14.476  1.00 20.80 ? 58  ARG A CZ  1 
ATOM   483  N  NH1 . ARG A 1 61  ? 6.043   1.166   14.819  1.00 17.58 ? 58  ARG A NH1 1 
ATOM   484  N  NH2 . ARG A 1 61  ? 3.753   0.945   15.034  1.00 17.93 ? 58  ARG A NH2 1 
ATOM   485  N  N   . ARG A 1 62  ? 8.630   -3.410  8.452   1.00 16.57 ? 59  ARG A N   1 
ATOM   486  C  CA  . ARG A 1 62  ? 9.816   -3.479  7.601   1.00 15.69 ? 59  ARG A CA  1 
ATOM   487  C  C   . ARG A 1 62  ? 9.436   -3.408  6.122   1.00 18.47 ? 59  ARG A C   1 
ATOM   488  O  O   . ARG A 1 62  ? 10.070  -2.682  5.343   1.00 18.96 ? 59  ARG A O   1 
ATOM   489  C  CB  . ARG A 1 62  ? 10.611  -4.750  7.915   1.00 14.99 ? 59  ARG A CB  1 
ATOM   490  C  CG  . ARG A 1 62  ? 11.418  -4.645  9.214   1.00 17.98 ? 59  ARG A CG  1 
ATOM   491  C  CD  . ARG A 1 62  ? 11.879  -6.002  9.787   1.00 20.65 ? 59  ARG A CD  1 
ATOM   492  N  NE  . ARG A 1 62  ? 12.405  -5.803  11.141  1.00 23.29 ? 59  ARG A NE  1 
ATOM   493  C  CZ  . ARG A 1 62  ? 12.422  -6.727  12.099  1.00 22.16 ? 59  ARG A CZ  1 
ATOM   494  N  NH1 . ARG A 1 62  ? 11.978  -7.952  11.851  1.00 21.55 ? 59  ARG A NH1 1 
ATOM   495  N  NH2 . ARG A 1 62  ? 12.904  -6.425  13.302  1.00 22.32 ? 59  ARG A NH2 1 
ATOM   496  N  N   . ILE A 1 63  ? 8.368   -4.106  5.727   1.00 16.73 ? 60  ILE A N   1 
ATOM   497  C  CA  . ILE A 1 63  ? 7.877   -4.011  4.349   1.00 19.40 ? 60  ILE A CA  1 
ATOM   498  C  C   . ILE A 1 63  ? 7.472   -2.580  4.020   1.00 15.72 ? 60  ILE A C   1 
ATOM   499  O  O   . ILE A 1 63  ? 7.830   -2.041  2.966   1.00 17.22 ? 60  ILE A O   1 
ATOM   500  C  CB  . ILE A 1 63  ? 6.706   -4.982  4.130   1.00 20.17 ? 60  ILE A CB  1 
ATOM   501  C  CG1 . ILE A 1 63  ? 7.183   -6.425  4.250   1.00 19.66 ? 60  ILE A CG1 1 
ATOM   502  C  CG2 . ILE A 1 63  ? 6.029   -4.720  2.781   1.00 18.27 ? 60  ILE A CG2 1 
ATOM   503  C  CD1 . ILE A 1 63  ? 6.036   -7.403  4.443   1.00 25.70 ? 60  ILE A CD1 1 
ATOM   504  N  N   . PHE A 1 64  ? 6.693   -1.959  4.909   1.00 17.18 ? 61  PHE A N   1 
ATOM   505  C  CA  . PHE A 1 64  ? 6.238   -0.582  4.716   1.00 16.65 ? 61  PHE A CA  1 
ATOM   506  C  C   . PHE A 1 64  ? 7.410   0.374   4.555   1.00 16.40 ? 61  PHE A C   1 
ATOM   507  O  O   . PHE A 1 64  ? 7.406   1.227   3.660   1.00 14.82 ? 61  PHE A O   1 
ATOM   508  C  CB  . PHE A 1 64  ? 5.369   -0.169  5.912   1.00 14.96 ? 61  PHE A CB  1 
ATOM   509  C  CG  . PHE A 1 64  ? 4.847   1.246   5.844   1.00 16.23 ? 61  PHE A CG  1 
ATOM   510  C  CD1 . PHE A 1 64  ? 3.721   1.539   5.100   1.00 18.25 ? 61  PHE A CD1 1 
ATOM   511  C  CD2 . PHE A 1 64  ? 5.457   2.262   6.566   1.00 15.63 ? 61  PHE A CD2 1 
ATOM   512  C  CE1 . PHE A 1 64  ? 3.223   2.833   5.037   1.00 18.00 ? 61  PHE A CE1 1 
ATOM   513  C  CE2 . PHE A 1 64  ? 4.970   3.562   6.507   1.00 16.54 ? 61  PHE A CE2 1 
ATOM   514  C  CZ  . PHE A 1 64  ? 3.847   3.843   5.746   1.00 18.37 ? 61  PHE A CZ  1 
ATOM   515  N  N   . ASN A 1 65  ? 8.433   0.240   5.402   1.00 16.30 ? 62  ASN A N   1 
ATOM   516  C  CA  . ASN A 1 65  ? 9.539   1.188   5.363   1.00 17.94 ? 62  ASN A CA  1 
ATOM   517  C  C   . ASN A 1 65  ? 10.276  1.135   4.025   1.00 18.78 ? 62  ASN A C   1 
ATOM   518  O  O   . ASN A 1 65  ? 10.690  2.175   3.498   1.00 18.29 ? 62  ASN A O   1 
ATOM   519  C  CB  . ASN A 1 65  ? 10.481  0.927   6.538   1.00 18.78 ? 62  ASN A CB  1 
ATOM   520  C  CG  . ASN A 1 65  ? 9.891   1.393   7.860   1.00 19.60 ? 62  ASN A CG  1 
ATOM   521  O  OD1 . ASN A 1 65  ? 9.003   2.245   7.890   1.00 20.81 ? 62  ASN A OD1 1 
ATOM   522  N  ND2 . ASN A 1 65  ? 10.367  0.822   8.957   1.00 17.39 ? 62  ASN A ND2 1 
ATOM   523  N  N   . HIS A 1 66  ? 10.437  -0.064  3.450   1.00 16.83 ? 63  HIS A N   1 
ATOM   524  C  CA  . HIS A 1 66  ? 11.006  -0.162  2.100   1.00 16.98 ? 63  HIS A CA  1 
ATOM   525  C  C   . HIS A 1 66  ? 10.131  0.553   1.075   1.00 18.12 ? 63  HIS A C   1 
ATOM   526  O  O   . HIS A 1 66  ? 10.641  1.154   0.118   1.00 16.78 ? 63  HIS A O   1 
ATOM   527  C  CB  . HIS A 1 66  ? 11.172  -1.628  1.689   1.00 17.17 ? 63  HIS A CB  1 
ATOM   528  C  CG  . HIS A 1 66  ? 12.367  -2.302  2.286   1.00 20.33 ? 63  HIS A CG  1 
ATOM   529  N  ND1 . HIS A 1 66  ? 13.645  -2.116  1.808   1.00 23.45 ? 63  HIS A ND1 1 
ATOM   530  C  CD2 . HIS A 1 66  ? 12.469  -3.209  3.288   1.00 24.67 ? 63  HIS A CD2 1 
ATOM   531  C  CE1 . HIS A 1 66  ? 14.489  -2.853  2.510   1.00 30.87 ? 63  HIS A CE1 1 
ATOM   532  N  NE2 . HIS A 1 66  ? 13.802  -3.524  3.417   1.00 26.54 ? 63  HIS A NE2 1 
ATOM   533  N  N   . GLY A 1 67  ? 8.809   0.472   1.242   1.00 17.37 ? 64  GLY A N   1 
ATOM   534  C  CA  . GLY A 1 67  ? 7.912   1.097   0.286   1.00 16.88 ? 64  GLY A CA  1 
ATOM   535  C  C   . GLY A 1 67  ? 7.952   2.609   0.356   1.00 18.16 ? 64  GLY A C   1 
ATOM   536  O  O   . GLY A 1 67  ? 7.855   3.292   -0.670  1.00 17.11 ? 64  GLY A O   1 
ATOM   537  N  N   . VAL A 1 68  ? 8.102   3.156   1.562   1.00 16.36 ? 65  VAL A N   1 
ATOM   538  C  CA  . VAL A 1 68  ? 8.265   4.601   1.694   1.00 18.75 ? 65  VAL A CA  1 
ATOM   539  C  C   . VAL A 1 68  ? 9.497   5.063   0.930   1.00 19.07 ? 65  VAL A C   1 
ATOM   540  O  O   . VAL A 1 68  ? 9.459   6.054   0.186   1.00 16.80 ? 65  VAL A O   1 
ATOM   541  C  CB  . VAL A 1 68  ? 8.346   4.998   3.179   1.00 20.68 ? 65  VAL A CB  1 
ATOM   542  C  CG1 . VAL A 1 68  ? 8.855   6.421   3.297   1.00 22.65 ? 65  VAL A CG1 1 
ATOM   543  C  CG2 . VAL A 1 68  ? 6.989   4.840   3.844   1.00 20.21 ? 65  VAL A CG2 1 
ATOM   544  N  N   . THR A 1 69  ? 10.612  4.357   1.119   1.00 16.88 ? 66  THR A N   1 
ATOM   545  C  CA  . THR A 1 69  ? 11.847  4.697   0.420   1.00 19.59 ? 66  THR A CA  1 
ATOM   546  C  C   . THR A 1 69  ? 11.653  4.656   -1.090  1.00 18.81 ? 66  THR A C   1 
ATOM   547  O  O   . THR A 1 69  ? 12.081  5.569   -1.805  1.00 21.19 ? 66  THR A O   1 
ATOM   548  C  CB  . THR A 1 69  ? 12.956  3.737   0.852   1.00 22.57 ? 66  THR A CB  1 
ATOM   549  O  OG1 . THR A 1 69  ? 13.228  3.913   2.253   1.00 25.07 ? 66  THR A OG1 1 
ATOM   550  C  CG2 . THR A 1 69  ? 14.226  3.968   0.035   1.00 22.42 ? 66  THR A CG2 1 
ATOM   551  N  N   . ALA A 1 70  ? 10.988  3.607   -1.593  1.00 16.85 ? 67  ALA A N   1 
ATOM   552  C  CA  . ALA A 1 70  ? 10.818  3.448   -3.034  1.00 15.79 ? 67  ALA A CA  1 
ATOM   553  C  C   . ALA A 1 70  ? 9.887   4.503   -3.612  1.00 17.01 ? 67  ALA A C   1 
ATOM   554  O  O   . ALA A 1 70  ? 10.101  4.971   -4.737  1.00 16.97 ? 67  ALA A O   1 
ATOM   555  C  CB  . ALA A 1 70  ? 10.293  2.050   -3.354  1.00 19.50 ? 67  ALA A CB  1 
ATOM   556  N  N   . LEU A 1 71  ? 8.841   4.876   -2.873  1.00 16.69 ? 68  LEU A N   1 
ATOM   557  C  CA  . LEU A 1 71  ? 7.913   5.881   -3.379  1.00 14.70 ? 68  LEU A CA  1 
ATOM   558  C  C   . LEU A 1 71  ? 8.577   7.252   -3.437  1.00 17.10 ? 68  LEU A C   1 
ATOM   559  O  O   . LEU A 1 71  ? 8.353   8.015   -4.381  1.00 17.58 ? 68  LEU A O   1 
ATOM   560  C  CB  . LEU A 1 71  ? 6.645   5.911   -2.510  1.00 16.55 ? 68  LEU A CB  1 
ATOM   561  C  CG  . LEU A 1 71  ? 5.630   4.786   -2.781  1.00 16.42 ? 68  LEU A CG  1 
ATOM   562  C  CD1 . LEU A 1 71  ? 4.581   4.706   -1.648  1.00 17.09 ? 68  LEU A CD1 1 
ATOM   563  C  CD2 . LEU A 1 71  ? 4.950   4.947   -4.143  1.00 18.35 ? 68  LEU A CD2 1 
ATOM   564  N  N   . ARG A 1 72  ? 9.405   7.583   -2.439  1.00 18.64 ? 69  ARG A N   1 
ATOM   565  C  CA  . ARG A 1 72  ? 10.133  8.847   -2.489  1.00 18.01 ? 69  ARG A CA  1 
ATOM   566  C  C   . ARG A 1 72  ? 11.126  8.860   -3.649  1.00 19.11 ? 69  ARG A C   1 
ATOM   567  O  O   . ARG A 1 72  ? 11.311  9.895   -4.300  1.00 18.08 ? 69  ARG A O   1 
ATOM   568  C  CB  . ARG A 1 72  ? 10.855  9.094   -1.166  1.00 17.28 ? 69  ARG A CB  1 
ATOM   569  C  CG  . ARG A 1 72  ? 9.949   9.497   -0.009  1.00 20.42 ? 69  ARG A CG  1 
ATOM   570  C  CD  . ARG A 1 72  ? 10.718  9.400   1.292   1.00 23.15 ? 69  ARG A CD  1 
ATOM   571  N  NE  . ARG A 1 72  ? 9.986   9.993   2.399   1.00 24.95 ? 69  ARG A NE  1 
ATOM   572  C  CZ  . ARG A 1 72  ? 10.386  9.969   3.665   1.00 24.18 ? 69  ARG A CZ  1 
ATOM   573  N  NH1 . ARG A 1 72  ? 11.515  9.361   4.008   1.00 28.55 ? 69  ARG A NH1 1 
ATOM   574  N  NH2 . ARG A 1 72  ? 9.640   10.551  4.596   1.00 27.11 ? 69  ARG A NH2 1 
ATOM   575  N  N   . ALA A 1 73  ? 11.757  7.714   -3.939  1.00 19.52 ? 70  ALA A N   1 
ATOM   576  C  CA  . ALA A 1 73  ? 12.688  7.662   -5.064  1.00 19.07 ? 70  ALA A CA  1 
ATOM   577  C  C   . ALA A 1 73  ? 11.950  7.756   -6.389  1.00 20.14 ? 70  ALA A C   1 
ATOM   578  O  O   . ALA A 1 73  ? 12.463  8.349   -7.345  1.00 18.98 ? 70  ALA A O   1 
ATOM   579  C  CB  . ALA A 1 73  ? 13.521  6.382   -5.018  1.00 20.19 ? 70  ALA A CB  1 
ATOM   580  N  N   . LEU A 1 74  ? 10.747  7.176   -6.459  1.00 18.30 ? 71  LEU A N   1 
ATOM   581  C  CA  . LEU A 1 74  ? 9.916   7.296   -7.655  1.00 16.50 ? 71  LEU A CA  1 
ATOM   582  C  C   . LEU A 1 74  ? 9.556   8.754   -7.922  1.00 15.85 ? 71  LEU A C   1 
ATOM   583  O  O   . LEU A 1 74  ? 9.687   9.245   -9.053  1.00 19.45 ? 71  LEU A O   1 
ATOM   584  C  CB  . LEU A 1 74  ? 8.652   6.443   -7.491  1.00 19.62 ? 71  LEU A CB  1 
ATOM   585  C  CG  . LEU A 1 74  ? 7.530   6.450   -8.537  1.00 23.04 ? 71  LEU A CG  1 
ATOM   586  C  CD1 . LEU A 1 74  ? 6.761   5.147   -8.487  1.00 25.27 ? 71  LEU A CD1 1 
ATOM   587  C  CD2 . LEU A 1 74  ? 6.544   7.615   -8.365  1.00 22.97 ? 71  LEU A CD2 1 
ATOM   588  N  N   . ALA A 1 75  ? 9.088   9.460   -6.894  1.00 14.41 ? 72  ALA A N   1 
ATOM   589  C  CA  . ALA A 1 75  ? 8.713   10.857  -7.088  1.00 15.40 ? 72  ALA A CA  1 
ATOM   590  C  C   . ALA A 1 75  ? 9.899   11.677  -7.570  1.00 18.89 ? 72  ALA A C   1 
ATOM   591  O  O   . ALA A 1 75  ? 9.754   12.514  -8.467  1.00 18.14 ? 72  ALA A O   1 
ATOM   592  C  CB  . ALA A 1 75  ? 8.131   11.456  -5.805  1.00 17.22 ? 72  ALA A CB  1 
ATOM   593  N  N   . ALA A 1 76  ? 11.081  11.461  -6.983  1.00 18.59 ? 73  ALA A N   1 
ATOM   594  C  CA  . ALA A 1 76  ? 12.245  12.244  -7.397  1.00 20.87 ? 73  ALA A CA  1 
ATOM   595  C  C   . ALA A 1 76  ? 12.664  11.909  -8.824  1.00 20.60 ? 73  ALA A C   1 
ATOM   596  O  O   . ALA A 1 76  ? 13.036  12.806  -9.594  1.00 20.77 ? 73  ALA A O   1 
ATOM   597  C  CB  . ALA A 1 76  ? 13.416  12.014  -6.441  1.00 20.88 ? 73  ALA A CB  1 
ATOM   598  N  N   . LYS A 1 77  ? 12.607  10.627  -9.196  1.00 17.24 ? 74  LYS A N   1 
ATOM   599  C  CA  . LYS A 1 77  ? 13.013  10.218  -10.541 1.00 18.18 ? 74  LYS A CA  1 
ATOM   600  C  C   . LYS A 1 77  ? 12.065  10.764  -11.599 1.00 21.93 ? 74  LYS A C   1 
ATOM   601  O  O   . LYS A 1 77  ? 12.502  11.173  -12.683 1.00 21.34 ? 74  LYS A O   1 
ATOM   602  C  CB  . LYS A 1 77  ? 13.080  8.693   -10.640 1.00 20.39 ? 74  LYS A CB  1 
ATOM   603  C  CG  . LYS A 1 77  ? 13.107  8.182   -12.090 1.00 24.37 ? 74  LYS A CG  1 
ATOM   604  C  CD  . LYS A 1 77  ? 13.408  6.693   -12.163 1.00 29.63 ? 74  LYS A CD  1 
ATOM   605  C  CE  . LYS A 1 77  ? 13.050  6.122   -13.533 1.00 36.89 ? 74  LYS A CE  1 
ATOM   606  N  NZ  . LYS A 1 77  ? 14.083  6.451   -14.555 1.00 41.75 ? 74  LYS A NZ  1 
ATOM   607  N  N   . GLN A 1 78  ? 10.764  10.772  -11.307 1.00 20.24 ? 75  GLN A N   1 
ATOM   608  C  CA  . GLN A 1 78  ? 9.787   11.286  -12.255 1.00 21.57 ? 75  GLN A CA  1 
ATOM   609  C  C   . GLN A 1 78  ? 9.690   12.803  -12.222 1.00 21.71 ? 75  GLN A C   1 
ATOM   610  O  O   . GLN A 1 78  ? 9.010   13.383  -13.077 1.00 26.11 ? 75  GLN A O   1 
ATOM   611  C  CB  . GLN A 1 78  ? 8.406   10.674  -11.986 1.00 20.54 ? 75  GLN A CB  1 
ATOM   612  C  CG  . GLN A 1 78  ? 8.368   9.146   -12.022 1.00 20.18 ? 75  GLN A CG  1 
ATOM   613  C  CD  . GLN A 1 78  ? 8.559   8.579   -13.414 1.00 28.43 ? 75  GLN A CD  1 
ATOM   614  O  OE1 . GLN A 1 78  ? 8.490   9.300   -14.411 1.00 31.89 ? 75  GLN A OE1 1 
ATOM   615  N  NE2 . GLN A 1 78  ? 8.815   7.277   -13.490 1.00 30.62 ? 75  GLN A NE2 1 
ATOM   616  N  N   . GLY A 1 79  ? 10.339  13.448  -11.259 1.00 18.53 ? 76  GLY A N   1 
ATOM   617  C  CA  . GLY A 1 79  ? 10.346  14.889  -11.164 1.00 16.94 ? 76  GLY A CA  1 
ATOM   618  C  C   . GLY A 1 79  ? 9.056   15.481  -10.655 1.00 19.67 ? 76  GLY A C   1 
ATOM   619  O  O   . GLY A 1 79  ? 8.653   16.561  -11.106 1.00 19.00 ? 76  GLY A O   1 
ATOM   620  N  N   . TRP A 1 80  ? 8.403   14.807  -9.711  1.00 16.04 ? 77  TRP A N   1 
ATOM   621  C  CA  . TRP A 1 80  ? 7.142   15.246  -9.129  1.00 17.03 ? 77  TRP A CA  1 
ATOM   622  C  C   . TRP A 1 80  ? 7.364   15.631  -7.674  1.00 18.05 ? 77  TRP A C   1 
ATOM   623  O  O   . TRP A 1 80  ? 8.012   14.892  -6.929  1.00 17.91 ? 77  TRP A O   1 
ATOM   624  C  CB  . TRP A 1 80  ? 6.090   14.140  -9.212  1.00 20.75 ? 77  TRP A CB  1 
ATOM   625  C  CG  . TRP A 1 80  ? 5.771   13.694  -10.593 1.00 19.02 ? 77  TRP A CG  1 
ATOM   626  C  CD1 . TRP A 1 80  ? 5.722   14.463  -11.720 1.00 19.55 ? 77  TRP A CD1 1 
ATOM   627  C  CD2 . TRP A 1 80  ? 5.460   12.357  -11.008 1.00 19.22 ? 77  TRP A CD2 1 
ATOM   628  N  NE1 . TRP A 1 80  ? 5.375   13.693  -12.800 1.00 20.40 ? 77  TRP A NE1 1 
ATOM   629  C  CE2 . TRP A 1 80  ? 5.211   12.395  -12.391 1.00 18.63 ? 77  TRP A CE2 1 
ATOM   630  C  CE3 . TRP A 1 80  ? 5.334   11.139  -10.332 1.00 17.92 ? 77  TRP A CE3 1 
ATOM   631  C  CZ2 . TRP A 1 80  ? 4.871   11.255  -13.125 1.00 22.92 ? 77  TRP A CZ2 1 
ATOM   632  C  CZ3 . TRP A 1 80  ? 4.995   10.001  -11.059 1.00 18.66 ? 77  TRP A CZ3 1 
ATOM   633  C  CH2 . TRP A 1 80  ? 4.770   10.070  -12.446 1.00 21.71 ? 77  TRP A CH2 1 
ATOM   634  N  N   . GLN A 1 81  ? 6.822   16.788  -7.278  1.00 15.98 ? 78  GLN A N   1 
ATOM   635  C  CA  . GLN A 1 81  ? 6.968   17.286  -5.915  1.00 17.05 ? 78  GLN A CA  1 
ATOM   636  C  C   . GLN A 1 81  ? 5.977   16.609  -4.977  1.00 16.14 ? 78  GLN A C   1 
ATOM   637  O  O   . GLN A 1 81  ? 4.780   16.529  -5.269  1.00 15.95 ? 78  GLN A O   1 
ATOM   638  C  CB  . GLN A 1 81  ? 6.757   18.796  -5.866  1.00 18.42 ? 78  GLN A CB  1 
ATOM   639  C  CG  . GLN A 1 81  ? 6.798   19.395  -4.455  1.00 18.35 ? 78  GLN A CG  1 
ATOM   640  C  CD  . GLN A 1 81  ? 8.214   19.456  -3.884  1.00 24.29 ? 78  GLN A CD  1 
ATOM   641  O  OE1 . GLN A 1 81  ? 9.179   19.047  -4.537  1.00 27.06 ? 78  GLN A OE1 1 
ATOM   642  N  NE2 . GLN A 1 81  ? 8.342   19.969  -2.665  1.00 30.45 ? 78  GLN A NE2 1 
ATOM   643  N  N   . ILE A 1 82  ? 6.468   16.156  -3.832  1.00 16.77 ? 79  ILE A N   1 
ATOM   644  C  CA  . ILE A 1 82  ? 5.594   15.692  -2.757  1.00 15.98 ? 79  ILE A CA  1 
ATOM   645  C  C   . ILE A 1 82  ? 5.190   16.909  -1.925  1.00 17.68 ? 79  ILE A C   1 
ATOM   646  O  O   . ILE A 1 82  ? 6.029   17.525  -1.261  1.00 18.69 ? 79  ILE A O   1 
ATOM   647  C  CB  . ILE A 1 82  ? 6.277   14.625  -1.895  1.00 14.76 ? 79  ILE A CB  1 
ATOM   648  C  CG1 . ILE A 1 82  ? 6.728   13.441  -2.753  1.00 18.95 ? 79  ILE A CG1 1 
ATOM   649  C  CG2 . ILE A 1 82  ? 5.341   14.166  -0.772  1.00 18.20 ? 79  ILE A CG2 1 
ATOM   650  C  CD1 . ILE A 1 82  ? 7.669   12.452  -2.020  1.00 19.18 ? 79  ILE A CD1 1 
ATOM   651  N  N   . GLN A 1 83  ? 3.897   17.250  -1.947  1.00 16.29 ? 80  GLN A N   1 
ATOM   652  C  CA  . GLN A 1 83  ? 3.426   18.420  -1.212  1.00 16.99 ? 80  GLN A CA  1 
ATOM   653  C  C   . GLN A 1 83  ? 3.180   18.135  0.261   1.00 18.83 ? 80  GLN A C   1 
ATOM   654  O  O   . GLN A 1 83  ? 3.305   19.042  1.094   1.00 18.74 ? 80  GLN A O   1 
ATOM   655  C  CB  . GLN A 1 83  ? 2.148   18.961  -1.859  1.00 16.50 ? 80  GLN A CB  1 
ATOM   656  C  CG  . GLN A 1 83  ? 2.349   19.323  -3.326  1.00 17.61 ? 80  GLN A CG  1 
ATOM   657  C  CD  . GLN A 1 83  ? 1.186   20.105  -3.854  1.00 21.41 ? 80  GLN A CD  1 
ATOM   658  O  OE1 . GLN A 1 83  ? 0.077   20.023  -3.320  1.00 18.49 ? 80  GLN A OE1 1 
ATOM   659  N  NE2 . GLN A 1 83  ? 1.427   20.892  -4.893  1.00 23.40 ? 80  GLN A NE2 1 
ATOM   660  N  N   . GLU A 1 84  ? 2.821   16.906  0.607   1.00 15.65 ? 81  GLU A N   1 
ATOM   661  C  CA  . GLU A 1 84  ? 2.623   16.521  1.993   1.00 17.44 ? 81  GLU A CA  1 
ATOM   662  C  C   . GLU A 1 84  ? 2.735   15.004  2.070   1.00 15.80 ? 81  GLU A C   1 
ATOM   663  O  O   . GLU A 1 84  ? 2.386   14.296  1.126   1.00 15.61 ? 81  GLU A O   1 
ATOM   664  C  CB  . GLU A 1 84  ? 1.270   16.987  2.547   1.00 18.39 ? 81  GLU A CB  1 
ATOM   665  C  CG  . GLU A 1 84  ? 1.086   16.591  3.998   1.00 23.36 ? 81  GLU A CG  1 
ATOM   666  C  CD  . GLU A 1 84  ? -0.067  17.272  4.698   1.00 31.48 ? 81  GLU A CD  1 
ATOM   667  O  OE1 . GLU A 1 84  ? 0.057   17.506  5.923   1.00 30.20 ? 81  GLU A OE1 1 
ATOM   668  O  OE2 . GLU A 1 84  ? -1.093  17.549  4.040   1.00 34.36 ? 81  GLU A OE2 1 
ATOM   669  N  N   . GLN A 1 85  ? 3.201   14.510  3.209   1.00 16.82 ? 82  GLN A N   1 
ATOM   670  C  CA  . GLN A 1 85  ? 3.310   13.071  3.377   1.00 16.20 ? 82  GLN A CA  1 
ATOM   671  C  C   . GLN A 1 85  ? 3.240   12.734  4.858   1.00 19.32 ? 82  GLN A C   1 
ATOM   672  O  O   . GLN A 1 85  ? 3.648   13.532  5.711   1.00 18.43 ? 82  GLN A O   1 
ATOM   673  C  CB  . GLN A 1 85  ? 4.596   12.554  2.742   1.00 16.13 ? 82  GLN A CB  1 
ATOM   674  C  CG  . GLN A 1 85  ? 5.861   13.128  3.326   1.00 18.92 ? 82  GLN A CG  1 
ATOM   675  C  CD  . GLN A 1 85  ? 7.077   12.679  2.549   1.00 20.01 ? 82  GLN A CD  1 
ATOM   676  O  OE1 . GLN A 1 85  ? 7.493   11.533  2.654   1.00 26.15 ? 82  GLN A OE1 1 
ATOM   677  N  NE2 . GLN A 1 85  ? 7.640   13.574  1.752   1.00 22.05 ? 82  GLN A NE2 1 
ATOM   678  N  N   . ALA A 1 86  ? 2.720   11.549  5.155   1.00 15.83 ? 83  ALA A N   1 
ATOM   679  C  CA  . ALA A 1 86  ? 2.533   11.138  6.537   1.00 18.26 ? 83  ALA A CA  1 
ATOM   680  C  C   . ALA A 1 86  ? 2.373   9.628   6.592   1.00 19.88 ? 83  ALA A C   1 
ATOM   681  O  O   . ALA A 1 86  ? 2.013   8.983   5.607   1.00 17.77 ? 83  ALA A O   1 
ATOM   682  C  CB  . ALA A 1 86  ? 1.314   11.821  7.160   1.00 20.02 ? 83  ALA A CB  1 
ATOM   683  N  N   . ALA A 1 87  ? 2.622   9.082   7.772   1.00 18.21 ? 84  ALA A N   1 
ATOM   684  C  CA  . ALA A 1 87  ? 2.407   7.671   8.023   1.00 17.68 ? 84  ALA A CA  1 
ATOM   685  C  C   . ALA A 1 87  ? 1.624   7.524   9.313   1.00 21.17 ? 84  ALA A C   1 
ATOM   686  O  O   . ALA A 1 87  ? 1.735   8.349   10.222  1.00 25.79 ? 84  ALA A O   1 
ATOM   687  C  CB  . ALA A 1 87  ? 3.731   6.905   8.098   1.00 20.52 ? 84  ALA A CB  1 
ATOM   688  N  N   . LEU A 1 88  ? 0.806   6.481   9.370   1.00 16.84 ? 85  LEU A N   1 
ATOM   689  C  CA  . LEU A 1 88  ? 0.050   6.175   10.574  1.00 16.18 ? 85  LEU A CA  1 
ATOM   690  C  C   . LEU A 1 88  ? -0.148  4.671   10.639  1.00 18.69 ? 85  LEU A C   1 
ATOM   691  O  O   . LEU A 1 88  ? 0.180   3.942   9.703   1.00 19.05 ? 85  LEU A O   1 
ATOM   692  C  CB  . LEU A 1 88  ? -1.305  6.899   10.603  1.00 20.89 ? 85  LEU A CB  1 
ATOM   693  C  CG  . LEU A 1 88  ? -2.281  6.464   9.506   1.00 22.94 ? 85  LEU A CG  1 
ATOM   694  C  CD1 . LEU A 1 88  ? -3.697  6.456   10.041  1.00 33.79 ? 85  LEU A CD1 1 
ATOM   695  C  CD2 . LEU A 1 88  ? -2.183  7.389   8.296   1.00 29.21 ? 85  LEU A CD2 1 
ATOM   696  N  N   . VAL A 1 89  ? -0.690  4.199   11.758  1.00 18.22 ? 86  VAL A N   1 
ATOM   697  C  CA  . VAL A 1 89  ? -1.062  2.794   11.880  1.00 16.05 ? 86  VAL A CA  1 
ATOM   698  C  C   . VAL A 1 89  ? -2.571  2.741   12.056  1.00 20.56 ? 86  VAL A C   1 
ATOM   699  O  O   . VAL A 1 89  ? -3.115  3.304   13.015  1.00 24.14 ? 86  VAL A O   1 
ATOM   700  C  CB  . VAL A 1 89  ? -0.330  2.087   13.032  1.00 19.95 ? 86  VAL A CB  1 
ATOM   701  C  CG1 . VAL A 1 89  ? -0.864  0.665   13.190  1.00 20.82 ? 86  VAL A CG1 1 
ATOM   702  C  CG2 . VAL A 1 89  ? 1.185   2.095   12.779  1.00 23.36 ? 86  VAL A CG2 1 
ATOM   703  N  N   . SER A 1 90  ? -3.242  2.127   11.096  1.00 19.64 ? 87  SER A N   1 
ATOM   704  C  CA  . SER A 1 90  ? -4.685  1.990   11.026  1.00 23.37 ? 87  SER A CA  1 
ATOM   705  C  C   . SER A 1 90  ? -5.057  0.531   11.264  1.00 25.19 ? 87  SER A C   1 
ATOM   706  O  O   . SER A 1 90  ? -4.196  -0.319  11.520  1.00 21.61 ? 87  SER A O   1 
ATOM   707  C  CB  . SER A 1 90  ? -5.166  2.464   9.652   1.00 25.49 ? 87  SER A CB  1 
ATOM   708  O  OG  . SER A 1 90  ? -4.656  1.588   8.642   1.00 26.09 ? 87  SER A OG  1 
ATOM   709  N  N   . ALA A 1 91  ? -6.350  0.230   11.133  1.00 23.61 ? 88  ALA A N   1 
ATOM   710  C  CA  . ALA A 1 91  ? -6.796  -1.155  11.194  1.00 24.66 ? 88  ALA A CA  1 
ATOM   711  C  C   . ALA A 1 91  ? -6.241  -1.998  10.055  1.00 26.54 ? 88  ALA A C   1 
ATOM   712  O  O   . ALA A 1 91  ? -6.276  -3.231  10.143  1.00 24.12 ? 88  ALA A O   1 
ATOM   713  C  CB  . ALA A 1 91  ? -8.324  -1.216  11.188  1.00 25.72 ? 88  ALA A CB  1 
ATOM   714  N  N   . SER A 1 92  ? -5.735  -1.374  8.992   1.00 21.92 ? 89  SER A N   1 
ATOM   715  C  CA  . SER A 1 92  ? -5.079  -2.105  7.919   1.00 25.30 ? 89  SER A CA  1 
ATOM   716  C  C   . SER A 1 92  ? -3.583  -2.268  8.146   1.00 19.52 ? 89  SER A C   1 
ATOM   717  O  O   . SER A 1 92  ? -2.898  -2.806  7.270   1.00 23.94 ? 89  SER A O   1 
ATOM   718  C  CB  . SER A 1 92  ? -5.311  -1.403  6.570   1.00 24.34 ? 89  SER A CB  1 
ATOM   719  O  OG  . SER A 1 92  ? -6.694  -1.258  6.295   1.00 35.34 ? 89  SER A OG  1 
ATOM   720  N  N   . GLY A 1 93  ? -3.064  -1.809  9.284   1.00 18.56 ? 90  GLY A N   1 
ATOM   721  C  CA  . GLY A 1 93  ? -1.645  -1.825  9.558   1.00 19.00 ? 90  GLY A CA  1 
ATOM   722  C  C   . GLY A 1 93  ? -0.981  -0.515  9.172   1.00 21.01 ? 90  GLY A C   1 
ATOM   723  O  O   . GLY A 1 93  ? -1.622  0.535   9.126   1.00 18.82 ? 90  GLY A O   1 
ATOM   724  N  N   . PRO A 1 94  ? 0.321   -0.550  8.894   1.00 16.72 ? 91  PRO A N   1 
ATOM   725  C  CA  . PRO A 1 94  ? 1.012   0.668   8.453   1.00 19.05 ? 91  PRO A CA  1 
ATOM   726  C  C   . PRO A 1 94  ? 0.348   1.253   7.219   1.00 19.63 ? 91  PRO A C   1 
ATOM   727  O  O   . PRO A 1 94  ? -0.011  0.538   6.280   1.00 19.60 ? 91  PRO A O   1 
ATOM   728  C  CB  . PRO A 1 94  ? 2.435   0.184   8.141   1.00 18.44 ? 91  PRO A CB  1 
ATOM   729  C  CG  . PRO A 1 94  ? 2.570   -1.136  8.763   1.00 21.39 ? 91  PRO A CG  1 
ATOM   730  C  CD  . PRO A 1 94  ? 1.207   -1.727  8.935   1.00 19.89 ? 91  PRO A CD  1 
ATOM   731  N  N   . GLU A 1 95  ? 0.205   2.572   7.214   1.00 17.75 ? 92  GLU A N   1 
ATOM   732  C  CA  . GLU A 1 95  ? -0.500  3.235   6.136   1.00 19.04 ? 92  GLU A CA  1 
ATOM   733  C  C   . GLU A 1 95  ? 0.215   4.543   5.845   1.00 19.68 ? 92  GLU A C   1 
ATOM   734  O  O   . GLU A 1 95  ? 0.551   5.287   6.773   1.00 19.57 ? 92  GLU A O   1 
ATOM   735  C  CB  . GLU A 1 95  ? -1.970  3.465   6.516   1.00 20.51 ? 92  GLU A CB  1 
ATOM   736  C  CG  . GLU A 1 95  ? -2.793  4.034   5.391   1.00 24.13 ? 92  GLU A CG  1 
ATOM   737  C  CD  . GLU A 1 95  ? -4.282  3.950   5.645   1.00 28.77 ? 92  GLU A CD  1 
ATOM   738  O  OE1 . GLU A 1 95  ? -4.709  3.198   6.554   1.00 27.46 ? 92  GLU A OE1 1 
ATOM   739  O  OE2 . GLU A 1 95  ? -5.025  4.632   4.917   1.00 33.60 ? 92  GLU A OE2 1 
ATOM   740  N  N   . GLY A 1 96  ? 0.500   4.791   4.568   1.00 16.91 ? 93  GLY A N   1 
ATOM   741  C  CA  . GLY A 1 96  ? 1.147   6.018   4.149   1.00 19.91 ? 93  GLY A CA  1 
ATOM   742  C  C   . GLY A 1 96  ? 0.249   6.825   3.234   1.00 20.31 ? 93  GLY A C   1 
ATOM   743  O  O   . GLY A 1 96  ? -0.544  6.274   2.466   1.00 17.32 ? 93  GLY A O   1 
HETATM 744  N  N   . MSE A 1 97  ? 0.359   8.143   3.343   1.00 18.13 ? 94  MSE A N   1 
HETATM 745  C  CA  . MSE A 1 97  ? -0.333  9.052   2.420   1.00 19.29 ? 94  MSE A CA  1 
HETATM 746  C  C   . MSE A 1 97  ? 0.664   10.034  1.846   1.00 15.95 ? 94  MSE A C   1 
HETATM 747  O  O   . MSE A 1 97  ? 1.502   10.567  2.575   1.00 17.07 ? 94  MSE A O   1 
HETATM 748  C  CB  . MSE A 1 97  ? -1.459  9.815   3.120   1.00 21.31 ? 94  MSE A CB  1 
HETATM 749  C  CG  . MSE A 1 97  ? -2.024  9.124   4.335   1.00 26.38 ? 94  MSE A CG  1 
HETATM 750  SE SE  . MSE A 1 97  ? -3.609  10.087  4.913   1.00 51.03 ? 94  MSE A SE  1 
HETATM 751  C  CE  . MSE A 1 97  ? -4.502  9.981   3.201   1.00 11.08 ? 94  MSE A CE  1 
ATOM   752  N  N   . LEU A 1 98  ? 0.586   10.283  0.544   1.00 16.24 ? 95  LEU A N   1 
ATOM   753  C  CA  . LEU A 1 98  ? 1.461   11.265  -0.091  1.00 14.58 ? 95  LEU A CA  1 
ATOM   754  C  C   . LEU A 1 98  ? 0.650   12.045  -1.108  1.00 16.37 ? 95  LEU A C   1 
ATOM   755  O  O   . LEU A 1 98  ? 0.089   11.447  -2.029  1.00 18.52 ? 95  LEU A O   1 
ATOM   756  C  CB  . LEU A 1 98  ? 2.662   10.607  -0.780  1.00 14.93 ? 95  LEU A CB  1 
ATOM   757  C  CG  . LEU A 1 98  ? 3.568   9.683   0.044   1.00 20.81 ? 95  LEU A CG  1 
ATOM   758  C  CD1 . LEU A 1 98  ? 3.027   8.255   0.036   1.00 19.81 ? 95  LEU A CD1 1 
ATOM   759  C  CD2 . LEU A 1 98  ? 4.984   9.726   -0.507  1.00 22.29 ? 95  LEU A CD2 1 
ATOM   760  N  N   . SER A 1 99  ? 0.590   13.365  -0.945  1.00 14.34 ? 96  SER A N   1 
ATOM   761  C  CA  . SER A 1 99  ? 0.004   14.247  -1.954  1.00 14.42 ? 96  SER A CA  1 
ATOM   762  C  C   . SER A 1 99  ? 1.112   14.627  -2.931  1.00 16.28 ? 96  SER A C   1 
ATOM   763  O  O   . SER A 1 99  ? 2.102   15.243  -2.529  1.00 17.47 ? 96  SER A O   1 
ATOM   764  C  CB  . SER A 1 99  ? -0.593  15.501  -1.307  1.00 15.45 ? 96  SER A CB  1 
ATOM   765  O  OG  . SER A 1 99  ? -1.764  15.212  -0.563  1.00 14.96 ? 96  SER A OG  1 
ATOM   766  N  N   . ILE A 1 100 ? 0.970   14.252  -4.201  1.00 13.81 ? 97  ILE A N   1 
ATOM   767  C  CA  . ILE A 1 100 ? 2.051   14.407  -5.170  1.00 14.94 ? 97  ILE A CA  1 
ATOM   768  C  C   . ILE A 1 100 ? 1.559   15.254  -6.337  1.00 16.82 ? 97  ILE A C   1 
ATOM   769  O  O   . ILE A 1 100 ? 0.533   14.935  -6.954  1.00 17.06 ? 97  ILE A O   1 
ATOM   770  C  CB  . ILE A 1 100 ? 2.579   13.042  -5.648  1.00 16.36 ? 97  ILE A CB  1 
ATOM   771  C  CG1 . ILE A 1 100 ? 3.101   12.234  -4.454  1.00 18.12 ? 97  ILE A CG1 1 
ATOM   772  C  CG2 . ILE A 1 100 ? 3.686   13.238  -6.677  1.00 18.09 ? 97  ILE A CG2 1 
ATOM   773  C  CD1 . ILE A 1 100 ? 3.618   10.828  -4.807  1.00 19.13 ? 97  ILE A CD1 1 
ATOM   774  N  N   . ALA A 1 101 ? 2.297   16.326  -6.638  1.00 16.77 ? 98  ALA A N   1 
ATOM   775  C  CA  . ALA A 1 101 ? 1.959   17.239  -7.735  1.00 17.39 ? 98  ALA A CA  1 
ATOM   776  C  C   . ALA A 1 101 ? 2.367   16.632  -9.081  1.00 20.19 ? 98  ALA A C   1 
ATOM   777  O  O   . ALA A 1 101 ? 3.252   17.124  -9.781  1.00 21.09 ? 98  ALA A O   1 
ATOM   778  C  CB  . ALA A 1 101 ? 2.615   18.598  -7.515  1.00 18.37 ? 98  ALA A CB  1 
ATOM   779  N  N   . ALA A 1 102 ? 1.679   15.550  -9.447  1.00 18.63 ? 99  ALA A N   1 
ATOM   780  C  CA  . ALA A 1 102 ? 1.903   14.800  -10.675 1.00 18.91 ? 99  ALA A CA  1 
ATOM   781  C  C   . ALA A 1 102 ? 0.605   14.689  -11.471 1.00 18.62 ? 99  ALA A C   1 
ATOM   782  O  O   . ALA A 1 102 ? -0.482  14.861  -10.912 1.00 19.26 ? 99  ALA A O   1 
ATOM   783  C  CB  . ALA A 1 102 ? 2.396   13.383  -10.352 1.00 18.17 ? 99  ALA A CB  1 
ATOM   784  N  N   . PRO A 1 103 ? 0.675   14.371  -12.767 1.00 20.46 ? 100 PRO A N   1 
ATOM   785  C  CA  . PRO A 1 103 ? -0.536  13.920  -13.478 1.00 19.77 ? 100 PRO A CA  1 
ATOM   786  C  C   . PRO A 1 103 ? -1.023  12.601  -12.885 1.00 19.35 ? 100 PRO A C   1 
ATOM   787  O  O   . PRO A 1 103 ? -0.229  11.705  -12.625 1.00 18.18 ? 100 PRO A O   1 
ATOM   788  C  CB  . PRO A 1 103 ? -0.060  13.747  -14.927 1.00 24.78 ? 100 PRO A CB  1 
ATOM   789  C  CG  . PRO A 1 103 ? 1.286   14.448  -15.013 1.00 22.92 ? 100 PRO A CG  1 
ATOM   790  C  CD  . PRO A 1 103 ? 1.867   14.395  -13.639 1.00 22.92 ? 100 PRO A CD  1 
ATOM   791  N  N   . ALA A 1 104 ? -2.337  12.480  -12.646 1.00 17.98 ? 101 ALA A N   1 
ATOM   792  C  CA  . ALA A 1 104 ? -2.805  11.296  -11.924 1.00 14.23 ? 101 ALA A CA  1 
ATOM   793  C  C   . ALA A 1 104 ? -2.568  10.015  -12.721 1.00 15.38 ? 101 ALA A C   1 
ATOM   794  O  O   . ALA A 1 104 ? -2.187  8.987   -12.151 1.00 16.90 ? 101 ALA A O   1 
ATOM   795  C  CB  . ALA A 1 104 ? -4.292  11.406  -11.569 1.00 19.59 ? 101 ALA A CB  1 
ATOM   796  N  N   . ARG A 1 105 ? -2.814  10.044  -14.029 1.00 17.29 ? 102 ARG A N   1 
ATOM   797  C  CA  . ARG A 1 105 ? -2.604  8.827   -14.809 1.00 16.30 ? 102 ARG A CA  1 
ATOM   798  C  C   . ARG A 1 105 ? -1.131  8.427   -14.813 1.00 19.04 ? 102 ARG A C   1 
ATOM   799  O  O   . ARG A 1 105 ? -0.802  7.241   -14.639 1.00 19.70 ? 102 ARG A O   1 
ATOM   800  C  CB  . ARG A 1 105 ? -3.116  9.005   -16.237 1.00 20.92 ? 102 ARG A CB  1 
ATOM   801  C  CG  . ARG A 1 105 ? -3.165  7.680   -16.988 1.00 25.12 ? 102 ARG A CG  1 
ATOM   802  C  CD  . ARG A 1 105 ? -3.977  7.803   -18.248 1.00 31.51 ? 102 ARG A CD  1 
ATOM   803  N  NE  . ARG A 1 105 ? -3.218  8.476   -19.293 1.00 28.50 ? 102 ARG A NE  1 
ATOM   804  C  CZ  . ARG A 1 105 ? -3.741  8.855   -20.453 1.00 30.48 ? 102 ARG A CZ  1 
ATOM   805  N  NH1 . ARG A 1 105 ? -5.028  8.642   -20.701 1.00 33.07 ? 102 ARG A NH1 1 
ATOM   806  N  NH2 . ARG A 1 105 ? -2.980  9.457   -21.348 1.00 24.35 ? 102 ARG A NH2 1 
ATOM   807  N  N   . ASP A 1 106 ? -0.233  9.402   -14.990 1.00 19.81 ? 103 ASP A N   1 
ATOM   808  C  CA  . ASP A 1 106 ? 1.199   9.114   -14.957 1.00 21.85 ? 103 ASP A CA  1 
ATOM   809  C  C   . ASP A 1 106 ? 1.612   8.501   -13.626 1.00 19.80 ? 103 ASP A C   1 
ATOM   810  O  O   . ASP A 1 106 ? 2.438   7.578   -13.578 1.00 18.55 ? 103 ASP A O   1 
ATOM   811  C  CB  . ASP A 1 106 ? 1.995   10.397  -15.204 1.00 24.28 ? 103 ASP A CB  1 
ATOM   812  C  CG  . ASP A 1 106 ? 1.907   10.883  -16.631 1.00 29.13 ? 103 ASP A CG  1 
ATOM   813  O  OD1 . ASP A 1 106 ? 0.798   10.891  -17.209 1.00 28.24 ? 103 ASP A OD1 1 
ATOM   814  O  OD2 . ASP A 1 106 ? 2.962   11.284  -17.167 1.00 34.01 ? 103 ASP A OD2 1 
ATOM   815  N  N   . LEU A 1 107 ? 1.059   9.015   -12.530 1.00 15.85 ? 104 LEU A N   1 
ATOM   816  C  CA  . LEU A 1 107 ? 1.412   8.521   -11.209 1.00 13.26 ? 104 LEU A CA  1 
ATOM   817  C  C   . LEU A 1 107 ? 0.970   7.074   -11.024 1.00 14.73 ? 104 LEU A C   1 
ATOM   818  O  O   . LEU A 1 107 ? 1.735   6.242   -10.529 1.00 15.69 ? 104 LEU A O   1 
ATOM   819  C  CB  . LEU A 1 107 ? 0.793   9.424   -10.146 1.00 15.33 ? 104 LEU A CB  1 
ATOM   820  C  CG  . LEU A 1 107 ? 1.054   9.090   -8.679  1.00 15.24 ? 104 LEU A CG  1 
ATOM   821  C  CD1 . LEU A 1 107 ? 2.549   9.018   -8.383  1.00 17.17 ? 104 LEU A CD1 1 
ATOM   822  C  CD2 . LEU A 1 107 ? 0.350   10.114  -7.774  1.00 17.88 ? 104 LEU A CD2 1 
ATOM   823  N  N   . LYS A 1 108 ? -0.274  6.755   -11.404 1.00 14.40 ? 105 LYS A N   1 
ATOM   824  C  CA  . LYS A 1 108 ? -0.742  5.373   -11.292 1.00 14.64 ? 105 LYS A CA  1 
ATOM   825  C  C   . LYS A 1 108 ? 0.093   4.439   -12.154 1.00 15.26 ? 105 LYS A C   1 
ATOM   826  O  O   . LYS A 1 108 ? 0.450   3.340   -11.719 1.00 15.20 ? 105 LYS A O   1 
ATOM   827  C  CB  . LYS A 1 108 ? -2.227  5.281   -11.674 1.00 15.29 ? 105 LYS A CB  1 
ATOM   828  C  CG  . LYS A 1 108 ? -2.811  3.887   -11.629 1.00 16.41 ? 105 LYS A CG  1 
ATOM   829  C  CD  . LYS A 1 108 ? -2.760  3.257   -10.220 1.00 15.90 ? 105 LYS A CD  1 
ATOM   830  C  CE  . LYS A 1 108 ? -3.366  1.850   -10.211 1.00 16.38 ? 105 LYS A CE  1 
ATOM   831  N  NZ  . LYS A 1 108 ? -3.347  1.229   -8.863  1.00 18.18 ? 105 LYS A NZ  1 
ATOM   832  N  N   . LEU A 1 109 ? 0.427   4.859   -13.371 1.00 16.77 ? 106 LEU A N   1 
ATOM   833  C  CA  . LEU A 1 109 ? 1.241   4.011   -14.236 1.00 16.02 ? 106 LEU A CA  1 
ATOM   834  C  C   . LEU A 1 109 ? 2.623   3.789   -13.643 1.00 16.40 ? 106 LEU A C   1 
ATOM   835  O  O   . LEU A 1 109 ? 3.186   2.691   -13.757 1.00 16.58 ? 106 LEU A O   1 
ATOM   836  C  CB  . LEU A 1 109 ? 1.342   4.621   -15.634 1.00 17.91 ? 106 LEU A CB  1 
ATOM   837  C  CG  . LEU A 1 109 ? 0.011   4.585   -16.380 1.00 19.11 ? 106 LEU A CG  1 
ATOM   838  C  CD1 . LEU A 1 109 ? 0.062   5.477   -17.603 1.00 26.19 ? 106 LEU A CD1 1 
ATOM   839  C  CD2 . LEU A 1 109 ? -0.373  3.156   -16.755 1.00 24.33 ? 106 LEU A CD2 1 
ATOM   840  N  N   . ALA A 1 110 ? 3.177   4.811   -12.990 1.00 16.32 ? 107 ALA A N   1 
ATOM   841  C  CA  . ALA A 1 110 ? 4.488   4.660   -12.364 1.00 16.85 ? 107 ALA A CA  1 
ATOM   842  C  C   . ALA A 1 110 ? 4.427   3.710   -11.169 1.00 17.13 ? 107 ALA A C   1 
ATOM   843  O  O   . ALA A 1 110 ? 5.327   2.879   -10.991 1.00 18.54 ? 107 ALA A O   1 
ATOM   844  C  CB  . ALA A 1 110 ? 5.032   6.024   -11.940 1.00 20.92 ? 107 ALA A CB  1 
ATOM   845  N  N   . THR A 1 111 ? 3.374   3.810   -10.344 1.00 15.81 ? 108 THR A N   1 
ATOM   846  C  CA  . THR A 1 111 ? 3.252   2.915   -9.196  1.00 14.74 ? 108 THR A CA  1 
ATOM   847  C  C   . THR A 1 111 ? 2.963   1.481   -9.626  1.00 17.99 ? 108 THR A C   1 
ATOM   848  O  O   . THR A 1 111 ? 3.363   0.543   -8.924  1.00 19.48 ? 108 THR A O   1 
ATOM   849  C  CB  . THR A 1 111 ? 2.170   3.392   -8.204  1.00 17.04 ? 108 THR A CB  1 
ATOM   850  O  OG1 . THR A 1 111 ? 0.873   3.434   -8.826  1.00 17.53 ? 108 THR A OG1 1 
ATOM   851  C  CG2 . THR A 1 111 ? 2.489   4.776   -7.658  1.00 16.61 ? 108 THR A CG2 1 
ATOM   852  N  N   . ILE A 1 112 ? 2.237   1.288   -10.736 1.00 15.99 ? 109 ILE A N   1 
ATOM   853  C  CA  . ILE A 1 112 ? 2.049   -0.065  -11.270 1.00 16.98 ? 109 ILE A CA  1 
ATOM   854  C  C   . ILE A 1 112 ? 3.399   -0.670  -11.620 1.00 18.81 ? 109 ILE A C   1 
ATOM   855  O  O   . ILE A 1 112 ? 3.700   -1.821  -11.270 1.00 19.44 ? 109 ILE A O   1 
ATOM   856  C  CB  . ILE A 1 112 ? 1.111   -0.048  -12.494 1.00 16.24 ? 109 ILE A CB  1 
ATOM   857  C  CG1 . ILE A 1 112 ? -0.346  0.178   -12.061 1.00 14.96 ? 109 ILE A CG1 1 
ATOM   858  C  CG2 . ILE A 1 112 ? 1.183   -1.372  -13.272 1.00 16.96 ? 109 ILE A CG2 1 
ATOM   859  C  CD1 . ILE A 1 112 ? -1.258  0.598   -13.231 1.00 17.93 ? 109 ILE A CD1 1 
ATOM   860  N  N   . GLU A 1 113 ? 4.239   0.110   -12.302 1.00 18.10 ? 110 GLU A N   1 
ATOM   861  C  CA  . GLU A 1 113 ? 5.569   -0.365  -12.672 1.00 20.85 ? 110 GLU A CA  1 
ATOM   862  C  C   . GLU A 1 113 ? 6.404   -0.670  -11.432 1.00 21.18 ? 110 GLU A C   1 
ATOM   863  O  O   . GLU A 1 113 ? 7.162   -1.648  -11.412 1.00 21.80 ? 110 GLU A O   1 
ATOM   864  C  CB  . GLU A 1 113 ? 6.261   0.674   -13.561 1.00 21.78 ? 110 GLU A CB  1 
ATOM   865  C  CG  . GLU A 1 113 ? 7.616   0.221   -14.178 1.00 22.10 ? 110 GLU A CG  1 
ATOM   866  C  CD  . GLU A 1 113 ? 7.481   -0.740  -15.365 1.00 29.86 ? 110 GLU A CD  1 
ATOM   867  O  OE1 . GLU A 1 113 ? 6.383   -0.821  -15.965 1.00 32.13 ? 110 GLU A OE1 1 
ATOM   868  O  OE2 . GLU A 1 113 ? 8.492   -1.409  -15.713 1.00 27.95 ? 110 GLU A OE2 1 
ATOM   869  N  N   . LEU A 1 114 ? 6.276   0.155   -10.386 1.00 18.86 ? 111 LEU A N   1 
ATOM   870  C  CA  . LEU A 1 114 ? 6.998   -0.090  -9.139  1.00 20.51 ? 111 LEU A CA  1 
ATOM   871  C  C   . LEU A 1 114 ? 6.541   -1.387  -8.480  1.00 22.53 ? 111 LEU A C   1 
ATOM   872  O  O   . LEU A 1 114 ? 7.365   -2.181  -8.006  1.00 19.99 ? 111 LEU A O   1 
ATOM   873  C  CB  . LEU A 1 114 ? 6.808   1.094   -8.178  1.00 20.43 ? 111 LEU A CB  1 
ATOM   874  C  CG  . LEU A 1 114 ? 7.519   1.000   -6.824  1.00 17.82 ? 111 LEU A CG  1 
ATOM   875  C  CD1 . LEU A 1 114 ? 9.035   0.928   -7.028  1.00 20.48 ? 111 LEU A CD1 1 
ATOM   876  C  CD2 . LEU A 1 114 ? 7.148   2.184   -5.938  1.00 17.63 ? 111 LEU A CD2 1 
ATOM   877  N  N   . GLU A 1 115 ? 5.224   -1.605  -8.410  1.00 18.44 ? 112 GLU A N   1 
ATOM   878  C  CA  . GLU A 1 115 ? 4.709   -2.837  -7.827  1.00 18.51 ? 112 GLU A CA  1 
ATOM   879  C  C   . GLU A 1 115 ? 5.205   -4.053  -8.593  1.00 22.20 ? 112 GLU A C   1 
ATOM   880  O  O   . GLU A 1 115 ? 5.447   -5.111  -7.999  1.00 21.22 ? 112 GLU A O   1 
ATOM   881  C  CB  . GLU A 1 115 ? 3.178   -2.817  -7.806  1.00 18.93 ? 112 GLU A CB  1 
ATOM   882  C  CG  . GLU A 1 115 ? 2.588   -1.902  -6.756  1.00 19.12 ? 112 GLU A CG  1 
ATOM   883  C  CD  . GLU A 1 115 ? 1.103   -1.647  -6.975  1.00 24.48 ? 112 GLU A CD  1 
ATOM   884  O  OE1 . GLU A 1 115 ? 0.372   -1.403  -5.985  1.00 25.12 ? 112 GLU A OE1 1 
ATOM   885  O  OE2 . GLU A 1 115 ? 0.659   -1.696  -8.138  1.00 25.79 ? 112 GLU A OE2 1 
ATOM   886  N  N   . HIS A 1 116 ? 5.396   -3.913  -9.904  1.00 20.67 ? 113 HIS A N   1 
ATOM   887  C  CA  . HIS A 1 116 ? 5.848   -5.057  -10.680 1.00 23.19 ? 113 HIS A CA  1 
ATOM   888  C  C   . HIS A 1 116 ? 7.346   -5.280  -10.552 1.00 24.33 ? 113 HIS A C   1 
ATOM   889  O  O   . HIS A 1 116 ? 7.795   -6.432  -10.496 1.00 24.36 ? 113 HIS A O   1 
ATOM   890  C  CB  . HIS A 1 116 ? 5.484   -4.894  -12.156 1.00 24.79 ? 113 HIS A CB  1 
ATOM   891  C  CG  . HIS A 1 116 ? 5.773   -6.122  -12.961 1.00 28.67 ? 113 HIS A CG  1 
ATOM   892  N  ND1 . HIS A 1 116 ? 4.889   -7.176  -13.042 1.00 34.66 ? 113 HIS A ND1 1 
ATOM   893  C  CD2 . HIS A 1 116 ? 6.859   -6.482  -13.687 1.00 30.10 ? 113 HIS A CD2 1 
ATOM   894  C  CE1 . HIS A 1 116 ? 5.414   -8.131  -13.792 1.00 33.82 ? 113 HIS A CE1 1 
ATOM   895  N  NE2 . HIS A 1 116 ? 6.609   -7.735  -14.194 1.00 31.85 ? 113 HIS A NE2 1 
ATOM   896  N  N   . SER A 1 117 ? 8.143   -4.208  -10.535 1.00 20.00 ? 114 SER A N   1 
ATOM   897  C  CA  . SER A 1 117 ? 9.580   -4.360  -10.731 1.00 23.84 ? 114 SER A CA  1 
ATOM   898  C  C   . SER A 1 117 ? 10.402  -4.318  -9.444  1.00 21.25 ? 114 SER A C   1 
ATOM   899  O  O   . SER A 1 117 ? 11.561  -4.745  -9.462  1.00 18.59 ? 114 SER A O   1 
ATOM   900  C  CB  . SER A 1 117 ? 10.096  -3.285  -11.697 1.00 28.29 ? 114 SER A CB  1 
ATOM   901  O  OG  . SER A 1 117 ? 9.966   -1.995  -11.138 1.00 33.71 ? 114 SER A OG  1 
ATOM   902  N  N   . HIS A 1 118 ? 9.851   -3.822  -8.337  1.00 20.18 ? 115 HIS A N   1 
ATOM   903  C  CA  . HIS A 1 118 ? 10.618  -3.858  -7.093  1.00 22.21 ? 115 HIS A CA  1 
ATOM   904  C  C   . HIS A 1 118 ? 10.510  -5.247  -6.458  1.00 19.24 ? 115 HIS A C   1 
ATOM   905  O  O   . HIS A 1 118 ? 9.442   -5.855  -6.482  1.00 18.18 ? 115 HIS A O   1 
ATOM   906  C  CB  . HIS A 1 118 ? 10.107  -2.785  -6.111  1.00 19.01 ? 115 HIS A CB  1 
ATOM   907  C  CG  . HIS A 1 118 ? 10.991  -2.576  -4.920  1.00 17.62 ? 115 HIS A CG  1 
ATOM   908  N  ND1 . HIS A 1 118 ? 11.034  -3.460  -3.864  1.00 17.89 ? 115 HIS A ND1 1 
ATOM   909  C  CD2 . HIS A 1 118 ? 11.852  -1.577  -4.608  1.00 18.55 ? 115 HIS A CD2 1 
ATOM   910  C  CE1 . HIS A 1 118 ? 11.887  -3.021  -2.955  1.00 21.60 ? 115 HIS A CE1 1 
ATOM   911  N  NE2 . HIS A 1 118 ? 12.390  -1.875  -3.376  1.00 20.71 ? 115 HIS A NE2 1 
ATOM   912  N  N   . PRO A 1 119 ? 11.599  -5.775  -5.892  1.00 20.30 ? 116 PRO A N   1 
ATOM   913  C  CA  . PRO A 1 119 ? 11.533  -7.130  -5.312  1.00 19.80 ? 116 PRO A CA  1 
ATOM   914  C  C   . PRO A 1 119 ? 10.472  -7.306  -4.243  1.00 22.62 ? 116 PRO A C   1 
ATOM   915  O  O   . PRO A 1 119 ? 10.016  -8.438  -4.033  1.00 21.91 ? 116 PRO A O   1 
ATOM   916  C  CB  . PRO A 1 119 ? 12.945  -7.344  -4.743  1.00 21.36 ? 116 PRO A CB  1 
ATOM   917  C  CG  . PRO A 1 119 ? 13.614  -6.026  -4.798  1.00 25.85 ? 116 PRO A CG  1 
ATOM   918  C  CD  . PRO A 1 119 ? 12.962  -5.234  -5.882  1.00 21.50 ? 116 PRO A CD  1 
ATOM   919  N  N   . LEU A 1 120 ? 10.072  -6.239  -3.546  1.00 17.91 ? 117 LEU A N   1 
ATOM   920  C  CA  . LEU A 1 120 ? 9.006   -6.338  -2.554  1.00 18.66 ? 117 LEU A CA  1 
ATOM   921  C  C   . LEU A 1 120 ? 7.681   -5.791  -3.066  1.00 17.70 ? 117 LEU A C   1 
ATOM   922  O  O   . LEU A 1 120 ? 6.723   -5.718  -2.297  1.00 18.47 ? 117 LEU A O   1 
ATOM   923  C  CB  . LEU A 1 120 ? 9.400   -5.590  -1.273  1.00 18.56 ? 117 LEU A CB  1 
ATOM   924  C  CG  . LEU A 1 120 ? 10.594  -6.120  -0.479  1.00 21.70 ? 117 LEU A CG  1 
ATOM   925  C  CD1 . LEU A 1 120 ? 10.831  -5.287  0.769   1.00 21.14 ? 117 LEU A CD1 1 
ATOM   926  C  CD2 . LEU A 1 120 ? 10.371  -7.579  -0.109  1.00 21.78 ? 117 LEU A CD2 1 
ATOM   927  N  N   . GLY A 1 121 ? 7.605   -5.400  -4.343  1.00 19.36 ? 118 GLY A N   1 
ATOM   928  C  CA  . GLY A 1 121 ? 6.382   -4.793  -4.860  1.00 17.90 ? 118 GLY A CA  1 
ATOM   929  C  C   . GLY A 1 121 ? 5.144   -5.661  -4.727  1.00 19.93 ? 118 GLY A C   1 
ATOM   930  O  O   . GLY A 1 121 ? 4.025   -5.143  -4.639  1.00 19.01 ? 118 GLY A O   1 
ATOM   931  N  N   . ARG A 1 122 ? 5.314   -6.988  -4.716  1.00 20.37 ? 119 ARG A N   1 
ATOM   932  C  CA  . ARG A 1 122 ? 4.170   -7.878  -4.552  1.00 18.17 ? 119 ARG A CA  1 
ATOM   933  C  C   . ARG A 1 122 ? 3.491   -7.699  -3.204  1.00 19.31 ? 119 ARG A C   1 
ATOM   934  O  O   . ARG A 1 122 ? 2.343   -8.115  -3.038  1.00 21.57 ? 119 ARG A O   1 
ATOM   935  C  CB  . ARG A 1 122 ? 4.606   -9.343  -4.681  1.00 22.79 ? 119 ARG A CB  1 
ATOM   936  C  CG  . ARG A 1 122 ? 5.657   -9.582  -5.747  1.00 28.78 ? 119 ARG A CG  1 
ATOM   937  C  CD  . ARG A 1 122 ? 5.026   -9.454  -7.107  1.00 32.64 ? 119 ARG A CD  1 
ATOM   938  N  NE  . ARG A 1 122 ? 3.697   -10.058 -7.115  1.00 31.70 ? 119 ARG A NE  1 
ATOM   939  C  CZ  . ARG A 1 122 ? 3.458   -11.335 -7.386  1.00 33.01 ? 119 ARG A CZ  1 
ATOM   940  N  NH1 . ARG A 1 122 ? 4.458   -12.150 -7.690  1.00 36.46 ? 119 ARG A NH1 1 
ATOM   941  N  NH2 . ARG A 1 122 ? 2.212   -11.795 -7.364  1.00 32.39 ? 119 ARG A NH2 1 
ATOM   942  N  N   . LEU A 1 123 ? 4.184   -7.115  -2.234  1.00 14.76 ? 120 LEU A N   1 
ATOM   943  C  CA  . LEU A 1 123 ? 3.647   -6.950  -0.892  1.00 17.29 ? 120 LEU A CA  1 
ATOM   944  C  C   . LEU A 1 123 ? 3.096   -5.550  -0.656  1.00 16.30 ? 120 LEU A C   1 
ATOM   945  O  O   . LEU A 1 123 ? 2.686   -5.245  0.468   1.00 19.27 ? 120 LEU A O   1 
ATOM   946  C  CB  . LEU A 1 123 ? 4.718   -7.266  0.147   1.00 18.29 ? 120 LEU A CB  1 
ATOM   947  C  CG  . LEU A 1 123 ? 5.439   -8.610  0.009   1.00 19.94 ? 120 LEU A CG  1 
ATOM   948  C  CD1 . LEU A 1 123 ? 6.464   -8.777  1.118   1.00 21.02 ? 120 LEU A CD1 1 
ATOM   949  C  CD2 . LEU A 1 123 ? 4.444   -9.759  0.067   1.00 20.54 ? 120 LEU A CD2 1 
ATOM   950  N  N   . TRP A 1 124 ? 3.080   -4.695  -1.684  1.00 14.85 ? 121 TRP A N   1 
ATOM   951  C  CA  . TRP A 1 124 ? 2.604   -3.319  -1.564  1.00 14.71 ? 121 TRP A CA  1 
ATOM   952  C  C   . TRP A 1 124 ? 1.256   -3.138  -2.255  1.00 19.72 ? 121 TRP A C   1 
ATOM   953  O  O   . TRP A 1 124 ? 1.044   -3.622  -3.377  1.00 20.23 ? 121 TRP A O   1 
ATOM   954  C  CB  . TRP A 1 124 ? 3.609   -2.337  -2.169  1.00 17.50 ? 121 TRP A CB  1 
ATOM   955  C  CG  . TRP A 1 124 ? 4.957   -2.345  -1.486  1.00 17.68 ? 121 TRP A CG  1 
ATOM   956  C  CD1 . TRP A 1 124 ? 5.239   -2.767  -0.217  1.00 17.29 ? 121 TRP A CD1 1 
ATOM   957  C  CD2 . TRP A 1 124 ? 6.200   -1.920  -2.055  1.00 15.23 ? 121 TRP A CD2 1 
ATOM   958  N  NE1 . TRP A 1 124 ? 6.589   -2.617  0.038   1.00 17.35 ? 121 TRP A NE1 1 
ATOM   959  C  CE2 . TRP A 1 124 ? 7.196   -2.099  -1.072  1.00 15.89 ? 121 TRP A CE2 1 
ATOM   960  C  CE3 . TRP A 1 124 ? 6.566   -1.383  -3.298  1.00 16.28 ? 121 TRP A CE3 1 
ATOM   961  C  CZ2 . TRP A 1 124 ? 8.533   -1.799  -1.302  1.00 13.99 ? 121 TRP A CZ2 1 
ATOM   962  C  CZ3 . TRP A 1 124 ? 7.893   -1.074  -3.521  1.00 17.58 ? 121 TRP A CZ3 1 
ATOM   963  C  CH2 . TRP A 1 124 ? 8.857   -1.261  -2.521  1.00 15.63 ? 121 TRP A CH2 1 
ATOM   964  N  N   . ASP A 1 125 ? 0.344   -2.432  -1.572  1.00 17.00 ? 122 ASP A N   1 
ATOM   965  C  CA  . ASP A 1 125 ? -0.935  -2.001  -2.133  1.00 18.36 ? 122 ASP A CA  1 
ATOM   966  C  C   . ASP A 1 125 ? -0.870  -0.486  -2.278  1.00 19.27 ? 122 ASP A C   1 
ATOM   967  O  O   . ASP A 1 125 ? -1.124  0.242   -1.313  1.00 19.36 ? 122 ASP A O   1 
ATOM   968  C  CB  . ASP A 1 125 ? -2.101  -2.410  -1.237  1.00 17.55 ? 122 ASP A CB  1 
ATOM   969  C  CG  . ASP A 1 125 ? -2.449  -3.868  -1.390  1.00 33.98 ? 122 ASP A CG  1 
ATOM   970  O  OD1 . ASP A 1 125 ? -2.216  -4.389  -2.502  1.00 33.81 ? 122 ASP A OD1 1 
ATOM   971  O  OD2 . ASP A 1 125 ? -2.959  -4.485  -0.418  1.00 37.12 ? 122 ASP A OD2 1 
ATOM   972  N  N   . ILE A 1 126 ? -0.527  -0.008  -3.471  1.00 18.73 ? 123 ILE A N   1 
ATOM   973  C  CA  . ILE A 1 126 ? -0.350  1.422   -3.707  1.00 17.09 ? 123 ILE A CA  1 
ATOM   974  C  C   . ILE A 1 126 ? -1.564  1.913   -4.485  1.00 20.56 ? 123 ILE A C   1 
ATOM   975  O  O   . ILE A 1 126 ? -1.679  1.672   -5.691  1.00 20.30 ? 123 ILE A O   1 
ATOM   976  C  CB  . ILE A 1 126 ? 0.947   1.719   -4.466  1.00 16.52 ? 123 ILE A CB  1 
ATOM   977  C  CG1 . ILE A 1 126 ? 2.130   0.982   -3.815  1.00 20.94 ? 123 ILE A CG1 1 
ATOM   978  C  CG2 . ILE A 1 126 ? 1.179   3.245   -4.558  1.00 20.28 ? 123 ILE A CG2 1 
ATOM   979  C  CD1 . ILE A 1 126 ? 3.477   1.209   -4.486  1.00 18.77 ? 123 ILE A CD1 1 
ATOM   980  N  N   . ASP A 1 127 ? -2.475  2.606   -3.810  1.00 17.01 ? 124 ASP A N   1 
ATOM   981  C  CA  . ASP A 1 127 ? -3.604  3.209   -4.498  1.00 18.47 ? 124 ASP A CA  1 
ATOM   982  C  C   . ASP A 1 127 ? -3.266  4.632   -4.925  1.00 16.74 ? 124 ASP A C   1 
ATOM   983  O  O   . ASP A 1 127 ? -2.484  5.330   -4.279  1.00 18.38 ? 124 ASP A O   1 
ATOM   984  C  CB  . ASP A 1 127 ? -4.851  3.204   -3.602  1.00 19.46 ? 124 ASP A CB  1 
ATOM   985  C  CG  . ASP A 1 127 ? -5.664  1.928   -3.740  1.00 29.67 ? 124 ASP A CG  1 
ATOM   986  O  OD1 . ASP A 1 127 ? -5.732  1.377   -4.862  1.00 27.14 ? 124 ASP A OD1 1 
ATOM   987  O  OD2 . ASP A 1 127 ? -6.240  1.472   -2.722  1.00 32.15 ? 124 ASP A OD2 1 
ATOM   988  N  N   . VAL A 1 128 ? -3.872  5.061   -6.022  1.00 14.58 ? 125 VAL A N   1 
ATOM   989  C  CA  . VAL A 1 128 ? -3.722  6.426   -6.517  1.00 15.06 ? 125 VAL A CA  1 
ATOM   990  C  C   . VAL A 1 128 ? -5.108  6.991   -6.745  1.00 15.23 ? 125 VAL A C   1 
ATOM   991  O  O   . VAL A 1 128 ? -5.893  6.421   -7.514  1.00 16.73 ? 125 VAL A O   1 
ATOM   992  C  CB  . VAL A 1 128 ? -2.902  6.488   -7.813  1.00 16.15 ? 125 VAL A CB  1 
ATOM   993  C  CG1 . VAL A 1 128 ? -2.834  7.912   -8.315  1.00 15.27 ? 125 VAL A CG1 1 
ATOM   994  C  CG2 . VAL A 1 128 ? -1.514  5.911   -7.574  1.00 18.05 ? 125 VAL A CG2 1 
ATOM   995  N  N   . LEU A 1 129 ? -5.408  8.121   -6.098  1.00 14.98 ? 126 LEU A N   1 
ATOM   996  C  CA  . LEU A 1 129 ? -6.687  8.794   -6.271  1.00 15.98 ? 126 LEU A CA  1 
ATOM   997  C  C   . LEU A 1 129 ? -6.489  10.098  -7.024  1.00 19.34 ? 126 LEU A C   1 
ATOM   998  O  O   . LEU A 1 129 ? -5.524  10.821  -6.770  1.00 17.17 ? 126 LEU A O   1 
ATOM   999  C  CB  . LEU A 1 129 ? -7.342  9.091   -4.917  1.00 16.68 ? 126 LEU A CB  1 
ATOM   1000 C  CG  . LEU A 1 129 ? -7.964  7.926   -4.148  1.00 21.75 ? 126 LEU A CG  1 
ATOM   1001 C  CD1 . LEU A 1 129 ? -6.906  7.035   -3.511  1.00 21.22 ? 126 LEU A CD1 1 
ATOM   1002 C  CD2 . LEU A 1 129 ? -8.894  8.479   -3.093  1.00 22.27 ? 126 LEU A CD2 1 
ATOM   1003 N  N   . THR A 1 130 ? -7.407  10.397  -7.944  1.00 15.90 ? 127 THR A N   1 
ATOM   1004 C  CA  . THR A 1 130 ? -7.440  11.713  -8.571  1.00 17.22 ? 127 THR A CA  1 
ATOM   1005 C  C   . THR A 1 130 ? -8.024  12.719  -7.584  1.00 16.91 ? 127 THR A C   1 
ATOM   1006 O  O   . THR A 1 130 ? -8.636  12.339  -6.584  1.00 18.05 ? 127 THR A O   1 
ATOM   1007 C  CB  . THR A 1 130 ? -8.278  11.678  -9.847  1.00 19.13 ? 127 THR A CB  1 
ATOM   1008 O  OG1 . THR A 1 130 ? -9.671  11.703  -9.501  1.00 17.41 ? 127 THR A OG1 1 
ATOM   1009 C  CG2 . THR A 1 130 ? -7.985  10.420  -10.654 1.00 20.79 ? 127 THR A CG2 1 
ATOM   1010 N  N   . PRO A 1 131 ? -7.862  14.020  -7.845  1.00 19.12 ? 128 PRO A N   1 
ATOM   1011 C  CA  . PRO A 1 131 ? -8.444  15.018  -6.930  1.00 20.57 ? 128 PRO A CA  1 
ATOM   1012 C  C   . PRO A 1 131 ? -9.961  14.995  -6.875  1.00 23.83 ? 128 PRO A C   1 
ATOM   1013 O  O   . PRO A 1 131 ? -10.537 15.602  -5.965  1.00 21.36 ? 128 PRO A O   1 
ATOM   1014 C  CB  . PRO A 1 131 ? -7.933  16.356  -7.487  1.00 23.63 ? 128 PRO A CB  1 
ATOM   1015 C  CG  . PRO A 1 131 ? -6.741  16.006  -8.290  1.00 21.71 ? 128 PRO A CG  1 
ATOM   1016 C  CD  . PRO A 1 131 ? -6.978  14.637  -8.852  1.00 19.59 ? 128 PRO A CD  1 
ATOM   1017 N  N   . GLU A 1 132 ? -10.634 14.341  -7.820  1.00 18.46 ? 129 GLU A N   1 
ATOM   1018 C  CA  . GLU A 1 132 ? -12.073 14.171  -7.704  1.00 21.44 ? 129 GLU A CA  1 
ATOM   1019 C  C   . GLU A 1 132 ? -12.456 12.943  -6.892  1.00 21.80 ? 129 GLU A C   1 
ATOM   1020 O  O   . GLU A 1 132 ? -13.647 12.651  -6.778  1.00 25.16 ? 129 GLU A O   1 
ATOM   1021 C  CB  . GLU A 1 132 ? -12.719 14.074  -9.085  1.00 26.10 ? 129 GLU A CB  1 
ATOM   1022 C  CG  . GLU A 1 132 ? -12.763 15.392  -9.840  1.00 31.11 ? 129 GLU A CG  1 
ATOM   1023 C  CD  . GLU A 1 132 ? -11.418 15.756  -10.403 1.00 31.55 ? 129 GLU A CD  1 
ATOM   1024 O  OE1 . GLU A 1 132 ? -11.108 16.963  -10.454 1.00 36.38 ? 129 GLU A OE1 1 
ATOM   1025 O  OE2 . GLU A 1 132 ? -10.660 14.835  -10.777 1.00 33.57 ? 129 GLU A OE2 1 
ATOM   1026 N  N   . GLY A 1 133 ? -11.480 12.208  -6.367  1.00 20.31 ? 130 GLY A N   1 
ATOM   1027 C  CA  . GLY A 1 133 ? -11.729 11.002  -5.600  1.00 19.87 ? 130 GLY A CA  1 
ATOM   1028 C  C   . GLY A 1 133 ? -11.805 9.721   -6.408  1.00 20.86 ? 130 GLY A C   1 
ATOM   1029 O  O   . GLY A 1 133 ? -12.116 8.666   -5.836  1.00 21.94 ? 130 GLY A O   1 
ATOM   1030 N  N   . GLU A 1 134 ? -11.531 9.772   -7.711  1.00 19.69 ? 131 GLU A N   1 
ATOM   1031 C  CA  . GLU A 1 134 ? -11.534 8.561   -8.526  1.00 19.72 ? 131 GLU A CA  1 
ATOM   1032 C  C   . GLU A 1 134 ? -10.351 7.662   -8.178  1.00 19.45 ? 131 GLU A C   1 
ATOM   1033 O  O   . GLU A 1 134 ? -9.196  8.097   -8.212  1.00 18.89 ? 131 GLU A O   1 
ATOM   1034 C  CB  . GLU A 1 134 ? -11.488 8.914   -10.013 1.00 19.92 ? 131 GLU A CB  1 
ATOM   1035 C  CG  . GLU A 1 134 ? -11.526 7.675   -10.910 1.00 20.74 ? 131 GLU A CG  1 
ATOM   1036 C  CD  . GLU A 1 134 ? -11.448 7.989   -12.396 1.00 28.08 ? 131 GLU A CD  1 
ATOM   1037 O  OE1 . GLU A 1 134 ? -11.475 7.023   -13.196 1.00 26.32 ? 131 GLU A OE1 1 
ATOM   1038 O  OE2 . GLU A 1 134 ? -11.360 9.185   -12.762 1.00 26.69 ? 131 GLU A OE2 1 
ATOM   1039 N  N   . ILE A 1 135 ? -10.642 6.403   -7.862  1.00 17.62 ? 132 ILE A N   1 
ATOM   1040 C  CA  . ILE A 1 135 ? -9.609  5.399   -7.618  1.00 18.73 ? 132 ILE A CA  1 
ATOM   1041 C  C   . ILE A 1 135 ? -9.200  4.816   -8.966  1.00 21.19 ? 132 ILE A C   1 
ATOM   1042 O  O   . ILE A 1 135 ? -10.015 4.186   -9.647  1.00 20.17 ? 132 ILE A O   1 
ATOM   1043 C  CB  . ILE A 1 135 ? -10.113 4.302   -6.668  1.00 22.41 ? 132 ILE A CB  1 
ATOM   1044 C  CG1 . ILE A 1 135 ? -10.651 4.910   -5.368  1.00 21.57 ? 132 ILE A CG1 1 
ATOM   1045 C  CG2 . ILE A 1 135 ? -9.001  3.291   -6.376  1.00 23.00 ? 132 ILE A CG2 1 
ATOM   1046 C  CD1 . ILE A 1 135 ? -11.356 3.894   -4.460  1.00 25.41 ? 132 ILE A CD1 1 
ATOM   1047 N  N   . LEU A 1 136 ? -7.943  5.035   -9.359  1.00 18.53 ? 133 LEU A N   1 
ATOM   1048 C  CA  . LEU A 1 136 ? -7.480  4.541   -10.648 1.00 19.33 ? 133 LEU A CA  1 
ATOM   1049 C  C   . LEU A 1 136 ? -7.139  3.047   -10.555 1.00 17.86 ? 133 LEU A C   1 
ATOM   1050 O  O   . LEU A 1 136 ? -6.872  2.508   -9.482  1.00 20.52 ? 133 LEU A O   1 
ATOM   1051 C  CB  . LEU A 1 136 ? -6.273  5.355   -11.133 1.00 16.97 ? 133 LEU A CB  1 
ATOM   1052 C  CG  . LEU A 1 136 ? -6.574  6.841   -11.396 1.00 18.19 ? 133 LEU A CG  1 
ATOM   1053 C  CD1 . LEU A 1 136 ? -5.337  7.612   -11.865 1.00 21.17 ? 133 LEU A CD1 1 
ATOM   1054 C  CD2 . LEU A 1 136 ? -7.718  7.032   -12.377 1.00 22.85 ? 133 LEU A CD2 1 
ATOM   1055 N  N   . SER A 1 137 ? -7.179  2.370   -11.706 1.00 19.73 ? 134 SER A N   1 
ATOM   1056 C  CA  . SER A 1 137 ? -7.094  0.915   -11.739 1.00 21.45 ? 134 SER A CA  1 
ATOM   1057 C  C   . SER A 1 137 ? -6.326  0.455   -12.973 1.00 20.10 ? 134 SER A C   1 
ATOM   1058 O  O   . SER A 1 137 ? -6.331  1.129   -14.003 1.00 18.42 ? 134 SER A O   1 
ATOM   1059 C  CB  . SER A 1 137 ? -8.500  0.304   -11.753 1.00 22.78 ? 134 SER A CB  1 
ATOM   1060 O  OG  . SER A 1 137 ? -8.437  -1.094  -11.928 1.00 32.59 ? 134 SER A OG  1 
ATOM   1061 N  N   . ARG A 1 138 ? -5.665  -0.705  -12.861 1.00 20.32 ? 135 ARG A N   1 
ATOM   1062 C  CA  . ARG A 1 138 ? -5.056  -1.325  -14.038 1.00 19.50 ? 135 ARG A CA  1 
ATOM   1063 C  C   . ARG A 1 138 ? -6.075  -1.518  -15.153 1.00 18.90 ? 135 ARG A C   1 
ATOM   1064 O  O   . ARG A 1 138 ? -5.732  -1.409  -16.334 1.00 19.87 ? 135 ARG A O   1 
ATOM   1065 C  CB  . ARG A 1 138 ? -4.437  -2.681  -13.670 1.00 19.81 ? 135 ARG A CB  1 
ATOM   1066 C  CG  . ARG A 1 138 ? -3.076  -2.610  -12.979 1.00 20.68 ? 135 ARG A CG  1 
ATOM   1067 C  CD  . ARG A 1 138 ? -2.846  -3.882  -12.128 1.00 20.82 ? 135 ARG A CD  1 
ATOM   1068 N  NE  . ARG A 1 138 ? -1.468  -4.021  -11.650 1.00 20.80 ? 135 ARG A NE  1 
ATOM   1069 C  CZ  . ARG A 1 138 ? -0.977  -3.416  -10.572 1.00 24.99 ? 135 ARG A CZ  1 
ATOM   1070 N  NH1 . ARG A 1 138 ? -1.743  -2.605  -9.848  1.00 21.91 ? 135 ARG A NH1 1 
ATOM   1071 N  NH2 . ARG A 1 138 ? 0.286   -3.613  -10.218 1.00 21.59 ? 135 ARG A NH2 1 
ATOM   1072 N  N   . ARG A 1 139 ? -7.329  -1.802  -14.800 1.00 21.83 ? 136 ARG A N   1 
ATOM   1073 C  CA  . ARG A 1 139 ? -8.363  -2.003  -15.811 1.00 20.97 ? 136 ARG A CA  1 
ATOM   1074 C  C   . ARG A 1 139 ? -8.617  -0.748  -16.644 1.00 21.46 ? 136 ARG A C   1 
ATOM   1075 O  O   . ARG A 1 139 ? -9.072  -0.861  -17.788 1.00 24.00 ? 136 ARG A O   1 
ATOM   1076 C  CB  . ARG A 1 139 ? -9.643  -2.490  -15.109 1.00 23.73 ? 136 ARG A CB  1 
ATOM   1077 C  CG  . ARG A 1 139 ? -10.910 -2.493  -15.942 1.00 28.62 ? 136 ARG A CG  1 
ATOM   1078 C  CD  . ARG A 1 139 ? -10.870 -3.487  -17.099 1.00 30.96 ? 136 ARG A CD  1 
ATOM   1079 N  NE  . ARG A 1 139 ? -12.098 -3.372  -17.885 1.00 33.76 ? 136 ARG A NE  1 
ATOM   1080 C  CZ  . ARG A 1 139 ? -12.304 -2.458  -18.832 1.00 30.52 ? 136 ARG A CZ  1 
ATOM   1081 N  NH1 . ARG A 1 139 ? -11.354 -1.586  -19.139 1.00 31.18 ? 136 ARG A NH1 1 
ATOM   1082 N  NH2 . ARG A 1 139 ? -13.462 -2.417  -19.483 1.00 32.89 ? 136 ARG A NH2 1 
ATOM   1083 N  N   . ASP A 1 140 ? -8.310  0.444   -16.113 1.00 22.10 ? 137 ASP A N   1 
ATOM   1084 C  CA  . ASP A 1 140 ? -8.539  1.679   -16.861 1.00 22.32 ? 137 ASP A CA  1 
ATOM   1085 C  C   . ASP A 1 140 ? -7.651  1.770   -18.092 1.00 23.39 ? 137 ASP A C   1 
ATOM   1086 O  O   . ASP A 1 140 ? -7.973  2.518   -19.021 1.00 22.67 ? 137 ASP A O   1 
ATOM   1087 C  CB  . ASP A 1 140 ? -8.300  2.900   -15.966 1.00 25.18 ? 137 ASP A CB  1 
ATOM   1088 C  CG  . ASP A 1 140 ? -9.265  2.968   -14.793 1.00 26.57 ? 137 ASP A CG  1 
ATOM   1089 O  OD1 . ASP A 1 140 ? -10.367 2.388   -14.884 1.00 29.42 ? 137 ASP A OD1 1 
ATOM   1090 O  OD2 . ASP A 1 140 ? -8.920  3.609   -13.782 1.00 27.30 ? 137 ASP A OD2 1 
ATOM   1091 N  N   . TYR A 1 141 ? -6.545  1.024   -18.103 1.00 22.10 ? 138 TYR A N   1 
ATOM   1092 C  CA  . TYR A 1 141 ? -5.578  1.002   -19.194 1.00 18.11 ? 138 TYR A CA  1 
ATOM   1093 C  C   . TYR A 1 141 ? -5.550  -0.350  -19.886 1.00 21.35 ? 138 TYR A C   1 
ATOM   1094 O  O   . TYR A 1 141 ? -4.633  -0.622  -20.678 1.00 23.89 ? 138 TYR A O   1 
ATOM   1095 C  CB  . TYR A 1 141 ? -4.204  1.385   -18.645 1.00 21.73 ? 138 TYR A CB  1 
ATOM   1096 C  CG  . TYR A 1 141 ? -4.332  2.509   -17.643 1.00 21.10 ? 138 TYR A CG  1 
ATOM   1097 C  CD1 . TYR A 1 141 ? -4.853  3.733   -18.027 1.00 25.34 ? 138 TYR A CD1 1 
ATOM   1098 C  CD2 . TYR A 1 141 ? -3.967  2.341   -16.313 1.00 26.07 ? 138 TYR A CD2 1 
ATOM   1099 C  CE1 . TYR A 1 141 ? -5.003  4.761   -17.119 1.00 24.69 ? 138 TYR A CE1 1 
ATOM   1100 C  CE2 . TYR A 1 141 ? -4.116  3.369   -15.396 1.00 25.06 ? 138 TYR A CE2 1 
ATOM   1101 C  CZ  . TYR A 1 141 ? -4.628  4.576   -15.806 1.00 26.41 ? 138 TYR A CZ  1 
ATOM   1102 O  OH  . TYR A 1 141 ? -4.776  5.604   -14.898 1.00 29.62 ? 138 TYR A OH  1 
ATOM   1103 N  N   . SER A 1 142 ? -6.553  -1.192  -19.619 1.00 18.75 ? 139 SER A N   1 
ATOM   1104 C  CA  . SER A 1 142 ? -6.659  -2.544  -20.168 1.00 20.27 ? 139 SER A CA  1 
ATOM   1105 C  C   . SER A 1 142 ? -5.446  -3.393  -19.803 1.00 21.97 ? 139 SER A C   1 
ATOM   1106 O  O   . SER A 1 142 ? -5.053  -4.297  -20.548 1.00 22.69 ? 139 SER A O   1 
ATOM   1107 C  CB  . SER A 1 142 ? -6.876  -2.515  -21.684 1.00 25.35 ? 139 SER A CB  1 
ATOM   1108 O  OG  . SER A 1 142 ? -8.157  -1.991  -21.994 1.00 30.56 ? 139 SER A OG  1 
ATOM   1109 N  N   . LEU A 1 143 ? -4.860  -3.130  -18.630 1.00 21.17 ? 140 LEU A N   1 
ATOM   1110 C  CA  . LEU A 1 143 ? -3.762  -3.965  -18.177 1.00 19.31 ? 140 LEU A CA  1 
ATOM   1111 C  C   . LEU A 1 143 ? -4.286  -5.180  -17.411 1.00 19.89 ? 140 LEU A C   1 
ATOM   1112 O  O   . LEU A 1 143 ? -5.380  -5.137  -16.831 1.00 21.04 ? 140 LEU A O   1 
ATOM   1113 C  CB  . LEU A 1 143 ? -2.827  -3.158  -17.281 1.00 20.45 ? 140 LEU A CB  1 
ATOM   1114 C  CG  . LEU A 1 143 ? -2.014  -2.065  -17.969 1.00 20.88 ? 140 LEU A CG  1 
ATOM   1115 C  CD1 . LEU A 1 143 ? -1.437  -1.109  -16.931 1.00 21.39 ? 140 LEU A CD1 1 
ATOM   1116 C  CD2 . LEU A 1 143 ? -0.916  -2.662  -18.847 1.00 22.29 ? 140 LEU A CD2 1 
ATOM   1117 N  N   . PRO A 1 144 ? -3.527  -6.275  -17.402 1.00 18.01 ? 141 PRO A N   1 
ATOM   1118 C  CA  . PRO A 1 144 ? -3.949  -7.450  -16.644 1.00 19.42 ? 141 PRO A CA  1 
ATOM   1119 C  C   . PRO A 1 144 ? -4.114  -7.113  -15.175 1.00 22.24 ? 141 PRO A C   1 
ATOM   1120 O  O   . PRO A 1 144 ? -3.434  -6.216  -14.645 1.00 20.58 ? 141 PRO A O   1 
ATOM   1121 C  CB  . PRO A 1 144 ? -2.800  -8.446  -16.864 1.00 21.74 ? 141 PRO A CB  1 
ATOM   1122 C  CG  . PRO A 1 144 ? -2.173  -8.017  -18.141 1.00 22.19 ? 141 PRO A CG  1 
ATOM   1123 C  CD  . PRO A 1 144 ? -2.296  -6.516  -18.168 1.00 20.23 ? 141 PRO A CD  1 
ATOM   1124 N  N   . PRO A 1 145 ? -5.000  -7.821  -14.476 1.00 20.64 ? 142 PRO A N   1 
ATOM   1125 C  CA  . PRO A 1 145 ? -5.196  -7.569  -13.045 1.00 22.76 ? 142 PRO A CA  1 
ATOM   1126 C  C   . PRO A 1 145 ? -3.992  -8.015  -12.227 1.00 25.73 ? 142 PRO A C   1 
ATOM   1127 O  O   . PRO A 1 145 ? -3.162  -8.822  -12.662 1.00 23.84 ? 142 PRO A O   1 
ATOM   1128 C  CB  . PRO A 1 145 ? -6.431  -8.412  -12.711 1.00 23.87 ? 142 PRO A CB  1 
ATOM   1129 C  CG  . PRO A 1 145 ? -6.336  -9.567  -13.661 1.00 26.10 ? 142 PRO A CG  1 
ATOM   1130 C  CD  . PRO A 1 145 ? -5.785  -8.975  -14.949 1.00 22.64 ? 142 PRO A CD  1 
ATOM   1131 N  N   . ARG A 1 146 ? -3.918  -7.485  -11.010 1.00 22.19 ? 143 ARG A N   1 
ATOM   1132 C  CA  . ARG A 1 146 ? -2.849  -7.877  -10.102 1.00 23.37 ? 143 ARG A CA  1 
ATOM   1133 C  C   . ARG A 1 146 ? -2.898  -9.374  -9.822  1.00 23.47 ? 143 ARG A C   1 
ATOM   1134 O  O   . ARG A 1 146 ? -3.968  -9.943  -9.602  1.00 23.81 ? 143 ARG A O   1 
ATOM   1135 C  CB  . ARG A 1 146 ? -2.965  -7.109  -8.797  1.00 26.94 ? 143 ARG A CB  1 
ATOM   1136 C  CG  . ARG A 1 146 ? -2.168  -5.858  -8.803  1.00 31.41 ? 143 ARG A CG  1 
ATOM   1137 C  CD  . ARG A 1 146 ? -1.809  -5.484  -7.420  1.00 28.83 ? 143 ARG A CD  1 
ATOM   1138 N  NE  . ARG A 1 146 ? -0.411  -5.693  -7.093  1.00 24.53 ? 143 ARG A NE  1 
ATOM   1139 C  CZ  . ARG A 1 146 ? 0.144   -5.157  -6.016  1.00 22.02 ? 143 ARG A CZ  1 
ATOM   1140 N  NH1 . ARG A 1 146 ? -0.612  -4.408  -5.214  1.00 24.76 ? 143 ARG A NH1 1 
ATOM   1141 N  NH2 . ARG A 1 146 ? 1.423   -5.366  -5.736  1.00 21.73 ? 143 ARG A NH2 1 
ATOM   1142 N  N   . ARG A 1 147 ? -1.729  -10.007 -9.834  1.00 22.59 ? 144 ARG A N   1 
ATOM   1143 C  CA  . ARG A 1 147 ? -1.637  -11.441 -9.601  1.00 25.47 ? 144 ARG A CA  1 
ATOM   1144 C  C   . ARG A 1 147 ? -1.634  -11.742 -8.117  1.00 26.23 ? 144 ARG A C   1 
ATOM   1145 O  O   . ARG A 1 147 ? -1.187  -10.934 -7.299  1.00 23.62 ? 144 ARG A O   1 
ATOM   1146 C  CB  . ARG A 1 147 ? -0.360  -12.025 -10.203 1.00 27.81 ? 144 ARG A CB  1 
ATOM   1147 C  CG  . ARG A 1 147 ? -0.281  -12.016 -11.708 1.00 35.27 ? 144 ARG A CG  1 
ATOM   1148 C  CD  . ARG A 1 147 ? 1.167   -12.231 -12.135 1.00 37.75 ? 144 ARG A CD  1 
ATOM   1149 N  NE  . ARG A 1 147 ? 2.043   -11.232 -11.527 1.00 36.13 ? 144 ARG A NE  1 
ATOM   1150 C  CZ  . ARG A 1 147 ? 3.287   -11.468 -11.124 1.00 40.24 ? 144 ARG A CZ  1 
ATOM   1151 N  NH1 . ARG A 1 147 ? 3.818   -12.676 -11.267 1.00 38.80 ? 144 ARG A NH1 1 
ATOM   1152 N  NH2 . ARG A 1 147 ? 4.002   -10.493 -10.577 1.00 38.02 ? 144 ARG A NH2 1 
ATOM   1153 N  N   . CYS A 1 148 ? -2.114  -12.938 -7.786  1.00 24.26 ? 145 CYS A N   1 
ATOM   1154 C  CA  . CYS A 1 148 ? -2.038  -13.439 -6.425  1.00 28.10 ? 145 CYS A CA  1 
ATOM   1155 C  C   . CYS A 1 148 ? -0.579  -13.541 -5.989  1.00 24.07 ? 145 CYS A C   1 
ATOM   1156 O  O   . CYS A 1 148 ? 0.318   -13.803 -6.797  1.00 23.77 ? 145 CYS A O   1 
ATOM   1157 C  CB  . CYS A 1 148 ? -2.732  -14.803 -6.339  1.00 27.61 ? 145 CYS A CB  1 
ATOM   1158 S  SG  . CYS A 1 148 ? -2.420  -15.780 -4.845  1.00 24.92 ? 145 CYS A SG  1 
ATOM   1159 N  N   . LEU A 1 149 ? -0.348  -13.307 -4.696  1.00 26.24 ? 146 LEU A N   1 
ATOM   1160 C  CA  . LEU A 1 149 ? 1.006   -13.393 -4.161  1.00 25.37 ? 146 LEU A CA  1 
ATOM   1161 C  C   . LEU A 1 149 ? 1.600   -14.787 -4.343  1.00 30.22 ? 146 LEU A C   1 
ATOM   1162 O  O   . LEU A 1 149 ? 2.816   -14.925 -4.554  1.00 27.06 ? 146 LEU A O   1 
ATOM   1163 C  CB  . LEU A 1 149 ? 0.997   -13.003 -2.680  1.00 26.32 ? 146 LEU A CB  1 
ATOM   1164 C  CG  . LEU A 1 149 ? 2.360   -13.064 -1.977  1.00 29.52 ? 146 LEU A CG  1 
ATOM   1165 C  CD1 . LEU A 1 149 ? 3.323   -12.070 -2.615  1.00 23.73 ? 146 LEU A CD1 1 
ATOM   1166 C  CD2 . LEU A 1 149 ? 2.231   -12.808 -0.476  1.00 22.42 ? 146 LEU A CD2 1 
ATOM   1167 N  N   . LEU A 1 150 ? 0.763   -15.828 -4.294  1.00 27.69 ? 147 LEU A N   1 
ATOM   1168 C  CA  . LEU A 1 150 ? 1.241   -17.204 -4.258  1.00 25.28 ? 147 LEU A CA  1 
ATOM   1169 C  C   . LEU A 1 150 ? 1.046   -17.984 -5.555  1.00 27.10 ? 147 LEU A C   1 
ATOM   1170 O  O   . LEU A 1 150 ? 1.580   -19.090 -5.669  1.00 30.36 ? 147 LEU A O   1 
ATOM   1171 C  CB  . LEU A 1 150 ? 0.559   -17.965 -3.104  1.00 22.53 ? 147 LEU A CB  1 
ATOM   1172 C  CG  . LEU A 1 150 ? 1.008   -17.587 -1.685  1.00 24.81 ? 147 LEU A CG  1 
ATOM   1173 C  CD1 . LEU A 1 150 ? 0.294   -18.423 -0.628  1.00 25.88 ? 147 LEU A CD1 1 
ATOM   1174 C  CD2 . LEU A 1 150 ? 2.516   -17.732 -1.548  1.00 25.88 ? 147 LEU A CD2 1 
ATOM   1175 N  N   . CYS A 1 151 ? 0.318   -17.457 -6.537  1.00 28.22 ? 148 CYS A N   1 
ATOM   1176 C  CA  . CYS A 1 151 ? 0.139   -18.172 -7.796  1.00 28.08 ? 148 CYS A CA  1 
ATOM   1177 C  C   . CYS A 1 151 ? -0.140  -17.166 -8.907  1.00 24.56 ? 148 CYS A C   1 
ATOM   1178 O  O   . CYS A 1 151 ? -0.182  -15.955 -8.681  1.00 28.25 ? 148 CYS A O   1 
ATOM   1179 C  CB  . CYS A 1 151 ? -0.964  -19.227 -7.680  1.00 26.59 ? 148 CYS A CB  1 
ATOM   1180 S  SG  . CYS A 1 151 ? -2.616  -18.543 -7.737  1.00 27.13 ? 148 CYS A SG  1 
ATOM   1181 N  N   . GLU A 1 152 ? -0.314  -17.678 -10.125 1.00 29.81 ? 149 GLU A N   1 
ATOM   1182 C  CA  . GLU A 1 152 ? -0.396  -16.829 -11.308 1.00 31.38 ? 149 GLU A CA  1 
ATOM   1183 C  C   . GLU A 1 152 ? -1.809  -16.360 -11.593 1.00 31.59 ? 149 GLU A C   1 
ATOM   1184 O  O   . GLU A 1 152 ? -2.018  -15.587 -12.534 1.00 30.72 ? 149 GLU A O   1 
ATOM   1185 C  CB  . GLU A 1 152 ? 0.155   -17.568 -12.530 1.00 35.85 ? 149 GLU A CB  1 
ATOM   1186 C  CG  . GLU A 1 152 ? 1.655   -17.788 -12.477 1.00 37.20 ? 149 GLU A CG  1 
ATOM   1187 C  CD  . GLU A 1 152 ? 2.092   -18.990 -13.295 1.00 40.50 ? 149 GLU A CD  1 
ATOM   1188 O  OE1 . GLU A 1 152 ? 2.190   -20.109 -12.726 1.00 44.38 ? 149 GLU A OE1 1 
ATOM   1189 O  OE2 . GLU A 1 152 ? 2.321   -18.825 -14.511 1.00 43.41 ? 149 GLU A OE2 1 
ATOM   1190 N  N   . GLN A 1 153 ? -2.780  -16.811 -10.814 1.00 28.76 ? 150 GLN A N   1 
ATOM   1191 C  CA  . GLN A 1 153 ? -4.134  -16.330 -11.020 1.00 29.54 ? 150 GLN A CA  1 
ATOM   1192 C  C   . GLN A 1 153 ? -4.282  -14.953 -10.364 1.00 27.02 ? 150 GLN A C   1 
ATOM   1193 O  O   . GLN A 1 153 ? -3.407  -14.501 -9.624  1.00 26.59 ? 150 GLN A O   1 
ATOM   1194 C  CB  . GLN A 1 153 ? -5.111  -17.387 -10.500 1.00 31.92 ? 150 GLN A CB  1 
ATOM   1195 C  CG  . GLN A 1 153 ? -6.497  -16.955 -10.197 1.00 34.97 ? 150 GLN A CG  1 
ATOM   1196 C  CD  . GLN A 1 153 ? -7.372  -16.855 -11.442 1.00 47.00 ? 150 GLN A CD  1 
ATOM   1197 O  OE1 . GLN A 1 153 ? -8.111  -17.787 -11.786 1.00 49.23 ? 150 GLN A OE1 1 
ATOM   1198 N  NE2 . GLN A 1 153 ? -7.265  -15.738 -12.143 1.00 45.10 ? 150 GLN A NE2 1 
ATOM   1199 N  N   . SER A 1 154 ? -5.377  -14.256 -10.686 1.00 28.18 ? 151 SER A N   1 
ATOM   1200 C  CA  . SER A 1 154 ? -5.604  -12.907 -10.161 1.00 25.45 ? 151 SER A CA  1 
ATOM   1201 C  C   . SER A 1 154 ? -5.798  -12.930 -8.650  1.00 26.47 ? 151 SER A C   1 
ATOM   1202 O  O   . SER A 1 154 ? -6.432  -13.841 -8.103  1.00 28.47 ? 151 SER A O   1 
ATOM   1203 C  CB  . SER A 1 154 ? -6.822  -12.267 -10.819 1.00 30.57 ? 151 SER A CB  1 
ATOM   1204 O  OG  . SER A 1 154 ? -8.009  -12.548 -10.105 1.00 31.11 ? 151 SER A OG  1 
ATOM   1205 N  N   . ALA A 1 155 ? -5.251  -11.914 -7.971  1.00 23.35 ? 152 ALA A N   1 
ATOM   1206 C  CA  . ALA A 1 155 ? -5.366  -11.848 -6.518  1.00 22.57 ? 152 ALA A CA  1 
ATOM   1207 C  C   . ALA A 1 155 ? -6.821  -11.791 -6.080  1.00 26.97 ? 152 ALA A C   1 
ATOM   1208 O  O   . ALA A 1 155 ? -7.177  -12.348 -5.035  1.00 26.93 ? 152 ALA A O   1 
ATOM   1209 C  CB  . ALA A 1 155 ? -4.606  -10.634 -5.980  1.00 27.10 ? 152 ALA A CB  1 
ATOM   1210 N  N   . ALA A 1 156 ? -7.672  -11.146 -6.882  1.00 23.04 ? 153 ALA A N   1 
ATOM   1211 C  CA  . ALA A 1 156 ? -9.079  -10.993 -6.527  1.00 28.54 ? 153 ALA A CA  1 
ATOM   1212 C  C   . ALA A 1 156 ? -9.770  -12.341 -6.396  1.00 27.75 ? 153 ALA A C   1 
ATOM   1213 O  O   . ALA A 1 156 ? -10.518 -12.578 -5.438  1.00 27.42 ? 153 ALA A O   1 
ATOM   1214 C  CB  . ALA A 1 156 ? -9.793  -10.136 -7.569  1.00 28.07 ? 153 ALA A CB  1 
ATOM   1215 N  N   . VAL A 1 157 ? -9.551  -13.244 -7.353  1.00 29.24 ? 154 VAL A N   1 
ATOM   1216 C  CA  . VAL A 1 157 ? -10.296 -14.495 -7.265  1.00 30.86 ? 154 VAL A CA  1 
ATOM   1217 C  C   . VAL A 1 157 ? -9.695  -15.420 -6.203  1.00 28.68 ? 154 VAL A C   1 
ATOM   1218 O  O   . VAL A 1 157 ? -10.426 -16.184 -5.556  1.00 26.05 ? 154 VAL A O   1 
ATOM   1219 C  CB  . VAL A 1 157 ? -10.401 -15.187 -8.638  1.00 32.98 ? 154 VAL A CB  1 
ATOM   1220 C  CG1 . VAL A 1 157 ? -10.749 -14.202 -9.751  1.00 34.26 ? 154 VAL A CG1 1 
ATOM   1221 C  CG2 . VAL A 1 157 ? -9.208  -15.966 -8.928  1.00 35.53 ? 154 VAL A CG2 1 
ATOM   1222 N  N   . CYS A 1 158 ? -8.371  -15.374 -5.993  1.00 24.22 ? 155 CYS A N   1 
ATOM   1223 C  CA  . CYS A 1 158 ? -7.794  -16.181 -4.918  1.00 25.79 ? 155 CYS A CA  1 
ATOM   1224 C  C   . CYS A 1 158 ? -8.212  -15.661 -3.553  1.00 24.36 ? 155 CYS A C   1 
ATOM   1225 O  O   . CYS A 1 158 ? -8.365  -16.449 -2.609  1.00 23.70 ? 155 CYS A O   1 
ATOM   1226 C  CB  . CYS A 1 158 ? -6.268  -16.220 -5.014  1.00 30.71 ? 155 CYS A CB  1 
ATOM   1227 S  SG  . CYS A 1 158 ? -5.644  -17.348 -6.289  1.00 27.97 ? 155 CYS A SG  1 
ATOM   1228 N  N   . ALA A 1 159 ? -8.387  -14.346 -3.425  1.00 26.91 ? 156 ALA A N   1 
ATOM   1229 C  CA  . ALA A 1 159 ? -8.900  -13.780 -2.183  1.00 24.76 ? 156 ALA A CA  1 
ATOM   1230 C  C   . ALA A 1 159 ? -10.349 -14.191 -1.954  1.00 25.54 ? 156 ALA A C   1 
ATOM   1231 O  O   . ALA A 1 159 ? -10.714 -14.646 -0.860  1.00 25.69 ? 156 ALA A O   1 
ATOM   1232 C  CB  . ALA A 1 159 ? -8.770  -12.255 -2.215  1.00 27.93 ? 156 ALA A CB  1 
ATOM   1233 N  N   . ARG A 1 160 ? -11.191 -14.046 -2.980  1.00 24.20 ? 157 ARG A N   1 
ATOM   1234 C  CA  . ARG A 1 160 ? -12.601 -14.399 -2.828  1.00 25.88 ? 157 ARG A CA  1 
ATOM   1235 C  C   . ARG A 1 160 ? -12.769 -15.896 -2.598  1.00 28.11 ? 157 ARG A C   1 
ATOM   1236 O  O   . ARG A 1 160 ? -13.637 -16.322 -1.824  1.00 25.82 ? 157 ARG A O   1 
ATOM   1237 C  CB  . ARG A 1 160 ? -13.390 -13.952 -4.061  1.00 28.71 ? 157 ARG A CB  1 
ATOM   1238 C  CG  . ARG A 1 160 ? -14.817 -14.490 -4.133  1.00 28.89 ? 157 ARG A CG  1 
ATOM   1239 C  CD  . ARG A 1 160 ? -15.658 -14.044 -2.941  1.00 33.76 ? 157 ARG A CD  1 
ATOM   1240 N  NE  . ARG A 1 160 ? -17.007 -14.609 -2.976  1.00 26.80 ? 157 ARG A NE  1 
ATOM   1241 C  CZ  . ARG A 1 160 ? -17.359 -15.751 -2.387  1.00 32.85 ? 157 ARG A CZ  1 
ATOM   1242 N  NH1 . ARG A 1 160 ? -16.464 -16.460 -1.716  1.00 26.38 ? 157 ARG A NH1 1 
ATOM   1243 N  NH2 . ARG A 1 160 ? -18.607 -16.189 -2.471  1.00 27.93 ? 157 ARG A NH2 1 
ATOM   1244 N  N   . GLY A 1 161 ? -11.951 -16.708 -3.267  1.00 26.28 ? 158 GLY A N   1 
ATOM   1245 C  CA  . GLY A 1 161 ? -11.989 -18.146 -3.095  1.00 23.19 ? 158 GLY A CA  1 
ATOM   1246 C  C   . GLY A 1 161 ? -11.250 -18.686 -1.890  1.00 26.37 ? 158 GLY A C   1 
ATOM   1247 O  O   . GLY A 1 161 ? -11.205 -19.912 -1.709  1.00 21.74 ? 158 GLY A O   1 
ATOM   1248 N  N   . LYS A 1 162 ? -10.661 -17.811 -1.068  1.00 22.61 ? 159 LYS A N   1 
ATOM   1249 C  CA  . LYS A 1 162 ? -9.905  -18.204 0.128   1.00 23.03 ? 159 LYS A CA  1 
ATOM   1250 C  C   . LYS A 1 162 ? -8.984  -19.386 -0.167  1.00 25.59 ? 159 LYS A C   1 
ATOM   1251 O  O   . LYS A 1 162 ? -8.905  -20.359 0.591   1.00 25.38 ? 159 LYS A O   1 
ATOM   1252 C  CB  . LYS A 1 162 ? -10.835 -18.537 1.292   1.00 25.17 ? 159 LYS A CB  1 
ATOM   1253 C  CG  . LYS A 1 162 ? -11.749 -17.404 1.704   1.00 25.58 ? 159 LYS A CG  1 
ATOM   1254 C  CD  . LYS A 1 162 ? -12.655 -17.822 2.862   1.00 32.62 ? 159 LYS A CD  1 
ATOM   1255 C  CE  . LYS A 1 162 ? -13.634 -16.720 3.228   1.00 35.41 ? 159 LYS A CE  1 
ATOM   1256 N  NZ  . LYS A 1 162 ? -12.918 -15.533 3.759   1.00 39.46 ? 159 LYS A NZ  1 
ATOM   1257 N  N   . THR A 1 163 ? -8.287  -19.291 -1.298  1.00 23.21 ? 160 THR A N   1 
ATOM   1258 C  CA  . THR A 1 163 ? -7.575  -20.448 -1.830  1.00 24.90 ? 160 THR A CA  1 
ATOM   1259 C  C   . THR A 1 163 ? -6.391  -20.836 -0.952  1.00 25.86 ? 160 THR A C   1 
ATOM   1260 O  O   . THR A 1 163 ? -6.163  -22.026 -0.700  1.00 27.24 ? 160 THR A O   1 
ATOM   1261 C  CB  . THR A 1 163 ? -7.113  -20.159 -3.256  1.00 25.04 ? 160 THR A CB  1 
ATOM   1262 O  OG1 . THR A 1 163 ? -8.256  -19.881 -4.075  1.00 24.86 ? 160 THR A OG1 1 
ATOM   1263 C  CG2 . THR A 1 163 ? -6.369  -21.363 -3.826  1.00 30.64 ? 160 THR A CG2 1 
ATOM   1264 N  N   . HIS A 1 164 ? -5.640  -19.855 -0.466  1.00 24.04 ? 161 HIS A N   1 
ATOM   1265 C  CA  . HIS A 1 164 ? -4.365  -20.112 0.183   1.00 26.57 ? 161 HIS A CA  1 
ATOM   1266 C  C   . HIS A 1 164 ? -4.469  -19.997 1.699   1.00 26.53 ? 161 HIS A C   1 
ATOM   1267 O  O   . HIS A 1 164 ? -5.319  -19.288 2.235   1.00 27.07 ? 161 HIS A O   1 
ATOM   1268 C  CB  . HIS A 1 164 ? -3.298  -19.161 -0.361  1.00 22.90 ? 161 HIS A CB  1 
ATOM   1269 C  CG  . HIS A 1 164 ? -3.145  -19.232 -1.850  1.00 25.49 ? 161 HIS A CG  1 
ATOM   1270 N  ND1 . HIS A 1 164 ? -2.725  -20.372 -2.505  1.00 23.53 ? 161 HIS A ND1 1 
ATOM   1271 C  CD2 . HIS A 1 164 ? -3.380  -18.311 -2.815  1.00 23.42 ? 161 HIS A CD2 1 
ATOM   1272 C  CE1 . HIS A 1 164 ? -2.692  -20.143 -3.804  1.00 24.54 ? 161 HIS A CE1 1 
ATOM   1273 N  NE2 . HIS A 1 164 ? -3.099  -18.904 -4.020  1.00 21.57 ? 161 HIS A NE2 1 
ATOM   1274 N  N   . GLN A 1 165 ? -3.582  -20.710 2.383   1.00 25.93 ? 162 GLN A N   1 
ATOM   1275 C  CA  . GLN A 1 165 ? -3.558  -20.719 3.838   1.00 29.01 ? 162 GLN A CA  1 
ATOM   1276 C  C   . GLN A 1 165 ? -2.909  -19.452 4.370   1.00 23.01 ? 162 GLN A C   1 
ATOM   1277 O  O   . GLN A 1 165 ? -1.906  -18.982 3.831   1.00 22.33 ? 162 GLN A O   1 
ATOM   1278 C  CB  . GLN A 1 165 ? -2.792  -21.940 4.344   1.00 29.26 ? 162 GLN A CB  1 
ATOM   1279 C  CG  . GLN A 1 165 ? -3.388  -23.266 3.914   1.00 31.70 ? 162 GLN A CG  1 
ATOM   1280 C  CD  . GLN A 1 165 ? -4.733  -23.520 4.545   1.00 37.96 ? 162 GLN A CD  1 
ATOM   1281 O  OE1 . GLN A 1 165 ? -4.977  -23.123 5.683   1.00 40.42 ? 162 GLN A OE1 1 
ATOM   1282 N  NE2 . GLN A 1 165 ? -5.621  -24.183 3.809   1.00 37.84 ? 162 GLN A NE2 1 
ATOM   1283 N  N   . LEU A 1 166 ? -3.494  -18.902 5.436   1.00 23.87 ? 163 LEU A N   1 
ATOM   1284 C  CA  . LEU A 1 166 ? -2.933  -17.715 6.077   1.00 22.91 ? 163 LEU A CA  1 
ATOM   1285 C  C   . LEU A 1 166 ? -1.454  -17.890 6.405   1.00 20.52 ? 163 LEU A C   1 
ATOM   1286 O  O   . LEU A 1 166 ? -0.649  -16.979 6.176   1.00 22.57 ? 163 LEU A O   1 
ATOM   1287 C  CB  . LEU A 1 166 ? -3.729  -17.403 7.346   1.00 25.71 ? 163 LEU A CB  1 
ATOM   1288 C  CG  . LEU A 1 166 ? -3.230  -16.321 8.295   1.00 23.32 ? 163 LEU A CG  1 
ATOM   1289 C  CD1 . LEU A 1 166 ? -3.098  -15.014 7.552   1.00 26.98 ? 163 LEU A CD1 1 
ATOM   1290 C  CD2 . LEU A 1 166 ? -4.207  -16.177 9.445   1.00 25.98 ? 163 LEU A CD2 1 
ATOM   1291 N  N   . THR A 1 167 ? -1.078  -19.054 6.953   1.00 18.69 ? 164 THR A N   1 
ATOM   1292 C  CA  . THR A 1 167 ? 0.324   -19.290 7.286   1.00 17.91 ? 164 THR A CA  1 
ATOM   1293 C  C   . THR A 1 167 ? 1.213   -19.212 6.048   1.00 18.28 ? 164 THR A C   1 
ATOM   1294 O  O   . THR A 1 167 ? 2.348   -18.729 6.121   1.00 20.01 ? 164 THR A O   1 
ATOM   1295 C  CB  . THR A 1 167 ? 0.483   -20.646 7.974   1.00 20.46 ? 164 THR A CB  1 
ATOM   1296 O  OG1 . THR A 1 167 ? -0.336  -20.677 9.150   1.00 23.99 ? 164 THR A OG1 1 
ATOM   1297 C  CG2 . THR A 1 167 ? 1.941   -20.884 8.379   1.00 23.92 ? 164 THR A CG2 1 
ATOM   1298 N  N   . ASP A 1 168 ? 0.720   -19.680 4.899   1.00 23.26 ? 165 ASP A N   1 
ATOM   1299 C  CA  . ASP A 1 168 ? 1.553   -19.640 3.701   1.00 20.67 ? 165 ASP A CA  1 
ATOM   1300 C  C   . ASP A 1 168 ? 1.763   -18.220 3.199   1.00 18.95 ? 165 ASP A C   1 
ATOM   1301 O  O   . ASP A 1 168 ? 2.831   -17.908 2.672   1.00 18.69 ? 165 ASP A O   1 
ATOM   1302 C  CB  . ASP A 1 168 ? 0.936   -20.488 2.594   1.00 24.98 ? 165 ASP A CB  1 
ATOM   1303 C  CG  . ASP A 1 168 ? 1.135   -21.968 2.814   1.00 30.46 ? 165 ASP A CG  1 
ATOM   1304 O  OD1 . ASP A 1 168 ? 1.861   -22.334 3.772   1.00 28.63 ? 165 ASP A OD1 1 
ATOM   1305 O  OD2 . ASP A 1 168 ? 0.564   -22.754 2.027   1.00 31.36 ? 165 ASP A OD2 1 
ATOM   1306 N  N   . LEU A 1 169 ? 0.763   -17.355 3.349   1.00 19.30 ? 166 LEU A N   1 
ATOM   1307 C  CA  . LEU A 1 169 ? 0.929   -15.953 2.970   1.00 17.34 ? 166 LEU A CA  1 
ATOM   1308 C  C   . LEU A 1 169 ? 1.932   -15.260 3.885   1.00 16.88 ? 166 LEU A C   1 
ATOM   1309 O  O   . LEU A 1 169 ? 2.842   -14.564 3.417   1.00 18.12 ? 166 LEU A O   1 
ATOM   1310 C  CB  . LEU A 1 169 ? -0.422  -15.228 3.019   1.00 17.96 ? 166 LEU A CB  1 
ATOM   1311 C  CG  . LEU A 1 169 ? -1.467  -15.746 2.025   1.00 24.07 ? 166 LEU A CG  1 
ATOM   1312 C  CD1 . LEU A 1 169 ? -2.849  -15.291 2.423   1.00 23.77 ? 166 LEU A CD1 1 
ATOM   1313 C  CD2 . LEU A 1 169 ? -1.142  -15.264 0.617   1.00 22.66 ? 166 LEU A CD2 1 
ATOM   1314 N  N   . LEU A 1 170 ? 1.784   -15.451 5.198   1.00 18.80 ? 167 LEU A N   1 
ATOM   1315 C  CA  . LEU A 1 170 ? 2.732   -14.871 6.143   1.00 19.55 ? 167 LEU A CA  1 
ATOM   1316 C  C   . LEU A 1 170 ? 4.151   -15.364 5.883   1.00 19.97 ? 167 LEU A C   1 
ATOM   1317 O  O   . LEU A 1 170 ? 5.112   -14.591 5.971   1.00 18.82 ? 167 LEU A O   1 
ATOM   1318 C  CB  . LEU A 1 170 ? 2.309   -15.200 7.572   1.00 19.56 ? 167 LEU A CB  1 
ATOM   1319 C  CG  . LEU A 1 170 ? 0.954   -14.622 8.014   1.00 21.88 ? 167 LEU A CG  1 
ATOM   1320 C  CD1 . LEU A 1 170 ? 0.583   -15.120 9.400   1.00 26.70 ? 167 LEU A CD1 1 
ATOM   1321 C  CD2 . LEU A 1 170 ? 0.990   -13.096 7.977   1.00 27.16 ? 167 LEU A CD2 1 
ATOM   1322 N  N   . ASN A 1 171 ? 4.310   -16.659 5.587   1.00 17.65 ? 168 ASN A N   1 
ATOM   1323 C  CA  . ASN A 1 171 ? 5.654   -17.189 5.392   1.00 19.58 ? 168 ASN A CA  1 
ATOM   1324 C  C   . ASN A 1 171 ? 6.283   -16.657 4.122   1.00 18.28 ? 168 ASN A C   1 
ATOM   1325 O  O   . ASN A 1 171 ? 7.505   -16.494 4.062   1.00 17.23 ? 168 ASN A O   1 
ATOM   1326 C  CB  . ASN A 1 171 ? 5.639   -18.713 5.361   1.00 18.18 ? 168 ASN A CB  1 
ATOM   1327 C  CG  . ASN A 1 171 ? 5.501   -19.312 6.749   1.00 18.66 ? 168 ASN A CG  1 
ATOM   1328 O  OD1 . ASN A 1 171 ? 5.552   -18.601 7.748   1.00 21.16 ? 168 ASN A OD1 1 
ATOM   1329 N  ND2 . ASN A 1 171 ? 5.341   -20.621 6.816   1.00 17.79 ? 168 ASN A ND2 1 
ATOM   1330 N  N   . ARG A 1 172 ? 5.474   -16.374 3.098   1.00 18.48 ? 169 ARG A N   1 
ATOM   1331 C  CA  . ARG A 1 172 ? 6.042   -15.802 1.883   1.00 16.38 ? 169 ARG A CA  1 
ATOM   1332 C  C   . ARG A 1 172 ? 6.517   -14.377 2.135   1.00 18.46 ? 169 ARG A C   1 
ATOM   1333 O  O   . ARG A 1 172 ? 7.554   -13.962 1.610   1.00 19.79 ? 169 ARG A O   1 
ATOM   1334 C  CB  . ARG A 1 172 ? 5.024   -15.854 0.751   1.00 17.31 ? 169 ARG A CB  1 
ATOM   1335 C  CG  . ARG A 1 172 ? 5.510   -15.223 -0.568  1.00 17.00 ? 169 ARG A CG  1 
ATOM   1336 C  CD  . ARG A 1 172 ? 6.775   -15.901 -1.105  1.00 21.08 ? 169 ARG A CD  1 
ATOM   1337 N  NE  . ARG A 1 172 ? 6.566   -17.339 -1.247  1.00 21.19 ? 169 ARG A NE  1 
ATOM   1338 C  CZ  . ARG A 1 172 ? 6.069   -17.923 -2.334  1.00 23.21 ? 169 ARG A CZ  1 
ATOM   1339 N  NH1 . ARG A 1 172 ? 5.747   -17.197 -3.403  1.00 23.56 ? 169 ARG A NH1 1 
ATOM   1340 N  NH2 . ARG A 1 172 ? 5.886   -19.234 -2.347  1.00 25.18 ? 169 ARG A NH2 1 
HETATM 1341 N  N   . MSE A 1 173 ? 5.801   -13.640 2.975   1.00 17.26 ? 170 MSE A N   1 
HETATM 1342 C  CA  . MSE A 1 173 ? 6.227   -12.298 3.365   1.00 17.45 ? 170 MSE A CA  1 
HETATM 1343 C  C   . MSE A 1 173 ? 7.589   -12.332 4.054   1.00 20.00 ? 170 MSE A C   1 
HETATM 1344 O  O   . MSE A 1 173 ? 8.474   -11.531 3.741   1.00 18.62 ? 170 MSE A O   1 
HETATM 1345 C  CB  . MSE A 1 173 ? 5.181   -11.661 4.270   1.00 18.57 ? 170 MSE A CB  1 
HETATM 1346 C  CG  . MSE A 1 173 ? 3.938   -11.290 3.517   1.00 22.30 ? 170 MSE A CG  1 
HETATM 1347 SE SE  . MSE A 1 173 ? 2.467   -11.038 4.759   1.00 39.29 ? 170 MSE A SE  1 
HETATM 1348 C  CE  . MSE A 1 173 ? 3.344   -9.848  6.031   1.00 21.88 ? 170 MSE A CE  1 
ATOM   1349 N  N   . GLU A 1 174 ? 7.756   -13.271 4.984   1.00 17.83 ? 171 GLU A N   1 
ATOM   1350 C  CA  . GLU A 1 174 ? 9.038   -13.402 5.663   1.00 18.30 ? 171 GLU A CA  1 
ATOM   1351 C  C   . GLU A 1 174 ? 10.140  -13.740 4.674   1.00 18.73 ? 171 GLU A C   1 
ATOM   1352 O  O   . GLU A 1 174 ? 11.256  -13.215 4.768   1.00 18.94 ? 171 GLU A O   1 
ATOM   1353 C  CB  . GLU A 1 174 ? 8.972   -14.483 6.748   1.00 18.71 ? 171 GLU A CB  1 
ATOM   1354 C  CG  . GLU A 1 174 ? 7.873   -14.296 7.765   1.00 20.47 ? 171 GLU A CG  1 
ATOM   1355 C  CD  . GLU A 1 174 ? 8.295   -13.470 8.969   1.00 24.57 ? 171 GLU A CD  1 
ATOM   1356 O  OE1 . GLU A 1 174 ? 9.405   -12.897 8.959   1.00 21.67 ? 171 GLU A OE1 1 
ATOM   1357 O  OE2 . GLU A 1 174 ? 7.495   -13.375 9.931   1.00 26.29 ? 171 GLU A OE2 1 
ATOM   1358 N  N   . ALA A 1 175 ? 9.853   -14.649 3.737   1.00 18.97 ? 172 ALA A N   1 
ATOM   1359 C  CA  . ALA A 1 175 ? 10.880  -15.122 2.819   1.00 18.38 ? 172 ALA A CA  1 
ATOM   1360 C  C   . ALA A 1 175 ? 11.323  -14.017 1.866   1.00 18.11 ? 172 ALA A C   1 
ATOM   1361 O  O   . ALA A 1 175 ? 12.519  -13.885 1.586   1.00 19.04 ? 172 ALA A O   1 
ATOM   1362 C  CB  . ALA A 1 175 ? 10.370  -16.337 2.042   1.00 18.26 ? 172 ALA A CB  1 
ATOM   1363 N  N   . LEU A 1 176 ? 10.379  -13.214 1.371   1.00 17.57 ? 173 LEU A N   1 
ATOM   1364 C  CA  . LEU A 1 176 ? 10.738  -12.101 0.500   1.00 18.23 ? 173 LEU A CA  1 
ATOM   1365 C  C   . LEU A 1 176 ? 11.565  -11.067 1.251   1.00 17.61 ? 173 LEU A C   1 
ATOM   1366 O  O   . LEU A 1 176 ? 12.565  -10.564 0.727   1.00 18.96 ? 173 LEU A O   1 
ATOM   1367 C  CB  . LEU A 1 176 ? 9.476   -11.452 -0.080  1.00 17.43 ? 173 LEU A CB  1 
ATOM   1368 C  CG  . LEU A 1 176 ? 8.713   -12.309 -1.094  1.00 20.38 ? 173 LEU A CG  1 
ATOM   1369 C  CD1 . LEU A 1 176 ? 7.436   -11.607 -1.547  1.00 19.90 ? 173 LEU A CD1 1 
ATOM   1370 C  CD2 . LEU A 1 176 ? 9.599   -12.631 -2.293  1.00 21.85 ? 173 LEU A CD2 1 
ATOM   1371 N  N   . LEU A 1 177 ? 11.159  -10.739 2.474   1.00 17.07 ? 174 LEU A N   1 
ATOM   1372 C  CA  . LEU A 1 177 ? 11.950  -9.837  3.306   1.00 17.65 ? 174 LEU A CA  1 
ATOM   1373 C  C   . LEU A 1 177 ? 13.357  -10.375 3.536   1.00 19.79 ? 174 LEU A C   1 
ATOM   1374 O  O   . LEU A 1 177 ? 14.341  -9.638  3.391   1.00 22.95 ? 174 LEU A O   1 
ATOM   1375 C  CB  . LEU A 1 177 ? 11.220  -9.600  4.626   1.00 20.90 ? 174 LEU A CB  1 
ATOM   1376 C  CG  . LEU A 1 177 ? 11.611  -8.407  5.478   1.00 25.22 ? 174 LEU A CG  1 
ATOM   1377 C  CD1 . LEU A 1 177 ? 11.496  -7.134  4.656   1.00 24.99 ? 174 LEU A CD1 1 
ATOM   1378 C  CD2 . LEU A 1 177 ? 10.694  -8.359  6.706   1.00 22.78 ? 174 LEU A CD2 1 
ATOM   1379 N  N   . ASN A 1 178 ? 13.486  -11.670 3.841   1.00 16.18 ? 175 ASN A N   1 
ATOM   1380 C  CA  . ASN A 1 178 ? 14.818  -12.229 4.032   1.00 18.14 ? 175 ASN A CA  1 
ATOM   1381 C  C   . ASN A 1 178 ? 15.633  -12.184 2.744   1.00 19.75 ? 175 ASN A C   1 
ATOM   1382 O  O   . ASN A 1 178 ? 16.855  -12.002 2.791   1.00 24.23 ? 175 ASN A O   1 
ATOM   1383 C  CB  . ASN A 1 178 ? 14.720  -13.662 4.545   1.00 19.49 ? 175 ASN A CB  1 
ATOM   1384 C  CG  . ASN A 1 178 ? 14.199  -13.734 5.963   1.00 19.23 ? 175 ASN A CG  1 
ATOM   1385 O  OD1 . ASN A 1 178 ? 14.194  -12.733 6.693   1.00 20.06 ? 175 ASN A OD1 1 
ATOM   1386 N  ND2 . ASN A 1 178 ? 13.757  -14.920 6.365   1.00 21.03 ? 175 ASN A ND2 1 
ATOM   1387 N  N   . ASP A 1 179 ? 14.975  -12.348 1.592   1.00 17.76 ? 176 ASP A N   1 
ATOM   1388 C  CA  . ASP A 1 179 ? 15.682  -12.323 0.311   1.00 17.46 ? 176 ASP A CA  1 
ATOM   1389 C  C   . ASP A 1 179 ? 16.251  -10.943 0.001   1.00 22.93 ? 176 ASP A C   1 
ATOM   1390 O  O   . ASP A 1 179 ? 17.320  -10.845 -0.613  1.00 23.39 ? 176 ASP A O   1 
ATOM   1391 C  CB  . ASP A 1 179 ? 14.747  -12.738 -0.831  1.00 21.33 ? 176 ASP A CB  1 
ATOM   1392 C  CG  . ASP A 1 179 ? 14.292  -14.182 -0.732  1.00 23.13 ? 176 ASP A CG  1 
ATOM   1393 O  OD1 . ASP A 1 179 ? 15.028  -15.000 -0.143  1.00 23.61 ? 176 ASP A OD1 1 
ATOM   1394 O  OD2 . ASP A 1 179 ? 13.184  -14.495 -1.248  1.00 22.55 ? 176 ASP A OD2 1 
ATOM   1395 N  N   . VAL A 1 180 ? 15.547  -9.877  0.381   1.00 20.06 ? 177 VAL A N   1 
ATOM   1396 C  CA  . VAL A 1 180 ? 16.045  -8.525  0.129   1.00 23.97 ? 177 VAL A CA  1 
ATOM   1397 C  C   . VAL A 1 180 ? 16.992  -8.066  1.232   1.00 27.47 ? 177 VAL A C   1 
ATOM   1398 O  O   . VAL A 1 180 ? 18.042  -7.483  0.948   1.00 28.10 ? 177 VAL A O   1 
ATOM   1399 C  CB  . VAL A 1 180 ? 14.869  -7.543  -0.066  1.00 24.97 ? 177 VAL A CB  1 
ATOM   1400 C  CG1 . VAL A 1 180 ? 13.931  -8.040  -1.149  1.00 23.12 ? 177 VAL A CG1 1 
ATOM   1401 C  CG2 . VAL A 1 180 ? 14.099  -7.316  1.222   1.00 30.64 ? 177 VAL A CG2 1 
ATOM   1402 N  N   . ASP A 1 181 ? 16.657  -8.338  2.493   1.00 23.09 ? 178 ASP A N   1 
ATOM   1403 C  CA  . ASP A 1 181 ? 17.490  -7.936  3.631   1.00 28.97 ? 178 ASP A CA  1 
ATOM   1404 C  C   . ASP A 1 181 ? 18.264  -9.151  4.134   1.00 38.28 ? 178 ASP A C   1 
ATOM   1405 O  O   . ASP A 1 181 ? 18.026  -9.683  5.224   1.00 38.43 ? 178 ASP A O   1 
ATOM   1406 C  CB  . ASP A 1 181 ? 16.635  -7.330  4.744   1.00 25.79 ? 178 ASP A CB  1 
ATOM   1407 C  CG  . ASP A 1 181 ? 15.850  -6.113  4.282   1.00 32.94 ? 178 ASP A CG  1 
ATOM   1408 O  OD1 . ASP A 1 181 ? 16.351  -5.376  3.409   1.00 37.61 ? 178 ASP A OD1 1 
ATOM   1409 O  OD2 . ASP A 1 181 ? 14.735  -5.900  4.792   1.00 34.62 ? 178 ASP A OD2 1 
ATOM   1410 N  N   . ALA A 1 182 ? 19.200  -9.592  3.299   1.00 34.68 ? 179 ALA A N   1 
ATOM   1411 C  CA  . ALA A 1 182 ? 20.018  -10.756 3.600   1.00 42.67 ? 179 ALA A CA  1 
ATOM   1412 C  C   . ALA A 1 182 ? 20.927  -10.498 4.800   1.00 44.16 ? 179 ALA A C   1 
ATOM   1413 O  O   . ALA A 1 182 ? 20.552  -10.760 5.941   1.00 45.47 ? 179 ALA A O   1 
ATOM   1414 C  CB  . ALA A 1 182 ? 20.840  -11.146 2.381   1.00 42.49 ? 179 ALA A CB  1 
HETATM 1415 ZN ZN  . ZN  B 2 .   ? -3.383  -17.732 -5.712  1.00 25.69 ? 201 ZN  A ZN  1 
HETATM 1416 S  S   . SO4 C 3 .   ? -16.324 14.252  -0.287  1.00 39.74 ? 202 SO4 A S   1 
HETATM 1417 O  O1  . SO4 C 3 .   ? -16.473 13.296  0.809   1.00 32.11 ? 202 SO4 A O1  1 
HETATM 1418 O  O2  . SO4 C 3 .   ? -14.911 14.515  -0.535  1.00 33.62 ? 202 SO4 A O2  1 
HETATM 1419 O  O3  . SO4 C 3 .   ? -16.940 13.707  -1.495  1.00 39.92 ? 202 SO4 A O3  1 
HETATM 1420 O  O4  . SO4 C 3 .   ? -16.983 15.507  0.072   1.00 40.75 ? 202 SO4 A O4  1 
HETATM 1421 S  S   . SO4 D 3 .   ? 11.467  9.810   7.823   1.00 34.34 ? 203 SO4 A S   1 
HETATM 1422 O  O1  . SO4 D 3 .   ? 11.086  8.858   8.864   1.00 32.58 ? 203 SO4 A O1  1 
HETATM 1423 O  O2  . SO4 D 3 .   ? 12.301  10.836  8.439   1.00 38.27 ? 203 SO4 A O2  1 
HETATM 1424 O  O3  . SO4 D 3 .   ? 12.213  9.138   6.760   1.00 35.90 ? 203 SO4 A O3  1 
HETATM 1425 O  O4  . SO4 D 3 .   ? 10.265  10.441  7.287   1.00 33.01 ? 203 SO4 A O4  1 
HETATM 1426 S  S   . SO4 E 3 .   ? -5.341  -2.092  -9.322  1.00 23.73 ? 204 SO4 A S   1 
HETATM 1427 O  O1  . SO4 E 3 .   ? -5.599  -1.343  -8.094  1.00 30.72 ? 204 SO4 A O1  1 
HETATM 1428 O  O2  . SO4 E 3 .   ? -4.870  -3.426  -8.967  1.00 22.80 ? 204 SO4 A O2  1 
HETATM 1429 O  O3  . SO4 E 3 .   ? -4.362  -1.384  -10.130 1.00 25.92 ? 204 SO4 A O3  1 
HETATM 1430 O  O4  . SO4 E 3 .   ? -6.593  -2.226  -10.059 1.00 29.21 ? 204 SO4 A O4  1 
HETATM 1431 S  S   . SO4 F 3 .   ? 1.440   -7.631  -10.662 1.00 36.41 ? 205 SO4 A S   1 
HETATM 1432 O  O1  . SO4 F 3 .   ? 0.940   -7.412  -9.308  1.00 36.09 ? 205 SO4 A O1  1 
HETATM 1433 O  O2  . SO4 F 3 .   ? 2.870   -7.943  -10.607 1.00 37.00 ? 205 SO4 A O2  1 
HETATM 1434 O  O3  . SO4 F 3 .   ? 0.746   -8.774  -11.250 1.00 40.25 ? 205 SO4 A O3  1 
HETATM 1435 O  O4  . SO4 F 3 .   ? 1.219   -6.441  -11.474 1.00 38.96 ? 205 SO4 A O4  1 
HETATM 1436 O  O   . HOH G 4 .   ? -8.681  15.020  -12.094 1.00 32.67 ? 301 HOH A O   1 
HETATM 1437 O  O   . HOH G 4 .   ? -8.639  3.822   8.633   1.00 33.12 ? 302 HOH A O   1 
HETATM 1438 O  O   . HOH G 4 .   ? 6.254   12.598  12.513  1.00 42.99 ? 303 HOH A O   1 
HETATM 1439 O  O   . HOH G 4 .   ? -3.524  6.126   3.067   1.00 28.57 ? 304 HOH A O   1 
HETATM 1440 O  O   . HOH G 4 .   ? 11.637  18.622  -4.909  1.00 25.81 ? 305 HOH A O   1 
HETATM 1441 O  O   . HOH G 4 .   ? 12.194  -16.812 -0.986  1.00 24.80 ? 306 HOH A O   1 
HETATM 1442 O  O   . HOH G 4 .   ? -0.506  -1.925  5.894   1.00 22.56 ? 307 HOH A O   1 
HETATM 1443 O  O   . HOH G 4 .   ? 0.651   -9.169  -7.175  1.00 33.25 ? 308 HOH A O   1 
HETATM 1444 O  O   . HOH G 4 .   ? -2.015  21.444  -3.780  1.00 23.47 ? 309 HOH A O   1 
HETATM 1445 O  O   . HOH G 4 .   ? 14.082  -16.425 1.782   1.00 30.22 ? 310 HOH A O   1 
HETATM 1446 O  O   . HOH G 4 .   ? 7.388   -7.179  -7.365  1.00 23.00 ? 311 HOH A O   1 
HETATM 1447 O  O   . HOH G 4 .   ? -3.816  -6.735  0.565   1.00 39.53 ? 312 HOH A O   1 
HETATM 1448 O  O   . HOH G 4 .   ? -0.430  -8.294  -13.522 1.00 33.72 ? 313 HOH A O   1 
HETATM 1449 O  O   . HOH G 4 .   ? -2.562  -4.531  13.803  1.00 21.66 ? 314 HOH A O   1 
HETATM 1450 O  O   . HOH G 4 .   ? -0.107  9.111   -18.886 1.00 37.36 ? 315 HOH A O   1 
HETATM 1451 O  O   . HOH G 4 .   ? 14.214  -4.302  6.802   1.00 35.20 ? 316 HOH A O   1 
HETATM 1452 O  O   . HOH G 4 .   ? 6.422   -3.991  20.034  1.00 33.13 ? 317 HOH A O   1 
HETATM 1453 O  O   . HOH G 4 .   ? 13.255  15.403  -9.229  1.00 27.61 ? 318 HOH A O   1 
HETATM 1454 O  O   . HOH G 4 .   ? 4.445   -21.780 3.850   1.00 32.49 ? 319 HOH A O   1 
HETATM 1455 O  O   . HOH G 4 .   ? -0.798  -14.681 -14.706 1.00 41.74 ? 320 HOH A O   1 
HETATM 1456 O  O   . HOH G 4 .   ? -2.913  16.816  1.656   1.00 24.08 ? 321 HOH A O   1 
HETATM 1457 O  O   . HOH G 4 .   ? 3.694   21.635  0.624   1.00 30.86 ? 322 HOH A O   1 
HETATM 1458 O  O   . HOH G 4 .   ? 12.159  -12.076 8.294   1.00 22.14 ? 323 HOH A O   1 
HETATM 1459 O  O   . HOH G 4 .   ? -0.847  -5.578  -14.403 1.00 26.75 ? 324 HOH A O   1 
HETATM 1460 O  O   . HOH G 4 .   ? -10.057 -9.865  12.059  1.00 31.52 ? 325 HOH A O   1 
HETATM 1461 O  O   . HOH G 4 .   ? 13.386  0.928   19.982  1.00 37.45 ? 326 HOH A O   1 
HETATM 1462 O  O   . HOH G 4 .   ? -4.388  -23.857 0.159   1.00 28.72 ? 327 HOH A O   1 
HETATM 1463 O  O   . HOH G 4 .   ? -5.264  2.756   -7.337  1.00 19.82 ? 328 HOH A O   1 
HETATM 1464 O  O   . HOH G 4 .   ? 10.177  14.614  -5.349  1.00 21.75 ? 329 HOH A O   1 
HETATM 1465 O  O   . HOH G 4 .   ? 10.923  12.450  -3.527  1.00 22.62 ? 330 HOH A O   1 
HETATM 1466 O  O   . HOH G 4 .   ? -3.680  -1.941  13.618  1.00 25.30 ? 331 HOH A O   1 
HETATM 1467 O  O   . HOH G 4 .   ? 7.877   11.746  -15.392 1.00 35.29 ? 332 HOH A O   1 
HETATM 1468 O  O   . HOH G 4 .   ? -5.925  -5.484  -10.381 1.00 27.22 ? 333 HOH A O   1 
HETATM 1469 O  O   . HOH G 4 .   ? -7.410  -19.926 -6.652  1.00 32.44 ? 334 HOH A O   1 
HETATM 1470 O  O   . HOH G 4 .   ? 6.768   18.371  -11.833 1.00 24.56 ? 335 HOH A O   1 
HETATM 1471 O  O   . HOH G 4 .   ? -2.274  -1.279  -6.581  1.00 27.04 ? 336 HOH A O   1 
HETATM 1472 O  O   . HOH G 4 .   ? -13.127 8.107   -3.378  1.00 25.46 ? 337 HOH A O   1 
HETATM 1473 O  O   . HOH G 4 .   ? -7.256  2.275   6.799   1.00 34.30 ? 338 HOH A O   1 
HETATM 1474 O  O   . HOH G 4 .   ? -11.146 4.215   -12.122 1.00 27.11 ? 339 HOH A O   1 
HETATM 1475 O  O   . HOH G 4 .   ? 4.780   -19.607 1.823   1.00 29.36 ? 340 HOH A O   1 
HETATM 1476 O  O   . HOH G 4 .   ? 2.452   -4.625  21.620  1.00 25.28 ? 341 HOH A O   1 
HETATM 1477 O  O   . HOH G 4 .   ? -3.832  15.098  -2.332  1.00 15.85 ? 342 HOH A O   1 
HETATM 1478 O  O   . HOH G 4 .   ? -2.226  16.916  -11.319 1.00 26.61 ? 343 HOH A O   1 
HETATM 1479 O  O   . HOH G 4 .   ? 9.849   -10.383 -5.943  1.00 24.32 ? 344 HOH A O   1 
HETATM 1480 O  O   . HOH G 4 .   ? -1.575  -21.755 0.642   1.00 30.25 ? 345 HOH A O   1 
HETATM 1481 O  O   . HOH G 4 .   ? 2.993   -6.660  -7.660  1.00 25.89 ? 346 HOH A O   1 
HETATM 1482 O  O   . HOH G 4 .   ? -11.240 11.752  -11.812 1.00 27.42 ? 347 HOH A O   1 
HETATM 1483 O  O   . HOH G 4 .   ? -3.748  0.784   -0.076  1.00 24.34 ? 348 HOH A O   1 
HETATM 1484 O  O   . HOH G 4 .   ? 3.872   -17.788 9.760   1.00 34.98 ? 349 HOH A O   1 
HETATM 1485 O  O   . HOH G 4 .   ? -3.337  -4.179  4.934   1.00 28.25 ? 350 HOH A O   1 
HETATM 1486 O  O   . HOH G 4 .   ? -0.671  1.097   -8.248  1.00 19.80 ? 351 HOH A O   1 
HETATM 1487 O  O   . HOH G 4 .   ? 12.517  -9.631  9.714   1.00 27.48 ? 352 HOH A O   1 
HETATM 1488 O  O   . HOH G 4 .   ? -14.858 -4.794  17.550  1.00 28.79 ? 353 HOH A O   1 
HETATM 1489 O  O   . HOH G 4 .   ? -11.539 4.968   -0.633  1.00 33.16 ? 354 HOH A O   1 
HETATM 1490 O  O   . HOH G 4 .   ? 15.534  -10.316 6.937   1.00 29.88 ? 355 HOH A O   1 
HETATM 1491 O  O   . HOH G 4 .   ? -0.293  -9.331  9.055   1.00 26.25 ? 356 HOH A O   1 
HETATM 1492 O  O   . HOH G 4 .   ? 3.057   1.240   18.413  1.00 29.43 ? 357 HOH A O   1 
HETATM 1493 O  O   . HOH G 4 .   ? -5.086  13.322  7.913   1.00 29.46 ? 358 HOH A O   1 
HETATM 1494 O  O   . HOH G 4 .   ? 4.100   -16.632 -6.346  1.00 36.51 ? 359 HOH A O   1 
HETATM 1495 O  O   . HOH G 4 .   ? -2.989  -11.153 -14.181 1.00 28.79 ? 360 HOH A O   1 
HETATM 1496 O  O   . HOH G 4 .   ? -11.938 1.093   12.771  1.00 32.21 ? 361 HOH A O   1 
HETATM 1497 O  O   . HOH G 4 .   ? 7.980   3.212   -11.818 1.00 29.13 ? 362 HOH A O   1 
HETATM 1498 O  O   . HOH G 4 .   ? 6.998   -18.950 1.002   1.00 30.37 ? 363 HOH A O   1 
HETATM 1499 O  O   . HOH G 4 .   ? 9.201   16.107  -3.204  1.00 24.08 ? 364 HOH A O   1 
HETATM 1500 O  O   . HOH G 4 .   ? 3.217   1.205   -16.144 1.00 29.43 ? 365 HOH A O   1 
HETATM 1501 O  O   . HOH G 4 .   ? 5.600   18.603  -9.309  1.00 18.54 ? 366 HOH A O   1 
HETATM 1502 O  O   . HOH G 4 .   ? 2.613   -9.768  9.658   1.00 32.34 ? 367 HOH A O   1 
HETATM 1503 O  O   . HOH G 4 .   ? 15.248  8.778   -7.400  1.00 27.58 ? 368 HOH A O   1 
HETATM 1504 O  O   . HOH G 4 .   ? 16.620  0.763   17.600  1.00 29.50 ? 369 HOH A O   1 
HETATM 1505 O  O   . HOH G 4 .   ? -7.730  3.242   -0.881  1.00 32.82 ? 370 HOH A O   1 
HETATM 1506 O  O   . HOH G 4 .   ? -16.306 7.547   4.001   1.00 29.65 ? 371 HOH A O   1 
HETATM 1507 O  O   . HOH G 4 .   ? -5.293  2.624   0.887   1.00 32.64 ? 372 HOH A O   1 
HETATM 1508 O  O   . HOH G 4 .   ? 14.217  7.373   -1.314  1.00 25.65 ? 373 HOH A O   1 
HETATM 1509 O  O   . HOH G 4 .   ? -7.276  -5.454  -14.729 1.00 28.75 ? 374 HOH A O   1 
HETATM 1510 O  O   . HOH G 4 .   ? -2.608  -23.058 -1.538  1.00 32.27 ? 375 HOH A O   1 
HETATM 1511 O  O   . HOH G 4 .   ? -7.293  -17.251 1.874   1.00 34.57 ? 376 HOH A O   1 
HETATM 1512 O  O   . HOH G 4 .   ? -1.963  -11.703 11.430  1.00 27.78 ? 377 HOH A O   1 
HETATM 1513 O  O   . HOH G 4 .   ? -2.499  -12.162 -3.197  1.00 29.72 ? 378 HOH A O   1 
HETATM 1514 O  O   . HOH G 4 .   ? -6.547  -9.065  -8.716  1.00 22.62 ? 379 HOH A O   1 
HETATM 1515 O  O   . HOH G 4 .   ? 11.592  3.738   -6.854  1.00 22.55 ? 380 HOH A O   1 
HETATM 1516 O  O   . HOH G 4 .   ? -14.011 5.815   -2.390  1.00 32.83 ? 381 HOH A O   1 
HETATM 1517 O  O   . HOH G 4 .   ? 5.289   15.265  -15.208 1.00 34.18 ? 382 HOH A O   1 
HETATM 1518 O  O   . HOH G 4 .   ? -11.383 2.955   1.655   1.00 33.43 ? 383 HOH A O   1 
HETATM 1519 O  O   . HOH G 4 .   ? -10.100 18.151  -4.695  1.00 33.03 ? 384 HOH A O   1 
HETATM 1520 O  O   . HOH G 4 .   ? 10.474  18.098  -12.735 1.00 32.09 ? 385 HOH A O   1 
HETATM 1521 O  O   . HOH G 4 .   ? -13.806 13.703  3.791   1.00 27.12 ? 386 HOH A O   1 
HETATM 1522 O  O   . HOH G 4 .   ? 13.091  0.337   -1.198  1.00 32.64 ? 387 HOH A O   1 
HETATM 1523 O  O   . HOH G 4 .   ? -18.163 5.291   2.766   1.00 42.04 ? 388 HOH A O   1 
HETATM 1524 O  O   . HOH G 4 .   ? 14.434  1.347   2.934   1.00 32.17 ? 389 HOH A O   1 
HETATM 1525 O  O   . HOH G 4 .   ? 4.121   -20.081 -4.613  1.00 38.44 ? 390 HOH A O   1 
HETATM 1526 O  O   . HOH G 4 .   ? -16.630 10.043  2.953   1.00 35.45 ? 391 HOH A O   1 
HETATM 1527 O  O   . HOH G 4 .   ? 5.703   -14.348 -4.100  1.00 27.93 ? 392 HOH A O   1 
HETATM 1528 O  O   . HOH G 4 .   ? -4.876  -5.447  -23.243 1.00 22.74 ? 393 HOH A O   1 
HETATM 1529 O  O   . HOH G 4 .   ? -6.830  7.550   -15.679 1.00 28.83 ? 394 HOH A O   1 
HETATM 1530 O  O   . HOH G 4 .   ? 13.729  -17.222 4.539   1.00 28.74 ? 395 HOH A O   1 
HETATM 1531 O  O   . HOH G 4 .   ? -0.026  -8.497  -4.750  1.00 38.85 ? 396 HOH A O   1 
HETATM 1532 O  O   . HOH G 4 .   ? 12.807  -2.053  6.253   1.00 27.33 ? 397 HOH A O   1 
HETATM 1533 O  O   . HOH G 4 .   ? -3.002  -21.100 7.889   1.00 25.15 ? 398 HOH A O   1 
HETATM 1534 O  O   . HOH G 4 .   ? 2.781   -14.558 -8.336  1.00 35.14 ? 399 HOH A O   1 
HETATM 1535 O  O   . HOH G 4 .   ? -5.931  -16.913 -0.878  1.00 27.27 ? 400 HOH A O   1 
HETATM 1536 O  O   . HOH G 4 .   ? 8.011   4.658   14.904  1.00 30.81 ? 401 HOH A O   1 
HETATM 1537 O  O   . HOH G 4 .   ? 4.834   16.495  4.752   1.00 27.73 ? 402 HOH A O   1 
HETATM 1538 O  O   . HOH G 4 .   ? 9.927   0.999   -11.364 1.00 36.97 ? 403 HOH A O   1 
HETATM 1539 O  O   . HOH G 4 .   ? 12.742  -0.979  8.536   1.00 25.50 ? 404 HOH A O   1 
HETATM 1540 O  O   . HOH G 4 .   ? -16.707 -0.956  4.762   1.00 34.75 ? 405 HOH A O   1 
HETATM 1541 O  O   . HOH G 4 .   ? 2.343   17.593  -12.613 1.00 25.78 ? 406 HOH A O   1 
HETATM 1542 O  O   . HOH G 4 .   ? -14.700 -18.231 0.254   1.00 35.39 ? 407 HOH A O   1 
HETATM 1543 O  O   . HOH G 4 .   ? -5.782  -7.182  -20.015 1.00 32.54 ? 408 HOH A O   1 
HETATM 1544 O  O   . HOH G 4 .   ? -8.241  0.111   -7.873  1.00 28.98 ? 409 HOH A O   1 
HETATM 1545 O  O   . HOH G 4 .   ? 6.251   -22.679 4.777   1.00 32.69 ? 410 HOH A O   1 
HETATM 1546 O  O   . HOH G 4 .   ? -6.029  -20.138 6.610   1.00 31.79 ? 411 HOH A O   1 
HETATM 1547 O  O   . HOH G 4 .   ? -7.618  -4.031  -12.365 1.00 33.28 ? 412 HOH A O   1 
HETATM 1548 O  O   . HOH G 4 .   ? 6.640   -9.712  12.692  1.00 25.42 ? 413 HOH A O   1 
HETATM 1549 O  O   . HOH G 4 .   ? -2.503  -0.086  16.269  1.00 38.53 ? 414 HOH A O   1 
HETATM 1550 O  O   . HOH G 4 .   ? 7.699   15.750  -14.643 1.00 39.38 ? 415 HOH A O   1 
HETATM 1551 O  O   . HOH G 4 .   ? -4.172  18.094  -9.799  1.00 24.32 ? 416 HOH A O   1 
HETATM 1552 O  O   . HOH G 4 .   ? -3.560  -3.550  -6.039  1.00 35.15 ? 417 HOH A O   1 
HETATM 1553 O  O   . HOH G 4 .   ? -14.515 0.209   -20.964 1.00 36.09 ? 418 HOH A O   1 
HETATM 1554 O  O   . HOH G 4 .   ? 5.896   4.231   15.758  1.00 39.99 ? 419 HOH A O   1 
HETATM 1555 O  O   . HOH G 4 .   ? 14.738  -3.734  11.928  1.00 34.61 ? 420 HOH A O   1 
HETATM 1556 O  O   . HOH G 4 .   ? -5.061  -6.202  5.333   1.00 34.52 ? 421 HOH A O   1 
HETATM 1557 O  O   . HOH G 4 .   ? 3.031   -7.275  21.592  1.00 33.64 ? 422 HOH A O   1 
HETATM 1558 O  O   . HOH G 4 .   ? -9.541  13.490  -13.594 1.00 34.29 ? 423 HOH A O   1 
HETATM 1559 O  O   . HOH G 4 .   ? 12.308  16.658  12.607  1.00 44.18 ? 424 HOH A O   1 
HETATM 1560 O  O   . HOH G 4 .   ? 14.053  7.744   2.235   1.00 42.06 ? 425 HOH A O   1 
HETATM 1561 O  O   . HOH G 4 .   ? 2.433   22.583  -1.983  1.00 26.98 ? 426 HOH A O   1 
HETATM 1562 O  O   . HOH G 4 .   ? 14.643  9.551   -2.894  1.00 35.91 ? 427 HOH A O   1 
HETATM 1563 O  O   . HOH G 4 .   ? -8.608  -10.975 9.854   1.00 36.28 ? 428 HOH A O   1 
HETATM 1564 O  O   . HOH G 4 .   ? -3.930  -7.732  -21.875 1.00 21.42 ? 429 HOH A O   1 
HETATM 1565 O  O   . HOH G 4 .   ? 5.224   17.414  -13.881 1.00 32.62 ? 430 HOH A O   1 
HETATM 1566 O  O   . HOH G 4 .   ? -10.403 3.023   -0.689  1.00 36.91 ? 431 HOH A O   1 
HETATM 1567 O  O   . HOH G 4 .   ? 14.378  -8.417  7.893   1.00 33.29 ? 432 HOH A O   1 
HETATM 1568 O  O   . HOH G 4 .   ? -1.640  -9.586  -3.530  1.00 42.20 ? 433 HOH A O   1 
HETATM 1569 O  O   . HOH G 4 .   ? -10.747 -9.441  17.622  1.00 46.90 ? 434 HOH A O   1 
HETATM 1570 O  O   . HOH G 4 .   ? -4.302  -13.422 -2.310  1.00 39.37 ? 435 HOH A O   1 
HETATM 1571 O  O   . HOH G 4 .   ? 14.614  -0.954  10.458  1.00 39.07 ? 436 HOH A O   1 
HETATM 1572 O  O   . HOH G 4 .   ? 12.769  1.451   -6.118  1.00 33.46 ? 437 HOH A O   1 
HETATM 1573 O  O   . HOH G 4 .   ? -0.050  18.637  -13.138 1.00 31.87 ? 438 HOH A O   1 
HETATM 1574 O  O   . HOH G 4 .   ? 7.698   20.174  -13.365 1.00 32.26 ? 439 HOH A O   1 
HETATM 1575 O  O   . HOH G 4 .   ? 5.146   7.623   13.547  1.00 40.36 ? 440 HOH A O   1 
HETATM 1576 O  O   . HOH G 4 .   ? 12.473  15.815  -6.008  1.00 29.78 ? 441 HOH A O   1 
HETATM 1577 O  O   . HOH G 4 .   ? 16.719  8.602   -4.858  1.00 38.63 ? 442 HOH A O   1 
# 
